data_1NAE
# 
_entry.id   1NAE 
# 
_audit_conform.dict_name       mmcif_pdbx.dic 
_audit_conform.dict_version    5.376 
_audit_conform.dict_location   http://mmcif.pdb.org/dictionaries/ascii/mmcif_pdbx.dic 
# 
loop_
_database_2.database_id 
_database_2.database_code 
_database_2.pdbx_database_accession 
_database_2.pdbx_DOI 
PDB   1NAE         pdb_00001nae 10.2210/pdb1nae/pdb 
RCSB  RCSB017716   ?            ?                   
WWPDB D_1000017716 ?            ?                   
# 
_pdbx_database_status.status_code                     REL 
_pdbx_database_status.entry_id                        1NAE 
_pdbx_database_status.recvd_initial_deposition_date   2002-11-27 
_pdbx_database_status.deposit_site                    RCSB 
_pdbx_database_status.process_site                    RCSB 
_pdbx_database_status.status_code_sf                  REL 
_pdbx_database_status.SG_entry                        . 
_pdbx_database_status.pdb_format_compatible           Y 
_pdbx_database_status.status_code_mr                  ? 
_pdbx_database_status.status_code_cs                  ? 
_pdbx_database_status.status_code_nmr_data            ? 
_pdbx_database_status.methods_development_category    ? 
# 
loop_
_audit_author.name 
_audit_author.pdbx_ordinal 
'Boraston, A.B.' 1 
'Notenboom, V.'  2 
'Warren, R.A.J.' 3 
'Kilburn, D.G.'  4 
'Rose, D.R.'     5 
'Davies, G.'     6 
# 
_citation.id                        primary 
_citation.title                     
;Structure and ligand binding of carbohydrate-binding module CsCBM6-3 reveals similarities with fucose-specific lectins and "galactose-binding" domains
;
_citation.journal_abbrev            J.Mol.Biol. 
_citation.journal_volume            327 
_citation.page_first                659 
_citation.page_last                 669 
_citation.year                      2003 
_citation.journal_id_ASTM           JMOBAK 
_citation.country                   UK 
_citation.journal_id_ISSN           0022-2836 
_citation.journal_id_CSD            0070 
_citation.book_publisher            ? 
_citation.pdbx_database_id_PubMed   12634060 
_citation.pdbx_database_id_DOI      '10.1016/S0022-2836(03)00152-9' 
# 
loop_
_citation_author.citation_id 
_citation_author.name 
_citation_author.ordinal 
_citation_author.identifier_ORCID 
primary 'Boraston, A.B.' 1 ? 
primary 'Notenboom, V.'  2 ? 
primary 'Warren, R.A.J.' 3 ? 
primary 'Kilburn, D.G.'  4 ? 
primary 'Rose, D.R.'     5 ? 
primary 'Davies, G.'     6 ? 
# 
_cell.entry_id           1NAE 
_cell.length_a           29.648 
_cell.length_b           49.746 
_cell.length_c           36.082 
_cell.angle_alpha        90.00 
_cell.angle_beta         93.18 
_cell.angle_gamma        90.00 
_cell.Z_PDB              2 
_cell.pdbx_unique_axis   ? 
# 
_symmetry.entry_id                         1NAE 
_symmetry.space_group_name_H-M             'P 1 21 1' 
_symmetry.pdbx_full_space_group_name_H-M   ? 
_symmetry.cell_setting                     ? 
_symmetry.Int_Tables_number                4 
# 
loop_
_entity.id 
_entity.type 
_entity.src_method 
_entity.pdbx_description 
_entity.formula_weight 
_entity.pdbx_number_of_molecules 
_entity.pdbx_ec 
_entity.pdbx_mutation 
_entity.pdbx_fragment 
_entity.details 
1 polymer     man 'putative xylanase'                                                       17405.947 1   ? ? 
'C-terminal carbohydrate-binding module' ? 
2 branched    man 'beta-D-xylopyranose-(1-4)-beta-D-xylopyranose-(1-4)-beta-D-xylopyranose' 414.360   1   ? ? ? ? 
3 non-polymer syn 'CALCIUM ION'                                                             40.078    1   ? ? ? ? 
4 water       nat water                                                                     18.015    178 ? ? ? ? 
# 
_entity_name_com.entity_id   2 
_entity_name_com.name        4beta-beta-xylotriose 
# 
_entity_poly.entity_id                      1 
_entity_poly.type                           'polypeptide(L)' 
_entity_poly.nstd_linkage                   no 
_entity_poly.nstd_monomer                   no 
_entity_poly.pdbx_seq_one_letter_code       
;MGSSHHHHHHSSGLVPRGSHMASTPANVNSGPTSPVGGTRSAFSNIQAEDYDSSYGPNLQIFSLPGGGSAIGYIENGYST
TYKNIDFGDGATSVTARVATQNATTIQVRLGSPSGTLLGTIYVGSTGSFDTYRDVSATISNTAGVKDIVLVFSGPVNVDW
FVFSKSGT
;
_entity_poly.pdbx_seq_one_letter_code_can   
;MGSSHHHHHHSSGLVPRGSHMASTPANVNSGPTSPVGGTRSAFSNIQAEDYDSSYGPNLQIFSLPGGGSAIGYIENGYST
TYKNIDFGDGATSVTARVATQNATTIQVRLGSPSGTLLGTIYVGSTGSFDTYRDVSATISNTAGVKDIVLVFSGPVNVDW
FVFSKSGT
;
_entity_poly.pdbx_strand_id                 A 
_entity_poly.pdbx_target_identifier         ? 
# 
loop_
_entity_poly_seq.entity_id 
_entity_poly_seq.num 
_entity_poly_seq.mon_id 
_entity_poly_seq.hetero 
1 1   MET n 
1 2   GLY n 
1 3   SER n 
1 4   SER n 
1 5   HIS n 
1 6   HIS n 
1 7   HIS n 
1 8   HIS n 
1 9   HIS n 
1 10  HIS n 
1 11  SER n 
1 12  SER n 
1 13  GLY n 
1 14  LEU n 
1 15  VAL n 
1 16  PRO n 
1 17  ARG n 
1 18  GLY n 
1 19  SER n 
1 20  HIS n 
1 21  MET n 
1 22  ALA n 
1 23  SER n 
1 24  THR n 
1 25  PRO n 
1 26  ALA n 
1 27  ASN n 
1 28  VAL n 
1 29  ASN n 
1 30  SER n 
1 31  GLY n 
1 32  PRO n 
1 33  THR n 
1 34  SER n 
1 35  PRO n 
1 36  VAL n 
1 37  GLY n 
1 38  GLY n 
1 39  THR n 
1 40  ARG n 
1 41  SER n 
1 42  ALA n 
1 43  PHE n 
1 44  SER n 
1 45  ASN n 
1 46  ILE n 
1 47  GLN n 
1 48  ALA n 
1 49  GLU n 
1 50  ASP n 
1 51  TYR n 
1 52  ASP n 
1 53  SER n 
1 54  SER n 
1 55  TYR n 
1 56  GLY n 
1 57  PRO n 
1 58  ASN n 
1 59  LEU n 
1 60  GLN n 
1 61  ILE n 
1 62  PHE n 
1 63  SER n 
1 64  LEU n 
1 65  PRO n 
1 66  GLY n 
1 67  GLY n 
1 68  GLY n 
1 69  SER n 
1 70  ALA n 
1 71  ILE n 
1 72  GLY n 
1 73  TYR n 
1 74  ILE n 
1 75  GLU n 
1 76  ASN n 
1 77  GLY n 
1 78  TYR n 
1 79  SER n 
1 80  THR n 
1 81  THR n 
1 82  TYR n 
1 83  LYS n 
1 84  ASN n 
1 85  ILE n 
1 86  ASP n 
1 87  PHE n 
1 88  GLY n 
1 89  ASP n 
1 90  GLY n 
1 91  ALA n 
1 92  THR n 
1 93  SER n 
1 94  VAL n 
1 95  THR n 
1 96  ALA n 
1 97  ARG n 
1 98  VAL n 
1 99  ALA n 
1 100 THR n 
1 101 GLN n 
1 102 ASN n 
1 103 ALA n 
1 104 THR n 
1 105 THR n 
1 106 ILE n 
1 107 GLN n 
1 108 VAL n 
1 109 ARG n 
1 110 LEU n 
1 111 GLY n 
1 112 SER n 
1 113 PRO n 
1 114 SER n 
1 115 GLY n 
1 116 THR n 
1 117 LEU n 
1 118 LEU n 
1 119 GLY n 
1 120 THR n 
1 121 ILE n 
1 122 TYR n 
1 123 VAL n 
1 124 GLY n 
1 125 SER n 
1 126 THR n 
1 127 GLY n 
1 128 SER n 
1 129 PHE n 
1 130 ASP n 
1 131 THR n 
1 132 TYR n 
1 133 ARG n 
1 134 ASP n 
1 135 VAL n 
1 136 SER n 
1 137 ALA n 
1 138 THR n 
1 139 ILE n 
1 140 SER n 
1 141 ASN n 
1 142 THR n 
1 143 ALA n 
1 144 GLY n 
1 145 VAL n 
1 146 LYS n 
1 147 ASP n 
1 148 ILE n 
1 149 VAL n 
1 150 LEU n 
1 151 VAL n 
1 152 PHE n 
1 153 SER n 
1 154 GLY n 
1 155 PRO n 
1 156 VAL n 
1 157 ASN n 
1 158 VAL n 
1 159 ASP n 
1 160 TRP n 
1 161 PHE n 
1 162 VAL n 
1 163 PHE n 
1 164 SER n 
1 165 LYS n 
1 166 SER n 
1 167 GLY n 
1 168 THR n 
# 
_entity_src_gen.entity_id                          1 
_entity_src_gen.pdbx_src_id                        1 
_entity_src_gen.pdbx_alt_source_flag               sample 
_entity_src_gen.pdbx_seq_type                      ? 
_entity_src_gen.pdbx_beg_seq_num                   ? 
_entity_src_gen.pdbx_end_seq_num                   ? 
_entity_src_gen.gene_src_common_name               ? 
_entity_src_gen.gene_src_genus                     Clostridium 
_entity_src_gen.pdbx_gene_src_gene                 'putative xylanase' 
_entity_src_gen.gene_src_species                   ? 
_entity_src_gen.gene_src_strain                    ? 
_entity_src_gen.gene_src_tissue                    ? 
_entity_src_gen.gene_src_tissue_fraction           ? 
_entity_src_gen.gene_src_details                   ? 
_entity_src_gen.pdbx_gene_src_fragment             ? 
_entity_src_gen.pdbx_gene_src_scientific_name      'Clostridium stercorarium' 
_entity_src_gen.pdbx_gene_src_ncbi_taxonomy_id     1510 
_entity_src_gen.pdbx_gene_src_variant              ? 
_entity_src_gen.pdbx_gene_src_cell_line            ? 
_entity_src_gen.pdbx_gene_src_atcc                 ? 
_entity_src_gen.pdbx_gene_src_organ                ? 
_entity_src_gen.pdbx_gene_src_organelle            ? 
_entity_src_gen.pdbx_gene_src_cell                 ? 
_entity_src_gen.pdbx_gene_src_cellular_location    ? 
_entity_src_gen.host_org_common_name               ? 
_entity_src_gen.pdbx_host_org_scientific_name      'Escherichia coli BL21(DE3)' 
_entity_src_gen.pdbx_host_org_ncbi_taxonomy_id     469008 
_entity_src_gen.host_org_genus                     Escherichia 
_entity_src_gen.pdbx_host_org_gene                 ? 
_entity_src_gen.pdbx_host_org_organ                ? 
_entity_src_gen.host_org_species                   'Escherichia coli' 
_entity_src_gen.pdbx_host_org_tissue               ? 
_entity_src_gen.pdbx_host_org_tissue_fraction      ? 
_entity_src_gen.pdbx_host_org_strain               BL21/DE3 
_entity_src_gen.pdbx_host_org_variant              ? 
_entity_src_gen.pdbx_host_org_cell_line            ? 
_entity_src_gen.pdbx_host_org_atcc                 ? 
_entity_src_gen.pdbx_host_org_culture_collection   ? 
_entity_src_gen.pdbx_host_org_cell                 ? 
_entity_src_gen.pdbx_host_org_organelle            ? 
_entity_src_gen.pdbx_host_org_cellular_location    ? 
_entity_src_gen.pdbx_host_org_vector_type          plasmid 
_entity_src_gen.pdbx_host_org_vector               ? 
_entity_src_gen.host_org_details                   ? 
_entity_src_gen.expression_system_id               ? 
_entity_src_gen.plasmid_name                       pET28a 
_entity_src_gen.plasmid_details                    ? 
_entity_src_gen.pdbx_description                   ? 
# 
_struct_ref.id                         1 
_struct_ref.db_name                    GB 
_struct_ref.db_code                    AAL14106 
_struct_ref.pdbx_db_accession          16076818 
_struct_ref.entity_id                  1 
_struct_ref.pdbx_seq_one_letter_code   
;TPANVNSGPTSPVGGTRSAFSNIQAEDYDSSYGPNLQIFSLPGGGSAIGYIENGYSTTYKNIDFGDGATSVTARVATQNA
TTIQVRLGSPSGTLLGTIYVGSTGSFDTYRDVSATISNTAGVKDIVLVFSGPVNVDWFVFSKSGT
;
_struct_ref.pdbx_align_begin           273 
_struct_ref.pdbx_db_isoform            ? 
# 
_struct_ref_seq.align_id                      1 
_struct_ref_seq.ref_id                        1 
_struct_ref_seq.pdbx_PDB_id_code              1NAE 
_struct_ref_seq.pdbx_strand_id                A 
_struct_ref_seq.seq_align_beg                 24 
_struct_ref_seq.pdbx_seq_align_beg_ins_code   ? 
_struct_ref_seq.seq_align_end                 168 
_struct_ref_seq.pdbx_seq_align_end_ins_code   ? 
_struct_ref_seq.pdbx_db_accession             16076818 
_struct_ref_seq.db_align_beg                  273 
_struct_ref_seq.pdbx_db_align_beg_ins_code    ? 
_struct_ref_seq.db_align_end                  417 
_struct_ref_seq.pdbx_db_align_end_ins_code    ? 
_struct_ref_seq.pdbx_auth_seq_align_beg       7 
_struct_ref_seq.pdbx_auth_seq_align_end       151 
# 
loop_
_struct_ref_seq_dif.align_id 
_struct_ref_seq_dif.pdbx_pdb_id_code 
_struct_ref_seq_dif.mon_id 
_struct_ref_seq_dif.pdbx_pdb_strand_id 
_struct_ref_seq_dif.seq_num 
_struct_ref_seq_dif.pdbx_pdb_ins_code 
_struct_ref_seq_dif.pdbx_seq_db_name 
_struct_ref_seq_dif.pdbx_seq_db_accession_code 
_struct_ref_seq_dif.db_mon_id 
_struct_ref_seq_dif.pdbx_seq_db_seq_num 
_struct_ref_seq_dif.details 
_struct_ref_seq_dif.pdbx_auth_seq_num 
_struct_ref_seq_dif.pdbx_ordinal 
1 1NAE MET A 1  ? GB 16076818 ? ? 'expression tag' -16 1  
1 1NAE GLY A 2  ? GB 16076818 ? ? 'expression tag' -15 2  
1 1NAE SER A 3  ? GB 16076818 ? ? 'expression tag' -14 3  
1 1NAE SER A 4  ? GB 16076818 ? ? 'expression tag' -13 4  
1 1NAE HIS A 5  ? GB 16076818 ? ? 'expression tag' -12 5  
1 1NAE HIS A 6  ? GB 16076818 ? ? 'expression tag' -11 6  
1 1NAE HIS A 7  ? GB 16076818 ? ? 'expression tag' -10 7  
1 1NAE HIS A 8  ? GB 16076818 ? ? 'expression tag' -9  8  
1 1NAE HIS A 9  ? GB 16076818 ? ? 'expression tag' -8  9  
1 1NAE HIS A 10 ? GB 16076818 ? ? 'expression tag' -7  10 
1 1NAE SER A 11 ? GB 16076818 ? ? 'expression tag' -6  11 
1 1NAE SER A 12 ? GB 16076818 ? ? 'expression tag' -5  12 
1 1NAE GLY A 13 ? GB 16076818 ? ? 'expression tag' -4  13 
1 1NAE LEU A 14 ? GB 16076818 ? ? 'expression tag' -3  14 
1 1NAE VAL A 15 ? GB 16076818 ? ? 'expression tag' -2  15 
1 1NAE PRO A 16 ? GB 16076818 ? ? 'expression tag' -1  16 
1 1NAE ARG A 17 ? GB 16076818 ? ? 'expression tag' 0   17 
1 1NAE GLY A 18 ? GB 16076818 ? ? 'expression tag' 1   18 
1 1NAE SER A 19 ? GB 16076818 ? ? 'expression tag' 2   19 
1 1NAE HIS A 20 ? GB 16076818 ? ? 'expression tag' 3   20 
1 1NAE MET A 21 ? GB 16076818 ? ? 'expression tag' 4   21 
1 1NAE ALA A 22 ? GB 16076818 ? ? 'expression tag' 5   22 
1 1NAE SER A 23 ? GB 16076818 ? ? 'expression tag' 6   23 
# 
loop_
_chem_comp.id 
_chem_comp.type 
_chem_comp.mon_nstd_flag 
_chem_comp.name 
_chem_comp.pdbx_synonyms 
_chem_comp.formula 
_chem_comp.formula_weight 
ALA 'L-peptide linking'          y ALANINE             ?                                 'C3 H7 N O2'     89.093  
ARG 'L-peptide linking'          y ARGININE            ?                                 'C6 H15 N4 O2 1' 175.209 
ASN 'L-peptide linking'          y ASPARAGINE          ?                                 'C4 H8 N2 O3'    132.118 
ASP 'L-peptide linking'          y 'ASPARTIC ACID'     ?                                 'C4 H7 N O4'     133.103 
CA  non-polymer                  . 'CALCIUM ION'       ?                                 'Ca 2'           40.078  
GLN 'L-peptide linking'          y GLUTAMINE           ?                                 'C5 H10 N2 O3'   146.144 
GLU 'L-peptide linking'          y 'GLUTAMIC ACID'     ?                                 'C5 H9 N O4'     147.129 
GLY 'peptide linking'            y GLYCINE             ?                                 'C2 H5 N O2'     75.067  
HIS 'L-peptide linking'          y HISTIDINE           ?                                 'C6 H10 N3 O2 1' 156.162 
HOH non-polymer                  . WATER               ?                                 'H2 O'           18.015  
ILE 'L-peptide linking'          y ISOLEUCINE          ?                                 'C6 H13 N O2'    131.173 
LEU 'L-peptide linking'          y LEUCINE             ?                                 'C6 H13 N O2'    131.173 
LYS 'L-peptide linking'          y LYSINE              ?                                 'C6 H15 N2 O2 1' 147.195 
MET 'L-peptide linking'          y METHIONINE          ?                                 'C5 H11 N O2 S'  149.211 
PHE 'L-peptide linking'          y PHENYLALANINE       ?                                 'C9 H11 N O2'    165.189 
PRO 'L-peptide linking'          y PROLINE             ?                                 'C5 H9 N O2'     115.130 
SER 'L-peptide linking'          y SERINE              ?                                 'C3 H7 N O3'     105.093 
THR 'L-peptide linking'          y THREONINE           ?                                 'C4 H9 N O3'     119.119 
TRP 'L-peptide linking'          y TRYPTOPHAN          ?                                 'C11 H12 N2 O2'  204.225 
TYR 'L-peptide linking'          y TYROSINE            ?                                 'C9 H11 N O3'    181.189 
VAL 'L-peptide linking'          y VALINE              ?                                 'C5 H11 N O2'    117.146 
XYP 'D-saccharide, beta linking' . beta-D-xylopyranose 'beta-D-xylose; D-xylose; xylose' 'C5 H10 O5'      150.130 
# 
_exptl.entry_id          1NAE 
_exptl.method            'X-RAY DIFFRACTION' 
_exptl.crystals_number   1 
# 
_exptl_crystal.id                    1 
_exptl_crystal.density_meas          ? 
_exptl_crystal.density_Matthews      1.63 
_exptl_crystal.density_percent_sol   24.09 
_exptl_crystal.description           ? 
# 
_exptl_crystal_grow.crystal_id      1 
_exptl_crystal_grow.method          'VAPOR DIFFUSION, HANGING DROP' 
_exptl_crystal_grow.temp            291 
_exptl_crystal_grow.temp_details    ? 
_exptl_crystal_grow.pH              4.6 
_exptl_crystal_grow.pdbx_details    
'26%PEG 4K, 0.1 M sodium acetate, pH 4.6, 0.2 M ammonium sulfate, VAPOR DIFFUSION, HANGING DROP, temperature 291K' 
_exptl_crystal_grow.pdbx_pH_range   . 
# 
_diffrn.id                     1 
_diffrn.ambient_temp           100 
_diffrn.ambient_temp_details   ? 
_diffrn.crystal_id             1 
# 
_diffrn_detector.diffrn_id              1 
_diffrn_detector.detector               'IMAGE PLATE' 
_diffrn_detector.type                   MARRESEARCH 
_diffrn_detector.pdbx_collection_date   2002-07-12 
_diffrn_detector.details                'long mirror focused' 
# 
_diffrn_radiation.diffrn_id                        1 
_diffrn_radiation.wavelength_id                    1 
_diffrn_radiation.pdbx_monochromatic_or_laue_m_l   M 
_diffrn_radiation.monochromator                    ? 
_diffrn_radiation.pdbx_diffrn_protocol             'SINGLE WAVELENGTH' 
_diffrn_radiation.pdbx_scattering_type             x-ray 
# 
_diffrn_radiation_wavelength.id           1 
_diffrn_radiation_wavelength.wavelength   1.54 
_diffrn_radiation_wavelength.wt           1.0 
# 
_diffrn_source.diffrn_id                   1 
_diffrn_source.source                      'ROTATING ANODE' 
_diffrn_source.type                        RIGAKU 
_diffrn_source.pdbx_synchrotron_site       ? 
_diffrn_source.pdbx_synchrotron_beamline   ? 
_diffrn_source.pdbx_wavelength             ? 
_diffrn_source.pdbx_wavelength_list        1.54 
# 
_reflns.entry_id                     1NAE 
_reflns.observed_criterion_sigma_F   ? 
_reflns.observed_criterion_sigma_I   ? 
_reflns.d_resolution_high            2.05 
_reflns.d_resolution_low             36.04 
_reflns.number_all                   6680 
_reflns.number_obs                   6382 
_reflns.percent_possible_obs         ? 
_reflns.pdbx_Rmerge_I_obs            0.07 
_reflns.pdbx_Rsym_value              0.07 
_reflns.pdbx_netI_over_sigmaI        12.4 
_reflns.B_iso_Wilson_estimate        20.33 
_reflns.pdbx_redundancy              2.3 
_reflns.R_free_details               ? 
_reflns.limit_h_max                  ? 
_reflns.limit_h_min                  ? 
_reflns.limit_k_max                  ? 
_reflns.limit_k_min                  ? 
_reflns.limit_l_max                  ? 
_reflns.limit_l_min                  ? 
_reflns.observed_criterion_F_max     ? 
_reflns.observed_criterion_F_min     ? 
_reflns.pdbx_diffrn_id               1 
_reflns.pdbx_ordinal                 1 
# 
_reflns_shell.d_res_high             2.05 
_reflns_shell.d_res_low              2.12 
_reflns_shell.percent_possible_all   ? 
_reflns_shell.Rmerge_I_obs           0.186 
_reflns_shell.pdbx_Rsym_value        0.186 
_reflns_shell.meanI_over_sigI_obs    5.4 
_reflns_shell.pdbx_redundancy        2.2 
_reflns_shell.percent_possible_obs   ? 
_reflns_shell.number_unique_all      649 
_reflns_shell.pdbx_diffrn_id         ? 
_reflns_shell.pdbx_ordinal           1 
# 
_refine.entry_id                                 1NAE 
_refine.ls_number_reflns_obs                     5544 
_refine.ls_number_reflns_all                     ? 
_refine.pdbx_ls_sigma_I                          ? 
_refine.pdbx_ls_sigma_F                          ? 
_refine.pdbx_data_cutoff_high_absF               ? 
_refine.pdbx_data_cutoff_low_absF                ? 
_refine.ls_d_res_low                             36.04 
_refine.ls_d_res_high                            2.05 
_refine.ls_percent_reflns_obs                    87.34 
_refine.ls_R_factor_obs                          0.13748 
_refine.ls_R_factor_all                          0.13748 
_refine.ls_R_factor_R_work                       0.1345 
_refine.ls_R_factor_R_free                       0.19487 
_refine.ls_R_factor_R_free_error                 ? 
_refine.ls_R_factor_R_free_error_details         ? 
_refine.ls_percent_reflns_R_free                 4.8 
_refine.ls_number_reflns_R_free                  279 
_refine.ls_number_parameters                     ? 
_refine.ls_number_restraints                     ? 
_refine.occupancy_min                            ? 
_refine.occupancy_max                            ? 
_refine.correlation_coeff_Fo_to_Fc               0.970 
_refine.correlation_coeff_Fo_to_Fc_free          0.946 
_refine.B_iso_mean                               19.907 
_refine.aniso_B[1][1]                            0.87 
_refine.aniso_B[2][2]                            -0.04 
_refine.aniso_B[3][3]                            -0.84 
_refine.aniso_B[1][2]                            0.00 
_refine.aniso_B[1][3]                            -0.10 
_refine.aniso_B[2][3]                            0.00 
_refine.solvent_model_details                    'BABINET MODEL WITH MASK' 
_refine.solvent_model_param_ksol                 ? 
_refine.solvent_model_param_bsol                 ? 
_refine.pdbx_solvent_vdw_probe_radii             1.40 
_refine.pdbx_solvent_ion_probe_radii             0.80 
_refine.pdbx_solvent_shrinkage_radii             0.80 
_refine.pdbx_ls_cross_valid_method               THROUGHOUT 
_refine.details                                  ? 
_refine.pdbx_starting_model                      1gmm 
_refine.pdbx_method_to_determine_struct          'MOLECULAR REPLACEMENT' 
_refine.pdbx_isotropic_thermal_model             Isotropic 
_refine.pdbx_stereochemistry_target_values       ? 
_refine.pdbx_stereochem_target_val_spec_case     ? 
_refine.pdbx_R_Free_selection_details            RANDOM 
_refine.pdbx_overall_ESU_R_Free                  0.194 
_refine.overall_SU_B                             4.630 
_refine.ls_redundancy_reflns_obs                 ? 
_refine.B_iso_min                                ? 
_refine.B_iso_max                                ? 
_refine.overall_SU_R_Cruickshank_DPI             ? 
_refine.overall_SU_R_free                        ? 
_refine.overall_SU_ML                            0.126 
_refine.pdbx_overall_ESU_R                       0.334 
_refine.pdbx_data_cutoff_high_rms_absF           ? 
_refine.pdbx_refine_id                           'X-RAY DIFFRACTION' 
_refine.pdbx_diffrn_id                           1 
_refine.pdbx_TLS_residual_ADP_flag               ? 
_refine.pdbx_overall_phase_error                 ? 
_refine.pdbx_overall_SU_R_free_Cruickshank_DPI   ? 
_refine.pdbx_overall_SU_R_Blow_DPI               ? 
_refine.pdbx_overall_SU_R_free_Blow_DPI          ? 
# 
_refine_hist.pdbx_refine_id                   'X-RAY DIFFRACTION' 
_refine_hist.cycle_id                         LAST 
_refine_hist.pdbx_number_atoms_protein        952 
_refine_hist.pdbx_number_atoms_nucleic_acid   0 
_refine_hist.pdbx_number_atoms_ligand         29 
_refine_hist.number_atoms_solvent             181 
_refine_hist.number_atoms_total               1162 
_refine_hist.d_res_high                       2.05 
_refine_hist.d_res_low                        36.04 
# 
loop_
_refine_ls_restr.type 
_refine_ls_restr.dev_ideal 
_refine_ls_restr.dev_ideal_target 
_refine_ls_restr.weight 
_refine_ls_restr.number 
_refine_ls_restr.pdbx_refine_id 
_refine_ls_restr.pdbx_restraint_function 
r_bond_refined_d         0.016 0.021 ? 1001 'X-RAY DIFFRACTION' ? 
r_angle_refined_deg      1.528 1.966 ? 1367 'X-RAY DIFFRACTION' ? 
r_dihedral_angle_1_deg   7.150 5.000 ? 128  'X-RAY DIFFRACTION' ? 
r_chiral_restr           0.103 0.200 ? 164  'X-RAY DIFFRACTION' ? 
r_gen_planes_refined     0.007 0.020 ? 747  'X-RAY DIFFRACTION' ? 
r_nbd_refined            0.210 0.200 ? 443  'X-RAY DIFFRACTION' ? 
r_xyhbond_nbd_refined    0.144 0.200 ? 141  'X-RAY DIFFRACTION' ? 
r_metal_ion_refined      0.099 0.200 ? 4    'X-RAY DIFFRACTION' ? 
r_symmetry_vdw_refined   0.223 0.200 ? 43   'X-RAY DIFFRACTION' ? 
r_symmetry_hbond_refined 0.214 0.200 ? 31   'X-RAY DIFFRACTION' ? 
r_mcbond_it              0.771 1.500 ? 631  'X-RAY DIFFRACTION' ? 
r_mcangle_it             1.353 2.000 ? 1015 'X-RAY DIFFRACTION' ? 
r_scbond_it              2.276 3.000 ? 370  'X-RAY DIFFRACTION' ? 
r_scangle_it             3.132 4.500 ? 352  'X-RAY DIFFRACTION' ? 
# 
_refine_ls_shell.pdbx_total_number_of_bins_used   20 
_refine_ls_shell.d_res_high                       2.050 
_refine_ls_shell.d_res_low                        2.103 
_refine_ls_shell.number_reflns_R_work             416 
_refine_ls_shell.R_factor_R_work                  0.167 
_refine_ls_shell.percent_reflns_obs               ? 
_refine_ls_shell.R_factor_R_free                  0.295 
_refine_ls_shell.R_factor_R_free_error            ? 
_refine_ls_shell.percent_reflns_R_free            ? 
_refine_ls_shell.number_reflns_R_free             28 
_refine_ls_shell.number_reflns_obs                648 
_refine_ls_shell.redundancy_reflns_obs            ? 
_refine_ls_shell.number_reflns_all                ? 
_refine_ls_shell.pdbx_refine_id                   'X-RAY DIFFRACTION' 
_refine_ls_shell.R_factor_all                     ? 
# 
_struct.entry_id                  1NAE 
_struct.title                     'Structure of CsCBM6-3 from Clostridium stercorarium in complex with xylotriose' 
_struct.pdbx_model_details        ? 
_struct.pdbx_CASP_flag            ? 
_struct.pdbx_model_type_details   ? 
# 
_struct_keywords.entry_id        1NAE 
_struct_keywords.pdbx_keywords   HYDROLASE 
_struct_keywords.text            'carbohydrate-binding module, beta-sandwich, xylan, xylooligosaccharide, HYDROLASE' 
# 
loop_
_struct_asym.id 
_struct_asym.pdbx_blank_PDB_chainid_flag 
_struct_asym.pdbx_modified 
_struct_asym.entity_id 
_struct_asym.details 
A N N 1 ? 
B N N 2 ? 
C N N 3 ? 
D N N 4 ? 
# 
_struct_biol.id                    1 
_struct_biol.pdbx_parent_biol_id   ? 
_struct_biol.details               ? 
# 
loop_
_struct_conn.id 
_struct_conn.conn_type_id 
_struct_conn.pdbx_leaving_atom_flag 
_struct_conn.pdbx_PDB_id 
_struct_conn.ptnr1_label_asym_id 
_struct_conn.ptnr1_label_comp_id 
_struct_conn.ptnr1_label_seq_id 
_struct_conn.ptnr1_label_atom_id 
_struct_conn.pdbx_ptnr1_label_alt_id 
_struct_conn.pdbx_ptnr1_PDB_ins_code 
_struct_conn.pdbx_ptnr1_standard_comp_id 
_struct_conn.ptnr1_symmetry 
_struct_conn.ptnr2_label_asym_id 
_struct_conn.ptnr2_label_comp_id 
_struct_conn.ptnr2_label_seq_id 
_struct_conn.ptnr2_label_atom_id 
_struct_conn.pdbx_ptnr2_label_alt_id 
_struct_conn.pdbx_ptnr2_PDB_ins_code 
_struct_conn.ptnr1_auth_asym_id 
_struct_conn.ptnr1_auth_comp_id 
_struct_conn.ptnr1_auth_seq_id 
_struct_conn.ptnr2_auth_asym_id 
_struct_conn.ptnr2_auth_comp_id 
_struct_conn.ptnr2_auth_seq_id 
_struct_conn.ptnr2_symmetry 
_struct_conn.pdbx_ptnr3_label_atom_id 
_struct_conn.pdbx_ptnr3_label_seq_id 
_struct_conn.pdbx_ptnr3_label_comp_id 
_struct_conn.pdbx_ptnr3_label_asym_id 
_struct_conn.pdbx_ptnr3_label_alt_id 
_struct_conn.pdbx_ptnr3_PDB_ins_code 
_struct_conn.details 
_struct_conn.pdbx_dist_value 
_struct_conn.pdbx_value_order 
_struct_conn.pdbx_role 
covale1 covale both ? B XYP .   O4  ? ? ? 1_555 B XYP . C1 ? ? B XYP 1   B XYP 2   1_555 ? ? ? ? ? ? ? 1.442 ? ? 
covale2 covale both ? B XYP .   O4  ? ? ? 1_555 B XYP . C1 ? ? B XYP 2   B XYP 3   1_555 ? ? ? ? ? ? ? 1.438 ? ? 
metalc1 metalc ?    ? A GLN 47  OE1 ? ? ? 1_555 C CA  . CA ? ? A GLN 30  A CA  900 1_555 ? ? ? ? ? ? ? 2.249 ? ? 
metalc2 metalc ?    ? A GLU 49  OE1 ? ? ? 1_555 C CA  . CA ? ? A GLU 32  A CA  900 1_555 ? ? ? ? ? ? ? 2.515 ? ? 
metalc3 metalc ?    ? A GLU 49  OE2 ? ? ? 1_555 C CA  . CA ? ? A GLU 32  A CA  900 1_555 ? ? ? ? ? ? ? 2.830 ? ? 
metalc4 metalc ?    ? A SER 69  O   ? ? ? 1_555 C CA  . CA ? ? A SER 52  A CA  900 1_555 ? ? ? ? ? ? ? 2.332 ? ? 
metalc5 metalc ?    ? A ASP 159 OD1 ? ? ? 1_555 C CA  . CA ? ? A ASP 142 A CA  900 1_555 ? ? ? ? ? ? ? 2.389 ? ? 
metalc6 metalc ?    ? A ASP 159 O   ? ? ? 1_555 C CA  . CA ? ? A ASP 142 A CA  900 1_555 ? ? ? ? ? ? ? 2.385 ? ? 
metalc7 metalc ?    ? C CA  .   CA  ? ? ? 1_555 D HOH . O  ? ? A CA  900 A HOH 992 1_555 ? ? ? ? ? ? ? 2.965 ? ? 
# 
loop_
_struct_conn_type.id 
_struct_conn_type.criteria 
_struct_conn_type.reference 
covale ? ? 
metalc ? ? 
# 
loop_
_struct_sheet.id 
_struct_sheet.type 
_struct_sheet.number_strands 
_struct_sheet.details 
A ? 5 ? 
B ? 5 ? 
C ? 4 ? 
D ? 2 ? 
# 
loop_
_struct_sheet_order.sheet_id 
_struct_sheet_order.range_id_1 
_struct_sheet_order.range_id_2 
_struct_sheet_order.offset 
_struct_sheet_order.sense 
A 1 2 ? anti-parallel 
A 2 3 ? anti-parallel 
A 3 4 ? anti-parallel 
A 4 5 ? parallel      
B 1 2 ? anti-parallel 
B 2 3 ? anti-parallel 
B 3 4 ? anti-parallel 
B 4 5 ? anti-parallel 
C 1 2 ? anti-parallel 
C 2 3 ? anti-parallel 
C 3 4 ? anti-parallel 
D 1 2 ? anti-parallel 
# 
loop_
_struct_sheet_range.sheet_id 
_struct_sheet_range.id 
_struct_sheet_range.beg_label_comp_id 
_struct_sheet_range.beg_label_asym_id 
_struct_sheet_range.beg_label_seq_id 
_struct_sheet_range.pdbx_beg_PDB_ins_code 
_struct_sheet_range.end_label_comp_id 
_struct_sheet_range.end_label_asym_id 
_struct_sheet_range.end_label_seq_id 
_struct_sheet_range.pdbx_end_PDB_ins_code 
_struct_sheet_range.beg_auth_comp_id 
_struct_sheet_range.beg_auth_asym_id 
_struct_sheet_range.beg_auth_seq_id 
_struct_sheet_range.end_auth_comp_id 
_struct_sheet_range.end_auth_asym_id 
_struct_sheet_range.end_auth_seq_id 
A 1 LEU A 117 ? VAL A 123 ? LEU A 100 VAL A 106 
A 2 THR A 104 ? LEU A 110 ? THR A 87  LEU A 93  
A 3 VAL A 145 ? PHE A 152 ? VAL A 128 PHE A 135 
A 4 SER A 79  ? ASP A 86  ? SER A 62  ASP A 69  
A 5 ARG A 40  ? SER A 41  ? ARG A 23  SER A 24  
B 1 LEU A 117 ? VAL A 123 ? LEU A 100 VAL A 106 
B 2 THR A 104 ? LEU A 110 ? THR A 87  LEU A 93  
B 3 VAL A 145 ? PHE A 152 ? VAL A 128 PHE A 135 
B 4 SER A 79  ? ASP A 86  ? SER A 62  ASP A 69  
B 5 SER A 53  ? TYR A 55  ? SER A 36  TYR A 38  
C 1 ILE A 46  ? GLN A 47  ? ILE A 29  GLN A 30  
C 2 ASN A 157 ? SER A 164 ? ASN A 140 SER A 147 
C 3 ALA A 91  ? ALA A 99  ? ALA A 74  ALA A 82  
C 4 ARG A 133 ? THR A 142 ? ARG A 116 THR A 125 
D 1 GLN A 60  ? SER A 63  ? GLN A 43  SER A 46  
D 2 SER A 69  ? GLY A 72  ? SER A 52  GLY A 55  
# 
loop_
_pdbx_struct_sheet_hbond.sheet_id 
_pdbx_struct_sheet_hbond.range_id_1 
_pdbx_struct_sheet_hbond.range_id_2 
_pdbx_struct_sheet_hbond.range_1_label_atom_id 
_pdbx_struct_sheet_hbond.range_1_label_comp_id 
_pdbx_struct_sheet_hbond.range_1_label_asym_id 
_pdbx_struct_sheet_hbond.range_1_label_seq_id 
_pdbx_struct_sheet_hbond.range_1_PDB_ins_code 
_pdbx_struct_sheet_hbond.range_1_auth_atom_id 
_pdbx_struct_sheet_hbond.range_1_auth_comp_id 
_pdbx_struct_sheet_hbond.range_1_auth_asym_id 
_pdbx_struct_sheet_hbond.range_1_auth_seq_id 
_pdbx_struct_sheet_hbond.range_2_label_atom_id 
_pdbx_struct_sheet_hbond.range_2_label_comp_id 
_pdbx_struct_sheet_hbond.range_2_label_asym_id 
_pdbx_struct_sheet_hbond.range_2_label_seq_id 
_pdbx_struct_sheet_hbond.range_2_PDB_ins_code 
_pdbx_struct_sheet_hbond.range_2_auth_atom_id 
_pdbx_struct_sheet_hbond.range_2_auth_comp_id 
_pdbx_struct_sheet_hbond.range_2_auth_asym_id 
_pdbx_struct_sheet_hbond.range_2_auth_seq_id 
A 1 2 O ILE A 121 ? O ILE A 104 N ILE A 106 ? N ILE A 89  
A 2 3 N ARG A 109 ? N ARG A 92  O VAL A 149 ? O VAL A 132 
A 3 4 O LYS A 146 ? O LYS A 129 N ILE A 85  ? N ILE A 68  
A 4 5 O ASP A 86  ? O ASP A 69  N ARG A 40  ? N ARG A 23  
B 1 2 O ILE A 121 ? O ILE A 104 N ILE A 106 ? N ILE A 89  
B 2 3 N ARG A 109 ? N ARG A 92  O VAL A 149 ? O VAL A 132 
B 3 4 O LYS A 146 ? O LYS A 129 N ILE A 85  ? N ILE A 68  
B 4 5 O THR A 81  ? O THR A 64  N SER A 53  ? N SER A 36  
C 1 2 N ILE A 46  ? N ILE A 29  O PHE A 161 ? O PHE A 144 
C 2 3 O TRP A 160 ? O TRP A 143 N ARG A 97  ? N ARG A 80  
C 3 4 N ALA A 96  ? N ALA A 79  O VAL A 135 ? O VAL A 118 
D 1 2 N GLN A 60  ? N GLN A 43  O GLY A 72  ? O GLY A 55  
# 
_atom_sites.entry_id                    1NAE 
_atom_sites.fract_transf_matrix[1][1]   0.01102353 
_atom_sites.fract_transf_matrix[1][2]   0.03101801 
_atom_sites.fract_transf_matrix[1][3]   0.00758433 
_atom_sites.fract_transf_matrix[2][1]   -0.00680009 
_atom_sites.fract_transf_matrix[2][2]   -0.00217799 
_atom_sites.fract_transf_matrix[2][3]   0.01879110 
_atom_sites.fract_transf_matrix[3][1]   0.02496461 
_atom_sites.fract_transf_matrix[3][2]   -0.00914502 
_atom_sites.fract_transf_matrix[3][3]   0.00797419 
_atom_sites.fract_transf_vector[1]      0.705655 
_atom_sites.fract_transf_vector[2]      -0.003927 
_atom_sites.fract_transf_vector[3]      0.247678 
# 
loop_
_atom_type.symbol 
C  
CA 
N  
O  
# 
loop_
_atom_site.group_PDB 
_atom_site.id 
_atom_site.type_symbol 
_atom_site.label_atom_id 
_atom_site.label_alt_id 
_atom_site.label_comp_id 
_atom_site.label_asym_id 
_atom_site.label_entity_id 
_atom_site.label_seq_id 
_atom_site.pdbx_PDB_ins_code 
_atom_site.Cartn_x 
_atom_site.Cartn_y 
_atom_site.Cartn_z 
_atom_site.occupancy 
_atom_site.B_iso_or_equiv 
_atom_site.pdbx_formal_charge 
_atom_site.auth_seq_id 
_atom_site.auth_comp_id 
_atom_site.auth_asym_id 
_atom_site.auth_atom_id 
_atom_site.pdbx_PDB_model_num 
ATOM   1    N  N   . GLY A 1 37  ? 5.536   -19.397 -11.637 1.00 46.04 ? 20   GLY A N   1 
ATOM   2    C  CA  . GLY A 1 37  ? 4.640   -18.194 -11.578 1.00 45.35 ? 20   GLY A CA  1 
ATOM   3    C  C   . GLY A 1 37  ? 3.572   -18.347 -10.510 1.00 44.56 ? 20   GLY A C   1 
ATOM   4    O  O   . GLY A 1 37  ? 3.770   -19.039 -9.511  1.00 44.89 ? 20   GLY A O   1 
ATOM   5    N  N   . GLY A 1 38  ? 2.419   -17.734 -10.733 1.00 43.36 ? 21   GLY A N   1 
ATOM   6    C  CA  . GLY A 1 38  ? 1.392   -17.683 -9.707  1.00 41.66 ? 21   GLY A CA  1 
ATOM   7    C  C   . GLY A 1 38  ? 1.713   -16.551 -8.747  1.00 40.26 ? 21   GLY A C   1 
ATOM   8    O  O   . GLY A 1 38  ? 1.838   -16.787 -7.526  1.00 40.38 ? 21   GLY A O   1 
ATOM   9    N  N   . THR A 1 39  ? 1.811   -15.333 -9.316  1.00 37.72 ? 22   THR A N   1 
ATOM   10   C  CA  . THR A 1 39  ? 2.603   -14.225 -8.756  1.00 35.40 ? 22   THR A CA  1 
ATOM   11   C  C   . THR A 1 39  ? 2.318   -12.861 -9.402  1.00 32.75 ? 22   THR A C   1 
ATOM   12   O  O   . THR A 1 39  ? 2.556   -12.679 -10.595 1.00 33.30 ? 22   THR A O   1 
ATOM   13   C  CB  . THR A 1 39  ? 4.117   -14.536 -8.928  1.00 35.77 ? 22   THR A CB  1 
ATOM   14   O  OG1 . THR A 1 39  ? 4.495   -15.650 -8.092  1.00 37.58 ? 22   THR A OG1 1 
ATOM   15   C  CG2 . THR A 1 39  ? 4.941   -13.427 -8.362  1.00 36.81 ? 22   THR A CG2 1 
ATOM   16   N  N   . ARG A 1 40  ? 1.851   -11.896 -8.614  1.00 29.68 ? 23   ARG A N   1 
ATOM   17   C  CA  . ARG A 1 40  ? 1.736   -10.517 -9.094  1.00 26.34 ? 23   ARG A CA  1 
ATOM   18   C  C   . ARG A 1 40  ? 3.108   -9.866  -9.211  1.00 24.09 ? 23   ARG A C   1 
ATOM   19   O  O   . ARG A 1 40  ? 3.975   -10.035 -8.336  1.00 22.02 ? 23   ARG A O   1 
ATOM   20   C  CB  . ARG A 1 40  ? 0.830   -9.649  -8.193  1.00 26.58 ? 23   ARG A CB  1 
ATOM   21   C  CG  . ARG A 1 40  ? -0.633  -10.067 -8.153  1.00 26.56 ? 23   ARG A CG  1 
ATOM   22   C  CD  . ARG A 1 40  ? -1.394  -9.553  -6.928  1.00 26.12 ? 23   ARG A CD  1 
ATOM   23   N  NE  . ARG A 1 40  ? -1.015  -10.277 -5.705  1.00 23.45 ? 23   ARG A NE  1 
ATOM   24   C  CZ  . ARG A 1 40  ? -1.565  -10.050 -4.502  1.00 25.16 ? 23   ARG A CZ  1 
ATOM   25   N  NH1 . ARG A 1 40  ? -2.541  -9.158  -4.377  1.00 23.85 ? 23   ARG A NH1 1 
ATOM   26   N  NH2 . ARG A 1 40  ? -1.166  -10.733 -3.432  1.00 20.63 ? 23   ARG A NH2 1 
ATOM   27   N  N   . SER A 1 41  ? 3.285   -9.119  -10.307 1.00 21.00 ? 24   SER A N   1 
ATOM   28   C  CA  . SER A 1 41  ? 4.484   -8.350  -10.557 1.00 18.92 ? 24   SER A CA  1 
ATOM   29   C  C   . SER A 1 41  ? 4.477   -7.113  -9.660  1.00 18.45 ? 24   SER A C   1 
ATOM   30   O  O   . SER A 1 41  ? 3.425   -6.476  -9.511  1.00 18.58 ? 24   SER A O   1 
ATOM   31   C  CB  . SER A 1 41  ? 4.514   -7.928  -12.018 1.00 18.50 ? 24   SER A CB  1 
ATOM   32   O  OG  . SER A 1 41  ? 5.469   -6.918  -12.205 1.00 17.79 ? 24   SER A OG  1 
ATOM   33   N  N   . ALA A 1 42  ? 5.630   -6.772  -9.068  1.00 17.10 ? 25   ALA A N   1 
ATOM   34   C  CA  . ALA A 1 42  ? 5.791   -5.503  -8.309  1.00 17.43 ? 25   ALA A CA  1 
ATOM   35   C  C   . ALA A 1 42  ? 5.628   -4.261  -9.211  1.00 17.27 ? 25   ALA A C   1 
ATOM   36   O  O   . ALA A 1 42  ? 5.333   -3.161  -8.753  1.00 17.86 ? 25   ALA A O   1 
ATOM   37   C  CB  . ALA A 1 42  ? 7.181   -5.445  -7.600  1.00 17.25 ? 25   ALA A CB  1 
ATOM   38   N  N   . PHE A 1 43  ? 5.790   -4.457  -10.507 1.00 17.70 ? 26   PHE A N   1 
ATOM   39   C  CA  . PHE A 1 43  ? 5.898   -3.347  -11.452 1.00 17.94 ? 26   PHE A CA  1 
ATOM   40   C  C   . PHE A 1 43  ? 4.621   -2.940  -12.172 1.00 19.15 ? 26   PHE A C   1 
ATOM   41   O  O   . PHE A 1 43  ? 4.627   -1.967  -12.946 1.00 19.56 ? 26   PHE A O   1 
ATOM   42   C  CB  . PHE A 1 43  ? 7.082   -3.617  -12.391 1.00 16.68 ? 26   PHE A CB  1 
ATOM   43   C  CG  . PHE A 1 43  ? 8.305   -3.967  -11.641 1.00 15.32 ? 26   PHE A CG  1 
ATOM   44   C  CD1 . PHE A 1 43  ? 9.000   -2.971  -10.925 1.00 13.47 ? 26   PHE A CD1 1 
ATOM   45   C  CD2 . PHE A 1 43  ? 8.740   -5.305  -11.568 1.00 14.70 ? 26   PHE A CD2 1 
ATOM   46   C  CE1 . PHE A 1 43  ? 10.166  -3.293  -10.209 1.00 16.13 ? 26   PHE A CE1 1 
ATOM   47   C  CE2 . PHE A 1 43  ? 9.892   -5.650  -10.847 1.00 14.52 ? 26   PHE A CE2 1 
ATOM   48   C  CZ  . PHE A 1 43  ? 10.617  -4.632  -10.152 1.00 15.07 ? 26   PHE A CZ  1 
ATOM   49   N  N   . SER A 1 44  ? 3.540   -3.669  -11.910 1.00 19.11 ? 27   SER A N   1 
ATOM   50   C  CA  . SER A 1 44  ? 2.202   -3.236  -12.300 1.00 20.93 ? 27   SER A CA  1 
ATOM   51   C  C   . SER A 1 44  ? 1.396   -2.951  -11.030 1.00 19.94 ? 27   SER A C   1 
ATOM   52   O  O   . SER A 1 44  ? 1.793   -3.357  -9.936  1.00 19.59 ? 27   SER A O   1 
ATOM   53   C  CB  . SER A 1 44  ? 1.544   -4.338  -13.115 1.00 21.31 ? 27   SER A CB  1 
ATOM   54   O  OG  . SER A 1 44  ? 2.442   -4.715  -14.129 1.00 27.00 ? 27   SER A OG  1 
ATOM   55   N  N   . ASN A 1 45  ? 0.259   -2.287  -11.189 1.00 19.40 ? 28   ASN A N   1 
ATOM   56   C  CA  . ASN A 1 45  ? -0.537  -1.842  -10.050 1.00 18.62 ? 28   ASN A CA  1 
ATOM   57   C  C   . ASN A 1 45  ? -1.056  -3.019  -9.249  1.00 17.90 ? 28   ASN A C   1 
ATOM   58   O  O   . ASN A 1 45  ? -1.645  -3.955  -9.792  1.00 17.13 ? 28   ASN A O   1 
ATOM   59   C  CB  . ASN A 1 45  ? -1.702  -0.938  -10.487 1.00 18.86 ? 28   ASN A CB  1 
ATOM   60   C  CG  . ASN A 1 45  ? -1.232  0.418   -11.002 1.00 19.99 ? 28   ASN A CG  1 
ATOM   61   O  OD1 . ASN A 1 45  ? -0.059  0.761   -10.884 1.00 19.72 ? 28   ASN A OD1 1 
ATOM   62   N  ND2 . ASN A 1 45  ? -2.157  1.199   -11.563 1.00 20.29 ? 28   ASN A ND2 1 
ATOM   63   N  N   . ILE A 1 46  ? -0.838  -2.949  -7.944  1.00 16.99 ? 29   ILE A N   1 
ATOM   64   C  CA  . ILE A 1 46  ? -1.348  -3.959  -7.021  1.00 15.89 ? 29   ILE A CA  1 
ATOM   65   C  C   . ILE A 1 46  ? -2.557  -3.325  -6.314  1.00 15.95 ? 29   ILE A C   1 
ATOM   66   O  O   . ILE A 1 46  ? -2.435  -2.295  -5.638  1.00 15.74 ? 29   ILE A O   1 
ATOM   67   C  CB  . ILE A 1 46  ? -0.255  -4.336  -6.008  1.00 15.83 ? 29   ILE A CB  1 
ATOM   68   C  CG1 . ILE A 1 46  ? 0.994   -4.856  -6.759  1.00 14.92 ? 29   ILE A CG1 1 
ATOM   69   C  CG2 . ILE A 1 46  ? -0.800  -5.333  -4.986  1.00 14.74 ? 29   ILE A CG2 1 
ATOM   70   C  CD1 . ILE A 1 46  ? 2.268   -4.899  -5.917  1.00 18.45 ? 29   ILE A CD1 1 
ATOM   71   N  N   . GLN A 1 47  ? -3.725  -3.926  -6.468  1.00 15.62 ? 30   GLN A N   1 
ATOM   72   C  CA  . GLN A 1 47  ? -4.920  -3.301  -5.945  1.00 15.70 ? 30   GLN A CA  1 
ATOM   73   C  C   . GLN A 1 47  ? -4.932  -3.481  -4.440  1.00 15.89 ? 30   GLN A C   1 
ATOM   74   O  O   . GLN A 1 47  ? -4.763  -4.583  -3.946  1.00 15.89 ? 30   GLN A O   1 
ATOM   75   C  CB  . GLN A 1 47  ? -6.172  -3.866  -6.581  1.00 16.02 ? 30   GLN A CB  1 
ATOM   76   C  CG  . GLN A 1 47  ? -6.298  -3.588  -8.085  1.00 14.92 ? 30   GLN A CG  1 
ATOM   77   C  CD  . GLN A 1 47  ? -6.278  -2.100  -8.430  1.00 17.36 ? 30   GLN A CD  1 
ATOM   78   O  OE1 . GLN A 1 47  ? -6.824  -1.293  -7.700  1.00 13.24 ? 30   GLN A OE1 1 
ATOM   79   N  NE2 . GLN A 1 47  ? -5.659  -1.748  -9.564  1.00 19.22 ? 30   GLN A NE2 1 
ATOM   80   N  N   . ALA A 1 48  ? -5.130  -2.372  -3.732  1.00 15.15 ? 31   ALA A N   1 
ATOM   81   C  CA  . ALA A 1 48  ? -5.019  -2.366  -2.287  1.00 15.55 ? 31   ALA A CA  1 
ATOM   82   C  C   . ALA A 1 48  ? -6.105  -3.227  -1.578  1.00 14.51 ? 31   ALA A C   1 
ATOM   83   O  O   . ALA A 1 48  ? -5.873  -3.780  -0.498  1.00 13.57 ? 31   ALA A O   1 
ATOM   84   C  CB  . ALA A 1 48  ? -4.960  -0.915  -1.782  1.00 14.35 ? 31   ALA A CB  1 
ATOM   85   N  N   . GLU A 1 49  ? -7.254  -3.354  -2.233  1.00 14.71 ? 32   GLU A N   1 
ATOM   86   C  CA  . GLU A 1 49  ? -8.346  -4.214  -1.821  1.00 15.72 ? 32   GLU A CA  1 
ATOM   87   C  C   . GLU A 1 49  ? -8.025  -5.701  -2.015  1.00 16.10 ? 32   GLU A C   1 
ATOM   88   O  O   . GLU A 1 49  ? -8.771  -6.567  -1.535  1.00 15.48 ? 32   GLU A O   1 
ATOM   89   C  CB  . GLU A 1 49  ? -9.637  -3.831  -2.588  1.00 16.28 ? 32   GLU A CB  1 
ATOM   90   C  CG  . GLU A 1 49  ? -9.619  -4.149  -4.077  1.00 17.12 ? 32   GLU A CG  1 
ATOM   91   C  CD  . GLU A 1 49  ? -9.165  -2.953  -4.886  1.00 16.47 ? 32   GLU A CD  1 
ATOM   92   O  OE1 . GLU A 1 49  ? -8.334  -2.176  -4.374  1.00 15.95 ? 32   GLU A OE1 1 
ATOM   93   O  OE2 . GLU A 1 49  ? -9.608  -2.778  -6.033  1.00 18.90 ? 32   GLU A OE2 1 
ATOM   94   N  N   . ASP A 1 50  ? -6.933  -5.988  -2.737  1.00 16.00 ? 33   ASP A N   1 
ATOM   95   C  CA  . ASP A 1 50  ? -6.567  -7.357  -3.083  1.00 16.48 ? 33   ASP A CA  1 
ATOM   96   C  C   . ASP A 1 50  ? -5.548  -7.938  -2.058  1.00 16.34 ? 33   ASP A C   1 
ATOM   97   O  O   . ASP A 1 50  ? -4.650  -8.723  -2.414  1.00 15.93 ? 33   ASP A O   1 
ATOM   98   C  CB  . ASP A 1 50  ? -6.016  -7.446  -4.520  1.00 17.11 ? 33   ASP A CB  1 
ATOM   99   C  CG  . ASP A 1 50  ? -7.099  -7.250  -5.611  1.00 20.16 ? 33   ASP A CG  1 
ATOM   100  O  OD1 . ASP A 1 50  ? -8.269  -6.937  -5.321  1.00 22.73 ? 33   ASP A OD1 1 
ATOM   101  O  OD2 . ASP A 1 50  ? -6.851  -7.365  -6.829  1.00 26.96 ? 33   ASP A OD2 1 
ATOM   102  N  N   . TYR A 1 51  ? -5.710  -7.540  -0.797  1.00 15.21 ? 34   TYR A N   1 
ATOM   103  C  CA  . TYR A 1 51  ? -4.932  -8.088  0.286   1.00 14.51 ? 34   TYR A CA  1 
ATOM   104  C  C   . TYR A 1 51  ? -5.283  -9.554  0.540   1.00 14.97 ? 34   TYR A C   1 
ATOM   105  O  O   . TYR A 1 51  ? -6.422  -10.006 0.308   1.00 13.89 ? 34   TYR A O   1 
ATOM   106  C  CB  . TYR A 1 51  ? -5.046  -7.222  1.563   1.00 14.09 ? 34   TYR A CB  1 
ATOM   107  C  CG  . TYR A 1 51  ? -6.438  -7.049  2.102   1.00 14.17 ? 34   TYR A CG  1 
ATOM   108  C  CD1 . TYR A 1 51  ? -7.009  -8.008  2.979   1.00 13.70 ? 34   TYR A CD1 1 
ATOM   109  C  CD2 . TYR A 1 51  ? -7.200  -5.945  1.742   1.00 13.64 ? 34   TYR A CD2 1 
ATOM   110  C  CE1 . TYR A 1 51  ? -8.287  -7.841  3.493   1.00 14.43 ? 34   TYR A CE1 1 
ATOM   111  C  CE2 . TYR A 1 51  ? -8.496  -5.791  2.214   1.00 16.23 ? 34   TYR A CE2 1 
ATOM   112  C  CZ  . TYR A 1 51  ? -9.025  -6.736  3.099   1.00 15.90 ? 34   TYR A CZ  1 
ATOM   113  O  OH  . TYR A 1 51  ? -10.306 -6.559  3.564   1.00 14.21 ? 34   TYR A OH  1 
ATOM   114  N  N   . ASP A 1 52  ? -4.286  -10.296 1.010   1.00 13.96 ? 35   ASP A N   1 
ATOM   115  C  CA  . ASP A 1 52  ? -4.479  -11.697 1.310   1.00 14.43 ? 35   ASP A CA  1 
ATOM   116  C  C   . ASP A 1 52  ? -4.851  -11.908 2.755   1.00 14.46 ? 35   ASP A C   1 
ATOM   117  O  O   . ASP A 1 52  ? -5.481  -12.907 3.090   1.00 14.13 ? 35   ASP A O   1 
ATOM   118  C  CB  . ASP A 1 52  ? -3.217  -12.471 0.901   1.00 13.56 ? 35   ASP A CB  1 
ATOM   119  C  CG  . ASP A 1 52  ? -3.002  -12.404 -0.585  1.00 14.37 ? 35   ASP A CG  1 
ATOM   120  O  OD1 . ASP A 1 52  ? -3.874  -12.932 -1.313  1.00 14.53 ? 35   ASP A OD1 1 
ATOM   121  O  OD2 . ASP A 1 52  ? -2.075  -11.760 -1.124  1.00 13.16 ? 35   ASP A OD2 1 
ATOM   122  N  N   . SER A 1 53  ? -4.441  -10.955 3.596   1.00 14.63 ? 36   SER A N   1 
ATOM   123  C  CA  . SER A 1 53  ? -4.745  -10.951 5.035   1.00 15.15 ? 36   SER A CA  1 
ATOM   124  C  C   . SER A 1 53  ? -4.586  -9.507  5.461   1.00 15.49 ? 36   SER A C   1 
ATOM   125  O  O   . SER A 1 53  ? -4.011  -8.668  4.718   1.00 15.64 ? 36   SER A O   1 
ATOM   126  C  CB  . SER A 1 53  ? -3.828  -11.880 5.870   1.00 15.13 ? 36   SER A CB  1 
ATOM   127  O  OG  . SER A 1 53  ? -2.443  -11.608 5.608   1.00 17.16 ? 36   SER A OG  1 
ATOM   128  N  N   . SER A 1 54  ? -5.109  -9.205  6.640   1.00 14.88 ? 37   SER A N   1 
ATOM   129  C  CA  . SER A 1 54  ? -5.103  -7.849  7.130   1.00 15.38 ? 37   SER A CA  1 
ATOM   130  C  C   . SER A 1 54  ? -5.334  -7.818  8.635   1.00 15.76 ? 37   SER A C   1 
ATOM   131  O  O   . SER A 1 54  ? -5.810  -8.788  9.233   1.00 17.46 ? 37   SER A O   1 
ATOM   132  C  CB  . SER A 1 54  ? -6.196  -7.046  6.394   1.00 15.01 ? 37   SER A CB  1 
ATOM   133  O  OG  . SER A 1 54  ? -7.485  -7.293  6.917   1.00 14.25 ? 37   SER A OG  1 
ATOM   134  N  N   . TYR A 1 55  ? -5.010  -6.703  9.255   1.00 15.94 ? 38   TYR A N   1 
ATOM   135  C  CA  . TYR A 1 55  ? -5.406  -6.484  10.634  1.00 15.32 ? 38   TYR A CA  1 
ATOM   136  C  C   . TYR A 1 55  ? -6.063  -5.099  10.641  1.00 15.71 ? 38   TYR A C   1 
ATOM   137  O  O   . TYR A 1 55  ? -5.495  -4.122  10.112  1.00 13.29 ? 38   TYR A O   1 
ATOM   138  C  CB  . TYR A 1 55  ? -4.235  -6.572  11.656  1.00 14.60 ? 38   TYR A CB  1 
ATOM   139  C  CG  . TYR A 1 55  ? -4.694  -6.008  12.980  1.00 15.39 ? 38   TYR A CG  1 
ATOM   140  C  CD1 . TYR A 1 55  ? -5.491  -6.759  13.856  1.00 12.59 ? 38   TYR A CD1 1 
ATOM   141  C  CD2 . TYR A 1 55  ? -4.414  -4.695  13.323  1.00 15.96 ? 38   TYR A CD2 1 
ATOM   142  C  CE1 . TYR A 1 55  ? -5.966  -6.215  15.019  1.00 15.27 ? 38   TYR A CE1 1 
ATOM   143  C  CE2 . TYR A 1 55  ? -4.886  -4.148  14.503  1.00 15.43 ? 38   TYR A CE2 1 
ATOM   144  C  CZ  . TYR A 1 55  ? -5.666  -4.913  15.339  1.00 17.35 ? 38   TYR A CZ  1 
ATOM   145  O  OH  . TYR A 1 55  ? -6.129  -4.341  16.514  1.00 23.83 ? 38   TYR A OH  1 
ATOM   146  N  N   . GLY A 1 56  ? -7.275  -5.038  11.198  1.00 15.19 ? 39   GLY A N   1 
ATOM   147  C  CA  . GLY A 1 56  ? -7.979  -3.773  11.303  1.00 15.43 ? 39   GLY A CA  1 
ATOM   148  C  C   . GLY A 1 56  ? -9.457  -4.060  11.237  1.00 15.03 ? 39   GLY A C   1 
ATOM   149  O  O   . GLY A 1 56  ? -10.015 -4.260  10.177  1.00 14.38 ? 39   GLY A O   1 
ATOM   150  N  N   . PRO A 1 57  ? -10.100 -4.082  12.403  1.00 15.45 ? 40   PRO A N   1 
ATOM   151  C  CA  . PRO A 1 57  ? -11.490 -4.526  12.469  1.00 14.63 ? 40   PRO A CA  1 
ATOM   152  C  C   . PRO A 1 57  ? -12.421 -3.632  11.687  1.00 14.38 ? 40   PRO A C   1 
ATOM   153  O  O   . PRO A 1 57  ? -13.413 -4.141  11.213  1.00 15.21 ? 40   PRO A O   1 
ATOM   154  C  CB  . PRO A 1 57  ? -11.800 -4.489  13.958  1.00 14.96 ? 40   PRO A CB  1 
ATOM   155  C  CG  . PRO A 1 57  ? -10.797 -3.632  14.523  1.00 15.21 ? 40   PRO A CG  1 
ATOM   156  C  CD  . PRO A 1 57  ? -9.543  -3.756  13.727  1.00 14.57 ? 40   PRO A CD  1 
ATOM   157  N  N   . ASN A 1 58  ? -12.106 -2.346  11.530  1.00 14.62 ? 41   ASN A N   1 
ATOM   158  C  CA  . ASN A 1 58  ? -13.021 -1.424  10.845  1.00 14.09 ? 41   ASN A CA  1 
ATOM   159  C  C   . ASN A 1 58  ? -12.772 -1.260  9.339   1.00 14.90 ? 41   ASN A C   1 
ATOM   160  O  O   . ASN A 1 58  ? -13.563 -0.613  8.622   1.00 16.32 ? 41   ASN A O   1 
ATOM   161  C  CB  . ASN A 1 58  ? -13.075 -0.091  11.585  1.00 12.74 ? 41   ASN A CB  1 
ATOM   162  C  CG  . ASN A 1 58  ? -13.718 -0.227  12.984  1.00 14.43 ? 41   ASN A CG  1 
ATOM   163  O  OD1 . ASN A 1 58  ? -14.635 -1.011  13.172  1.00 13.87 ? 41   ASN A OD1 1 
ATOM   164  N  ND2 . ASN A 1 58  ? -13.212 0.516   13.958  1.00 11.60 ? 41   ASN A ND2 1 
ATOM   165  N  N   . LEU A 1 59  ? -11.706 -1.889  8.857   1.00 15.66 ? 42   LEU A N   1 
ATOM   166  C  CA  . LEU A 1 59  ? -11.307 -1.797  7.461   1.00 16.44 ? 42   LEU A CA  1 
ATOM   167  C  C   . LEU A 1 59  ? -12.471 -2.135  6.528   1.00 16.53 ? 42   LEU A C   1 
ATOM   168  O  O   . LEU A 1 59  ? -13.097 -3.184  6.710   1.00 16.67 ? 42   LEU A O   1 
ATOM   169  C  CB  . LEU A 1 59  ? -10.145 -2.792  7.217   1.00 17.62 ? 42   LEU A CB  1 
ATOM   170  C  CG  . LEU A 1 59  ? -9.312  -2.808  5.893   1.00 20.23 ? 42   LEU A CG  1 
ATOM   171  C  CD1 . LEU A 1 59  ? -10.020 -3.474  4.725   1.00 23.29 ? 42   LEU A CD1 1 
ATOM   172  C  CD2 . LEU A 1 59  ? -8.908  -1.449  5.486   1.00 20.96 ? 42   LEU A CD2 1 
ATOM   173  N  N   . GLN A 1 60  ? -12.744 -1.276  5.537   1.00 15.62 ? 43   GLN A N   1 
ATOM   174  C  CA  . GLN A 1 60  ? -13.731 -1.569  4.475   1.00 16.16 ? 43   GLN A CA  1 
ATOM   175  C  C   . GLN A 1 60  ? -13.094 -1.577  3.075   1.00 15.58 ? 43   GLN A C   1 
ATOM   176  O  O   . GLN A 1 60  ? -12.191 -0.786  2.773   1.00 15.35 ? 43   GLN A O   1 
ATOM   177  C  CB  . GLN A 1 60  ? -14.885 -0.526  4.473   1.00 16.25 ? 43   GLN A CB  1 
ATOM   178  C  CG  . GLN A 1 60  ? -15.933 -0.757  5.522   1.00 20.11 ? 43   GLN A CG  1 
ATOM   179  C  CD  . GLN A 1 60  ? -17.060 0.292   5.483   1.00 24.42 ? 43   GLN A CD  1 
ATOM   180  O  OE1 . GLN A 1 60  ? -17.528 0.691   4.408   1.00 26.56 ? 43   GLN A OE1 1 
ATOM   181  N  NE2 . GLN A 1 60  ? -17.464 0.758   6.659   1.00 24.61 ? 43   GLN A NE2 1 
ATOM   182  N  N   . ILE A 1 61  ? -13.594 -2.459  2.228   1.00 16.18 ? 44   ILE A N   1 
ATOM   183  C  CA  . ILE A 1 61  ? -13.388 -2.377  0.784   1.00 16.21 ? 44   ILE A CA  1 
ATOM   184  C  C   . ILE A 1 61  ? -14.655 -1.714  0.263   1.00 16.85 ? 44   ILE A C   1 
ATOM   185  O  O   . ILE A 1 61  ? -15.754 -2.101  0.644   1.00 16.53 ? 44   ILE A O   1 
ATOM   186  C  CB  . ILE A 1 61  ? -13.222 -3.791  0.187   1.00 15.84 ? 44   ILE A CB  1 
ATOM   187  C  CG1 . ILE A 1 61  ? -11.915 -4.440  0.701   1.00 14.94 ? 44   ILE A CG1 1 
ATOM   188  C  CG2 . ILE A 1 61  ? -13.312 -3.771  -1.350  1.00 17.24 ? 44   ILE A CG2 1 
ATOM   189  C  CD1 . ILE A 1 61  ? -11.939 -5.998  0.631   1.00 17.37 ? 44   ILE A CD1 1 
ATOM   190  N  N   . PHE A 1 62  ? -14.513 -0.711  -0.594  1.00 16.61 ? 45   PHE A N   1 
ATOM   191  C  CA  . PHE A 1 62  ? -15.692 -0.046  -1.158  1.00 17.56 ? 45   PHE A CA  1 
ATOM   192  C  C   . PHE A 1 62  ? -15.339 0.342   -2.583  1.00 17.36 ? 45   PHE A C   1 
ATOM   193  O  O   . PHE A 1 62  ? -14.165 0.484   -2.936  1.00 17.76 ? 45   PHE A O   1 
ATOM   194  C  CB  . PHE A 1 62  ? -16.078 1.194   -0.335  1.00 17.45 ? 45   PHE A CB  1 
ATOM   195  C  CG  . PHE A 1 62  ? -14.950 2.162   -0.202  1.00 18.39 ? 45   PHE A CG  1 
ATOM   196  C  CD1 . PHE A 1 62  ? -14.739 3.143   -1.184  1.00 16.17 ? 45   PHE A CD1 1 
ATOM   197  C  CD2 . PHE A 1 62  ? -14.030 2.030   0.853   1.00 17.17 ? 45   PHE A CD2 1 
ATOM   198  C  CE1 . PHE A 1 62  ? -13.652 4.001   -1.088  1.00 18.63 ? 45   PHE A CE1 1 
ATOM   199  C  CE2 . PHE A 1 62  ? -12.919 2.906   0.943   1.00 16.61 ? 45   PHE A CE2 1 
ATOM   200  C  CZ  . PHE A 1 62  ? -12.740 3.872   -0.036  1.00 16.22 ? 45   PHE A CZ  1 
ATOM   201  N  N   . SER A 1 63  ? -16.366 0.582   -3.381  1.00 18.47 ? 46   SER A N   1 
ATOM   202  C  CA  . SER A 1 63  ? -16.207 0.858   -4.793  1.00 18.24 ? 46   SER A CA  1 
ATOM   203  C  C   . SER A 1 63  ? -15.929 2.341   -5.062  1.00 17.51 ? 46   SER A C   1 
ATOM   204  O  O   . SER A 1 63  ? -16.329 3.231   -4.291  1.00 17.14 ? 46   SER A O   1 
ATOM   205  C  CB  . SER A 1 63  ? -17.427 0.268   -5.549  1.00 18.73 ? 46   SER A CB  1 
ATOM   206  O  OG  . SER A 1 63  ? -18.551 1.086   -5.354  1.00 24.52 ? 46   SER A OG  1 
ATOM   207  N  N   . LEU A 1 64  ? -15.188 2.596   -6.140  1.00 16.54 ? 47   LEU A N   1 
ATOM   208  C  CA  . LEU A 1 64  ? -14.803 3.947   -6.583  1.00 16.16 ? 47   LEU A CA  1 
ATOM   209  C  C   . LEU A 1 64  ? -15.694 4.444   -7.713  1.00 16.07 ? 47   LEU A C   1 
ATOM   210  O  O   . LEU A 1 64  ? -16.162 3.651   -8.522  1.00 16.05 ? 47   LEU A O   1 
ATOM   211  C  CB  . LEU A 1 64  ? -13.339 3.969   -7.050  1.00 14.77 ? 47   LEU A CB  1 
ATOM   212  C  CG  . LEU A 1 64  ? -12.299 3.654   -5.959  1.00 14.11 ? 47   LEU A CG  1 
ATOM   213  C  CD1 . LEU A 1 64  ? -10.948 3.560   -6.588  1.00 17.34 ? 47   LEU A CD1 1 
ATOM   214  C  CD2 . LEU A 1 64  ? -12.324 4.744   -4.864  1.00 14.26 ? 47   LEU A CD2 1 
ATOM   215  N  N   . PRO A 1 65  ? -15.910 5.755   -7.790  1.00 16.37 ? 48   PRO A N   1 
ATOM   216  C  CA  . PRO A 1 65  ? -16.745 6.318   -8.871  1.00 16.64 ? 48   PRO A CA  1 
ATOM   217  C  C   . PRO A 1 65  ? -16.291 5.927   -10.300 1.00 16.75 ? 48   PRO A C   1 
ATOM   218  O  O   . PRO A 1 65  ? -17.174 5.672   -11.143 1.00 16.26 ? 48   PRO A O   1 
ATOM   219  C  CB  . PRO A 1 65  ? -16.623 7.836   -8.662  1.00 16.76 ? 48   PRO A CB  1 
ATOM   220  C  CG  . PRO A 1 65  ? -16.326 7.989   -7.157  1.00 15.27 ? 48   PRO A CG  1 
ATOM   221  C  CD  . PRO A 1 65  ? -15.426 6.796   -6.859  1.00 15.50 ? 48   PRO A CD  1 
ATOM   222  N  N   . GLY A 1 66  ? -14.978 5.877   -10.546 1.00 16.80 ? 49   GLY A N   1 
ATOM   223  C  CA  . GLY A 1 66  ? -14.437 5.623   -11.888 1.00 17.55 ? 49   GLY A CA  1 
ATOM   224  C  C   . GLY A 1 66  ? -14.312 4.143   -12.208 1.00 17.70 ? 49   GLY A C   1 
ATOM   225  O  O   . GLY A 1 66  ? -13.860 3.774   -13.305 1.00 17.63 ? 49   GLY A O   1 
ATOM   226  N  N   . GLY A 1 67  ? -14.734 3.305   -11.258 1.00 17.27 ? 50   GLY A N   1 
ATOM   227  C  CA  . GLY A 1 67  ? -14.606 1.863   -11.377 1.00 18.18 ? 50   GLY A CA  1 
ATOM   228  C  C   . GLY A 1 67  ? -13.549 1.355   -10.413 1.00 17.59 ? 50   GLY A C   1 
ATOM   229  O  O   . GLY A 1 67  ? -12.689 2.110   -9.963  1.00 18.18 ? 50   GLY A O   1 
ATOM   230  N  N   . GLY A 1 68  ? -13.607 0.067   -10.110 1.00 18.04 ? 51   GLY A N   1 
ATOM   231  C  CA  . GLY A 1 68  ? -12.701 -0.523  -9.135  1.00 16.92 ? 51   GLY A CA  1 
ATOM   232  C  C   . GLY A 1 68  ? -13.108 -0.179  -7.708  1.00 16.95 ? 51   GLY A C   1 
ATOM   233  O  O   . GLY A 1 68  ? -14.211 0.324   -7.429  1.00 16.17 ? 51   GLY A O   1 
ATOM   234  N  N   . SER A 1 69  ? -12.206 -0.497  -6.791  1.00 17.30 ? 52   SER A N   1 
ATOM   235  C  CA  . SER A 1 69  ? -12.468 -0.432  -5.361  1.00 16.99 ? 52   SER A CA  1 
ATOM   236  C  C   . SER A 1 69  ? -11.224 0.160   -4.715  1.00 16.50 ? 52   SER A C   1 
ATOM   237  O  O   . SER A 1 69  ? -10.210 0.368   -5.382  1.00 16.36 ? 52   SER A O   1 
ATOM   238  C  CB  . SER A 1 69  ? -12.752 -1.853  -4.826  1.00 16.60 ? 52   SER A CB  1 
ATOM   239  O  OG  . SER A 1 69  ? -13.987 -2.330  -5.356  1.00 18.45 ? 52   SER A OG  1 
ATOM   240  N  N   . ALA A 1 70  ? -11.325 0.463   -3.441  1.00 15.34 ? 53   ALA A N   1 
ATOM   241  C  CA  . ALA A 1 70  ? -10.237 1.020   -2.658  1.00 16.06 ? 53   ALA A CA  1 
ATOM   242  C  C   . ALA A 1 70  ? -10.497 0.508   -1.235  1.00 15.97 ? 53   ALA A C   1 
ATOM   243  O  O   . ALA A 1 70  ? -11.590 -0.037  -0.941  1.00 15.56 ? 53   ALA A O   1 
ATOM   244  C  CB  . ALA A 1 70  ? -10.282 2.544   -2.703  1.00 15.35 ? 53   ALA A CB  1 
ATOM   245  N  N   . ILE A 1 71  ? -9.476  0.619   -0.387  1.00 15.43 ? 54   ILE A N   1 
ATOM   246  C  CA  . ILE A 1 71  ? -9.612  0.330   1.029   1.00 13.81 ? 54   ILE A CA  1 
ATOM   247  C  C   . ILE A 1 71  ? -9.677  1.612   1.857   1.00 13.11 ? 54   ILE A C   1 
ATOM   248  O  O   . ILE A 1 71  ? -9.129  2.638   1.485   1.00 13.03 ? 54   ILE A O   1 
ATOM   249  C  CB  . ILE A 1 71  ? -8.488  -0.624  1.531   1.00 13.28 ? 54   ILE A CB  1 
ATOM   250  C  CG1 . ILE A 1 71  ? -7.091  0.006   1.452   1.00 14.32 ? 54   ILE A CG1 1 
ATOM   251  C  CG2 . ILE A 1 71  ? -8.583  -2.027  0.810   1.00 11.64 ? 54   ILE A CG2 1 
ATOM   252  C  CD1 . ILE A 1 71  ? -6.043  -0.887  2.136   1.00 13.30 ? 54   ILE A CD1 1 
ATOM   253  N  N   . GLY A 1 72  ? -10.362 1.548   2.990   1.00 12.86 ? 55   GLY A N   1 
ATOM   254  C  CA  . GLY A 1 72  ? -10.575 2.737   3.787   1.00 11.70 ? 55   GLY A CA  1 
ATOM   255  C  C   . GLY A 1 72  ? -11.129 2.379   5.131   1.00 12.62 ? 55   GLY A C   1 
ATOM   256  O  O   . GLY A 1 72  ? -11.177 1.191   5.498   1.00 11.75 ? 55   GLY A O   1 
ATOM   257  N  N   . TYR A 1 73  ? -11.570 3.405   5.863   1.00 12.77 ? 56   TYR A N   1 
ATOM   258  C  CA  . TYR A 1 73  ? -11.877 3.283   7.292   0.50 12.08 ? 56   TYR A CA  1 
ATOM   259  C  C   . TYR A 1 73  ? -10.697 2.643   8.017   1.00 13.97 ? 56   TYR A C   1 
ATOM   260  O  O   . TYR A 1 73  ? -10.838 1.751   8.902   1.00 13.82 ? 56   TYR A O   1 
ATOM   261  C  CB  . TYR A 1 73  ? -13.195 2.561   7.530   0.50 10.91 ? 56   TYR A CB  1 
ATOM   262  C  CG  . TYR A 1 73  ? -14.345 3.267   6.877   0.50 8.06  ? 56   TYR A CG  1 
ATOM   263  C  CD1 . TYR A 1 73  ? -14.592 3.083   5.543   0.50 3.97  ? 56   TYR A CD1 1 
ATOM   264  C  CD2 . TYR A 1 73  ? -15.177 4.152   7.593   0.50 7.29  ? 56   TYR A CD2 1 
ATOM   265  C  CE1 . TYR A 1 73  ? -15.621 3.709   4.913   0.50 4.12  ? 56   TYR A CE1 1 
ATOM   266  C  CE2 . TYR A 1 73  ? -16.228 4.807   6.942   0.50 3.40  ? 56   TYR A CE2 1 
ATOM   267  C  CZ  . TYR A 1 73  ? -16.435 4.553   5.603   0.50 6.31  ? 56   TYR A CZ  1 
ATOM   268  O  OH  . TYR A 1 73  ? -17.440 5.149   4.888   0.50 12.72 ? 56   TYR A OH  1 
ATOM   269  N  N   . ILE A 1 74  ? -9.520  3.134   7.629   1.00 14.77 ? 57   ILE A N   1 
ATOM   270  C  CA  . ILE A 1 74  ? -8.248  2.752   8.247   1.00 15.81 ? 57   ILE A CA  1 
ATOM   271  C  C   . ILE A 1 74  ? -7.905  3.586   9.501   1.00 16.41 ? 57   ILE A C   1 
ATOM   272  O  O   . ILE A 1 74  ? -8.184  4.773   9.570   1.00 16.87 ? 57   ILE A O   1 
ATOM   273  C  CB  . ILE A 1 74  ? -7.124  2.779   7.160   1.00 15.13 ? 57   ILE A CB  1 
ATOM   274  C  CG1 . ILE A 1 74  ? -7.291  1.569   6.217   1.00 16.62 ? 57   ILE A CG1 1 
ATOM   275  C  CG2 . ILE A 1 74  ? -5.722  2.806   7.799   1.00 13.76 ? 57   ILE A CG2 1 
ATOM   276  C  CD1 . ILE A 1 74  ? -6.538  1.692   4.857   1.00 14.95 ? 57   ILE A CD1 1 
ATOM   277  N  N   . GLU A 1 75  ? -7.332  2.921   10.500  1.00 17.14 ? 58   GLU A N   1 
ATOM   278  C  CA  . GLU A 1 75  ? -6.880  3.556   11.738  1.00 17.12 ? 58   GLU A CA  1 
ATOM   279  C  C   . GLU A 1 75  ? -5.413  3.164   12.041  1.00 17.19 ? 58   GLU A C   1 
ATOM   280  O  O   . GLU A 1 75  ? -4.887  2.205   11.458  1.00 16.96 ? 58   GLU A O   1 
ATOM   281  C  CB  . GLU A 1 75  ? -7.812  3.162   12.894  1.00 16.87 ? 58   GLU A CB  1 
ATOM   282  C  CG  . GLU A 1 75  ? -9.283  3.111   12.447  1.00 16.54 ? 58   GLU A CG  1 
ATOM   283  C  CD  . GLU A 1 75  ? -10.229 2.917   13.584  1.00 18.26 ? 58   GLU A CD  1 
ATOM   284  O  OE1 . GLU A 1 75  ? -9.731  2.993   14.713  1.00 18.18 ? 58   GLU A OE1 1 
ATOM   285  O  OE2 . GLU A 1 75  ? -11.447 2.661   13.352  1.00 18.11 ? 58   GLU A OE2 1 
ATOM   286  N  N   . ASN A 1 76  ? -4.775  3.922   12.932  1.00 16.57 ? 59   ASN A N   1 
ATOM   287  C  CA  . ASN A 1 76  ? -3.411  3.651   13.387  1.00 16.91 ? 59   ASN A CA  1 
ATOM   288  C  C   . ASN A 1 76  ? -3.177  2.169   13.742  1.00 16.57 ? 59   ASN A C   1 
ATOM   289  O  O   . ASN A 1 76  ? -3.932  1.594   14.537  1.00 14.95 ? 59   ASN A O   1 
ATOM   290  C  CB  . ASN A 1 76  ? -3.123  4.503   14.639  1.00 17.78 ? 59   ASN A CB  1 
ATOM   291  C  CG  . ASN A 1 76  ? -1.664  4.433   15.087  1.00 19.24 ? 59   ASN A CG  1 
ATOM   292  O  OD1 . ASN A 1 76  ? -1.369  4.503   16.276  1.00 27.37 ? 59   ASN A OD1 1 
ATOM   293  N  ND2 . ASN A 1 76  ? -0.765  4.340   14.158  1.00 17.42 ? 59   ASN A ND2 1 
ATOM   294  N  N   . GLY A 1 77  ? -2.140  1.561   13.168  1.00 15.27 ? 60   GLY A N   1 
ATOM   295  C  CA  . GLY A 1 77  ? -1.793  0.211   13.565  1.00 15.98 ? 60   GLY A CA  1 
ATOM   296  C  C   . GLY A 1 77  ? -2.476  -0.853  12.707  1.00 15.78 ? 60   GLY A C   1 
ATOM   297  O  O   . GLY A 1 77  ? -2.217  -2.074  12.872  1.00 15.34 ? 60   GLY A O   1 
ATOM   298  N  N   . TYR A 1 78  ? -3.343  -0.405  11.790  1.00 15.25 ? 61   TYR A N   1 
ATOM   299  C  CA  . TYR A 1 78  ? -3.948  -1.331  10.820  1.00 15.81 ? 61   TYR A CA  1 
ATOM   300  C  C   . TYR A 1 78  ? -2.863  -1.713  9.807   1.00 15.61 ? 61   TYR A C   1 
ATOM   301  O  O   . TYR A 1 78  ? -1.916  -0.961  9.614   1.00 14.85 ? 61   TYR A O   1 
ATOM   302  C  CB  . TYR A 1 78  ? -5.115  -0.685  10.081  1.00 15.95 ? 61   TYR A CB  1 
ATOM   303  C  CG  . TYR A 1 78  ? -6.457  -0.641  10.809  1.00 14.69 ? 61   TYR A CG  1 
ATOM   304  C  CD1 . TYR A 1 78  ? -6.544  -0.649  12.228  1.00 12.64 ? 61   TYR A CD1 1 
ATOM   305  C  CD2 . TYR A 1 78  ? -7.637  -0.575  10.074  1.00 14.42 ? 61   TYR A CD2 1 
ATOM   306  C  CE1 . TYR A 1 78  ? -7.792  -0.579  12.881  1.00 13.94 ? 61   TYR A CE1 1 
ATOM   307  C  CE2 . TYR A 1 78  ? -8.907  -0.510  10.722  1.00 13.24 ? 61   TYR A CE2 1 
ATOM   308  C  CZ  . TYR A 1 78  ? -8.974  -0.510  12.106  1.00 15.69 ? 61   TYR A CZ  1 
ATOM   309  O  OH  . TYR A 1 78  ? -10.228 -0.490  12.702  1.00 16.62 ? 61   TYR A OH  1 
ATOM   310  N  N   . SER A 1 79  ? -3.007  -2.884  9.183   1.00 15.79 ? 62   SER A N   1 
ATOM   311  C  CA  . SER A 1 79  ? -2.088  -3.336  8.118   1.00 14.94 ? 62   SER A CA  1 
ATOM   312  C  C   . SER A 1 79  ? -2.780  -4.243  7.118   1.00 14.85 ? 62   SER A C   1 
ATOM   313  O  O   . SER A 1 79  ? -3.783  -4.886  7.455   1.00 14.61 ? 62   SER A O   1 
ATOM   314  C  CB  . SER A 1 79  ? -0.844  -4.043  8.687   1.00 14.15 ? 62   SER A CB  1 
ATOM   315  O  OG  . SER A 1 79  ? -1.184  -5.054  9.600   1.00 14.26 ? 62   SER A OG  1 
ATOM   316  N  N   . THR A 1 80  ? -2.253  -4.276  5.882   1.00 14.24 ? 63   THR A N   1 
ATOM   317  C  CA  . THR A 1 80  ? -2.638  -5.321  4.932   1.00 13.49 ? 63   THR A CA  1 
ATOM   318  C  C   . THR A 1 80  ? -1.406  -6.052  4.346   1.00 13.22 ? 63   THR A C   1 
ATOM   319  O  O   . THR A 1 80  ? -0.339  -5.465  4.212   1.00 12.84 ? 63   THR A O   1 
ATOM   320  C  CB  . THR A 1 80  ? -3.559  -4.760  3.827   1.00 13.22 ? 63   THR A CB  1 
ATOM   321  O  OG1 . THR A 1 80  ? -2.957  -3.602  3.275   1.00 12.17 ? 63   THR A OG1 1 
ATOM   322  C  CG2 . THR A 1 80  ? -4.910  -4.239  4.414   1.00 11.95 ? 63   THR A CG2 1 
ATOM   323  N  N   . THR A 1 81  ? -1.568  -7.329  4.023   1.00 12.54 ? 64   THR A N   1 
ATOM   324  C  CA  . THR A 1 81  ? -0.494  -8.145  3.464   1.00 12.97 ? 64   THR A CA  1 
ATOM   325  C  C   . THR A 1 81  ? -0.875  -8.551  2.038   1.00 14.04 ? 64   THR A C   1 
ATOM   326  O  O   . THR A 1 81  ? -2.051  -8.878  1.775   1.00 13.21 ? 64   THR A O   1 
ATOM   327  C  CB  . THR A 1 81  ? -0.244  -9.398  4.345   1.00 13.62 ? 64   THR A CB  1 
ATOM   328  O  OG1 . THR A 1 81  ? 0.268   -8.978  5.627   1.00 14.06 ? 64   THR A OG1 1 
ATOM   329  C  CG2 . THR A 1 81  ? 0.865   -10.315 3.730   1.00 11.47 ? 64   THR A CG2 1 
ATOM   330  N  N   . TYR A 1 82  ? 0.119   -8.514  1.139   1.00 13.52 ? 65   TYR A N   1 
ATOM   331  C  CA  . TYR A 1 82  ? -0.040  -8.897  -0.257  1.00 14.45 ? 65   TYR A CA  1 
ATOM   332  C  C   . TYR A 1 82  ? 0.980   -9.986  -0.516  1.00 15.42 ? 65   TYR A C   1 
ATOM   333  O  O   . TYR A 1 82  ? 2.194   -9.752  -0.495  1.00 15.95 ? 65   TYR A O   1 
ATOM   334  C  CB  . TYR A 1 82  ? 0.123   -7.646  -1.177  1.00 13.54 ? 65   TYR A CB  1 
ATOM   335  C  CG  . TYR A 1 82  ? -0.809  -6.511  -0.720  1.00 15.41 ? 65   TYR A CG  1 
ATOM   336  C  CD1 . TYR A 1 82  ? -0.480  -5.691  0.376   1.00 14.24 ? 65   TYR A CD1 1 
ATOM   337  C  CD2 . TYR A 1 82  ? -2.039  -6.317  -1.341  1.00 15.57 ? 65   TYR A CD2 1 
ATOM   338  C  CE1 . TYR A 1 82  ? -1.366  -4.696  0.846   1.00 12.47 ? 65   TYR A CE1 1 
ATOM   339  C  CE2 . TYR A 1 82  ? -2.907  -5.326  -0.917  1.00 14.20 ? 65   TYR A CE2 1 
ATOM   340  C  CZ  . TYR A 1 82  ? -2.564  -4.521  0.168   1.00 14.78 ? 65   TYR A CZ  1 
ATOM   341  O  OH  . TYR A 1 82  ? -3.449  -3.575  0.578   1.00 12.73 ? 65   TYR A OH  1 
ATOM   342  N  N   . LYS A 1 83  ? 0.476   -11.197 -0.701  1.00 15.52 ? 66   LYS A N   1 
ATOM   343  C  CA  . LYS A 1 83  ? 1.308   -12.404 -0.778  1.00 15.40 ? 66   LYS A CA  1 
ATOM   344  C  C   . LYS A 1 83  ? 2.010   -12.479 -2.130  1.00 15.02 ? 66   LYS A C   1 
ATOM   345  O  O   . LYS A 1 83  ? 1.448   -12.078 -3.126  1.00 15.38 ? 66   LYS A O   1 
ATOM   346  C  CB  . LYS A 1 83  ? 0.417   -13.644 -0.621  1.00 15.41 ? 66   LYS A CB  1 
ATOM   347  C  CG  . LYS A 1 83  ? 0.425   -14.246 0.794   1.00 16.45 ? 66   LYS A CG  1 
ATOM   348  C  CD  . LYS A 1 83  ? 1.574   -15.272 0.769   1.00 20.35 ? 66   LYS A CD  1 
ATOM   349  C  CE  . LYS A 1 83  ? 1.942   -15.712 2.075   1.00 21.67 ? 66   LYS A CE  1 
ATOM   350  N  NZ  . LYS A 1 83  ? 3.359   -16.035 2.057   1.00 20.93 ? 66   LYS A NZ  1 
ATOM   351  N  N   . ASN A 1 84  ? 3.251   -12.954 -2.116  1.00 16.03 ? 67   ASN A N   1 
ATOM   352  C  CA  . ASN A 1 84  ? 4.007   -13.365 -3.318  1.00 16.33 ? 67   ASN A CA  1 
ATOM   353  C  C   . ASN A 1 84  ? 4.089   -12.309 -4.430  1.00 16.57 ? 67   ASN A C   1 
ATOM   354  O  O   . ASN A 1 84  ? 3.668   -12.548 -5.574  1.00 17.71 ? 67   ASN A O   1 
ATOM   355  C  CB  . ASN A 1 84  ? 3.460   -14.692 -3.883  1.00 16.39 ? 67   ASN A CB  1 
ATOM   356  C  CG  . ASN A 1 84  ? 3.612   -15.862 -2.925  1.00 17.95 ? 67   ASN A CG  1 
ATOM   357  O  OD1 . ASN A 1 84  ? 2.751   -16.718 -2.859  1.00 24.95 ? 67   ASN A OD1 1 
ATOM   358  N  ND2 . ASN A 1 84  ? 4.690   -15.904 -2.196  1.00 16.11 ? 67   ASN A ND2 1 
ATOM   359  N  N   . ILE A 1 85  ? 4.617   -11.137 -4.095  1.00 16.09 ? 68   ILE A N   1 
ATOM   360  C  CA  . ILE A 1 85  ? 4.829   -10.092 -5.084  1.00 14.96 ? 68   ILE A CA  1 
ATOM   361  C  C   . ILE A 1 85  ? 6.209   -10.277 -5.689  1.00 15.35 ? 68   ILE A C   1 
ATOM   362  O  O   . ILE A 1 85  ? 7.205   -10.383 -4.962  1.00 15.16 ? 68   ILE A O   1 
ATOM   363  C  CB  . ILE A 1 85  ? 4.701   -8.684  -4.432  1.00 15.11 ? 68   ILE A CB  1 
ATOM   364  C  CG1 . ILE A 1 85  ? 3.365   -8.537  -3.716  1.00 14.40 ? 68   ILE A CG1 1 
ATOM   365  C  CG2 . ILE A 1 85  ? 4.874   -7.571  -5.514  1.00 12.70 ? 68   ILE A CG2 1 
ATOM   366  C  CD1 . ILE A 1 85  ? 2.137   -8.627  -4.648  1.00 11.98 ? 68   ILE A CD1 1 
ATOM   367  N  N   . ASP A 1 86  ? 6.296   -10.346 -7.005  1.00 14.82 ? 69   ASP A N   1 
ATOM   368  C  CA  . ASP A 1 86  ? 7.612   -10.559 -7.646  1.00 16.10 ? 69   ASP A CA  1 
ATOM   369  C  C   . ASP A 1 86  ? 8.335   -9.235  -7.875  1.00 15.62 ? 69   ASP A C   1 
ATOM   370  O  O   . ASP A 1 86  ? 8.022   -8.485  -8.818  1.00 15.46 ? 69   ASP A O   1 
ATOM   371  C  CB  . ASP A 1 86  ? 7.442   -11.329 -8.953  1.00 16.56 ? 69   ASP A CB  1 
ATOM   372  C  CG  . ASP A 1 86  ? 8.741   -11.981 -9.466  1.00 19.71 ? 69   ASP A CG  1 
ATOM   373  O  OD1 . ASP A 1 86  ? 9.845   -11.693 -8.960  1.00 17.03 ? 69   ASP A OD1 1 
ATOM   374  O  OD2 . ASP A 1 86  ? 8.714   -12.831 -10.397 1.00 25.17 ? 69   ASP A OD2 1 
ATOM   375  N  N   . PHE A 1 87  ? 9.332   -8.959  -7.034  1.00 15.45 ? 70   PHE A N   1 
ATOM   376  C  CA  . PHE A 1 87  ? 10.146  -7.750  -7.198  1.00 15.24 ? 70   PHE A CA  1 
ATOM   377  C  C   . PHE A 1 87  ? 11.260  -7.964  -8.220  1.00 15.52 ? 70   PHE A C   1 
ATOM   378  O  O   . PHE A 1 87  ? 12.139  -7.117  -8.391  1.00 15.68 ? 70   PHE A O   1 
ATOM   379  C  CB  . PHE A 1 87  ? 10.717  -7.302  -5.838  1.00 15.87 ? 70   PHE A CB  1 
ATOM   380  C  CG  . PHE A 1 87  ? 9.717   -6.589  -4.972  1.00 13.74 ? 70   PHE A CG  1 
ATOM   381  C  CD1 . PHE A 1 87  ? 8.741   -7.310  -4.280  1.00 18.18 ? 70   PHE A CD1 1 
ATOM   382  C  CD2 . PHE A 1 87  ? 9.720   -5.213  -4.891  1.00 14.53 ? 70   PHE A CD2 1 
ATOM   383  C  CE1 . PHE A 1 87  ? 7.791   -6.655  -3.465  1.00 18.48 ? 70   PHE A CE1 1 
ATOM   384  C  CE2 . PHE A 1 87  ? 8.798   -4.535  -4.096  1.00 16.08 ? 70   PHE A CE2 1 
ATOM   385  C  CZ  . PHE A 1 87  ? 7.828   -5.233  -3.403  1.00 16.78 ? 70   PHE A CZ  1 
ATOM   386  N  N   . GLY A 1 88  ? 11.253  -9.135  -8.857  1.00 15.72 ? 71   GLY A N   1 
ATOM   387  C  CA  . GLY A 1 88  ? 12.207  -9.443  -9.914  1.00 15.80 ? 71   GLY A CA  1 
ATOM   388  C  C   . GLY A 1 88  ? 13.622  -9.172  -9.467  1.00 15.43 ? 71   GLY A C   1 
ATOM   389  O  O   . GLY A 1 88  ? 14.046  -9.673  -8.445  1.00 15.26 ? 71   GLY A O   1 
ATOM   390  N  N   . ASP A 1 89  ? 14.320  -8.334  -10.223 1.00 15.65 ? 72   ASP A N   1 
ATOM   391  C  CA  . ASP A 1 89  ? 15.733  -8.039  -9.987  1.00 15.81 ? 72   ASP A CA  1 
ATOM   392  C  C   . ASP A 1 89  ? 16.006  -6.708  -9.327  1.00 15.88 ? 72   ASP A C   1 
ATOM   393  O  O   . ASP A 1 89  ? 17.156  -6.249  -9.303  1.00 17.47 ? 72   ASP A O   1 
ATOM   394  C  CB  . ASP A 1 89  ? 16.526  -8.164  -11.285 1.00 15.17 ? 72   ASP A CB  1 
ATOM   395  C  CG  . ASP A 1 89  ? 16.535  -9.572  -11.791 1.00 15.31 ? 72   ASP A CG  1 
ATOM   396  O  OD1 . ASP A 1 89  ? 16.160  -10.478 -10.986 1.00 15.76 ? 72   ASP A OD1 1 
ATOM   397  O  OD2 . ASP A 1 89  ? 16.849  -9.855  -12.968 1.00 12.89 ? 72   ASP A OD2 1 
ATOM   398  N  N   . GLY A 1 90  ? 14.980  -6.099  -8.757  1.00 16.34 ? 73   GLY A N   1 
ATOM   399  C  CA  . GLY A 1 90  ? 15.204  -4.936  -7.897  1.00 17.21 ? 73   GLY A CA  1 
ATOM   400  C  C   . GLY A 1 90  ? 14.167  -3.851  -8.052  1.00 17.41 ? 73   GLY A C   1 
ATOM   401  O  O   . GLY A 1 90  ? 13.819  -3.471  -9.165  1.00 16.89 ? 73   GLY A O   1 
ATOM   402  N  N   . ALA A 1 91  ? 13.632  -3.387  -6.927  1.00 16.99 ? 74   ALA A N   1 
ATOM   403  C  CA  . ALA A 1 91  ? 12.843  -2.167  -6.923  1.00 16.41 ? 74   ALA A CA  1 
ATOM   404  C  C   . ALA A 1 91  ? 13.332  -1.288  -5.795  1.00 16.68 ? 74   ALA A C   1 
ATOM   405  O  O   . ALA A 1 91  ? 13.643  -1.781  -4.688  1.00 15.65 ? 74   ALA A O   1 
ATOM   406  C  CB  . ALA A 1 91  ? 11.383  -2.485  -6.766  1.00 16.70 ? 74   ALA A CB  1 
ATOM   407  N  N   . THR A 1 92  ? 13.409  0.016   -6.070  1.00 16.46 ? 75   THR A N   1 
ATOM   408  C  CA  . THR A 1 92  ? 13.884  0.981   -5.085  1.00 17.22 ? 75   THR A CA  1 
ATOM   409  C  C   . THR A 1 92  ? 12.931  2.151   -4.867  1.00 17.00 ? 75   THR A C   1 
ATOM   410  O  O   . THR A 1 92  ? 13.293  3.105   -4.200  1.00 17.99 ? 75   THR A O   1 
ATOM   411  C  CB  . THR A 1 92  ? 15.295  1.534   -5.456  1.00 17.81 ? 75   THR A CB  1 
ATOM   412  O  OG1 . THR A 1 92  ? 15.238  2.182   -6.737  1.00 18.72 ? 75   THR A OG1 1 
ATOM   413  C  CG2 . THR A 1 92  ? 16.298  0.389   -5.636  1.00 17.97 ? 75   THR A CG2 1 
ATOM   414  N  N   . SER A 1 93  ? 11.717  2.062   -5.399  1.00 17.53 ? 76   SER A N   1 
ATOM   415  C  CA  . SER A 1 93  ? 10.700  3.107   -5.222  1.00 17.55 ? 76   SER A CA  1 
ATOM   416  C  C   . SER A 1 93  ? 9.303   2.468   -5.156  1.00 17.49 ? 76   SER A C   1 
ATOM   417  O  O   . SER A 1 93  ? 9.046   1.499   -5.854  1.00 18.02 ? 76   SER A O   1 
ATOM   418  C  CB  . SER A 1 93  ? 10.762  4.099   -6.414  1.00 17.82 ? 76   SER A CB  1 
ATOM   419  O  OG  . SER A 1 93  ? 9.856   5.177   -6.220  1.00 23.09 ? 76   SER A OG  1 
ATOM   420  N  N   . VAL A 1 94  ? 8.418   3.009   -4.321  1.00 16.77 ? 77   VAL A N   1 
ATOM   421  C  CA  . VAL A 1 94  ? 7.015   2.612   -4.250  1.00 17.35 ? 77   VAL A CA  1 
ATOM   422  C  C   . VAL A 1 94  ? 6.176   3.865   -4.547  1.00 17.65 ? 77   VAL A C   1 
ATOM   423  O  O   . VAL A 1 94  ? 6.580   4.975   -4.178  1.00 18.78 ? 77   VAL A O   1 
ATOM   424  C  CB  . VAL A 1 94  ? 6.628   2.038   -2.822  1.00 16.73 ? 77   VAL A CB  1 
ATOM   425  C  CG1 . VAL A 1 94  ? 6.764   3.104   -1.710  1.00 16.52 ? 77   VAL A CG1 1 
ATOM   426  C  CG2 . VAL A 1 94  ? 5.216   1.431   -2.802  1.00 17.68 ? 77   VAL A CG2 1 
ATOM   427  N  N   . THR A 1 95  ? 5.036   3.677   -5.207  1.00 17.20 ? 78   THR A N   1 
ATOM   428  C  CA  . THR A 1 95  ? 4.042   4.727   -5.473  1.00 17.79 ? 78   THR A CA  1 
ATOM   429  C  C   . THR A 1 95  ? 2.678   4.201   -5.046  1.00 17.55 ? 78   THR A C   1 
ATOM   430  O  O   . THR A 1 95  ? 2.310   3.111   -5.402  1.00 18.11 ? 78   THR A O   1 
ATOM   431  C  CB  . THR A 1 95  ? 3.975   5.080   -6.988  1.00 18.12 ? 78   THR A CB  1 
ATOM   432  O  OG1 . THR A 1 95  ? 5.245   5.551   -7.430  1.00 19.09 ? 78   THR A OG1 1 
ATOM   433  C  CG2 . THR A 1 95  ? 3.044   6.268   -7.247  1.00 16.99 ? 78   THR A CG2 1 
ATOM   434  N  N   . ALA A 1 96  ? 1.944   4.972   -4.257  1.00 17.96 ? 79   ALA A N   1 
ATOM   435  C  CA  . ALA A 1 96  ? 0.606   4.581   -3.835  1.00 18.02 ? 79   ALA A CA  1 
ATOM   436  C  C   . ALA A 1 96  ? -0.393  5.674   -4.254  1.00 18.90 ? 79   ALA A C   1 
ATOM   437  O  O   . ALA A 1 96  ? -0.105  6.887   -4.130  1.00 18.87 ? 79   ALA A O   1 
ATOM   438  C  CB  . ALA A 1 96  ? 0.585   4.359   -2.308  1.00 17.81 ? 79   ALA A CB  1 
ATOM   439  N  N   . ARG A 1 97  ? -1.545  5.245   -4.785  1.00 17.74 ? 80   ARG A N   1 
ATOM   440  C  CA  . ARG A 1 97  ? -2.631  6.155   -5.084  1.00 17.39 ? 80   ARG A CA  1 
ATOM   441  C  C   . ARG A 1 97  ? -3.548  6.236   -3.852  1.00 17.57 ? 80   ARG A C   1 
ATOM   442  O  O   . ARG A 1 97  ? -4.242  5.271   -3.515  1.00 16.64 ? 80   ARG A O   1 
ATOM   443  C  CB  . ARG A 1 97  ? -3.377  5.700   -6.332  1.00 17.24 ? 80   ARG A CB  1 
ATOM   444  C  CG  . ARG A 1 97  ? -4.441  6.693   -6.765  1.00 18.17 ? 80   ARG A CG  1 
ATOM   445  C  CD  . ARG A 1 97  ? -5.060  6.383   -8.114  1.00 19.31 ? 80   ARG A CD  1 
ATOM   446  N  NE  . ARG A 1 97  ? -6.012  7.414   -8.554  1.00 20.19 ? 80   ARG A NE  1 
ATOM   447  C  CZ  . ARG A 1 97  ? -5.686  8.658   -8.931  1.00 23.34 ? 80   ARG A CZ  1 
ATOM   448  N  NH1 . ARG A 1 97  ? -4.410  9.081   -8.911  1.00 21.14 ? 80   ARG A NH1 1 
ATOM   449  N  NH2 . ARG A 1 97  ? -6.644  9.496   -9.323  1.00 22.25 ? 80   ARG A NH2 1 
ATOM   450  N  N   . VAL A 1 98  ? -3.500  7.381   -3.165  1.00 17.88 ? 81   VAL A N   1 
ATOM   451  C  CA  . VAL A 1 98  ? -4.092  7.538   -1.829  1.00 18.13 ? 81   VAL A CA  1 
ATOM   452  C  C   . VAL A 1 98  ? -4.916  8.820   -1.713  1.00 19.00 ? 81   VAL A C   1 
ATOM   453  O  O   . VAL A 1 98  ? -4.772  9.771   -2.516  1.00 20.18 ? 81   VAL A O   1 
ATOM   454  C  CB  . VAL A 1 98  ? -3.022  7.557   -0.725  1.00 19.09 ? 81   VAL A CB  1 
ATOM   455  C  CG1 . VAL A 1 98  ? -2.302  6.187   -0.648  1.00 17.58 ? 81   VAL A CG1 1 
ATOM   456  C  CG2 . VAL A 1 98  ? -2.017  8.706   -0.945  1.00 17.68 ? 81   VAL A CG2 1 
ATOM   457  N  N   . ALA A 1 99  ? -5.797  8.835   -0.722  1.00 18.59 ? 82   ALA A N   1 
ATOM   458  C  CA  . ALA A 1 99  ? -6.665  9.974   -0.464  1.00 18.46 ? 82   ALA A CA  1 
ATOM   459  C  C   . ALA A 1 99  ? -6.823  10.120  1.051   1.00 19.24 ? 82   ALA A C   1 
ATOM   460  O  O   . ALA A 1 99  ? -7.088  9.141   1.757   1.00 19.06 ? 82   ALA A O   1 
ATOM   461  C  CB  . ALA A 1 99  ? -8.007  9.770   -1.117  1.00 17.80 ? 82   ALA A CB  1 
ATOM   462  N  N   . THR A 1 100 ? -6.669  11.339  1.543   1.00 19.15 ? 83   THR A N   1 
ATOM   463  C  CA  . THR A 1 100 ? -6.820  11.575  2.972   1.00 20.00 ? 83   THR A CA  1 
ATOM   464  C  C   . THR A 1 100 ? -7.009  13.061  3.304   1.00 19.89 ? 83   THR A C   1 
ATOM   465  O  O   . THR A 1 100 ? -6.623  13.940  2.530   1.00 18.15 ? 83   THR A O   1 
ATOM   466  C  CB  . THR A 1 100 ? -5.607  10.997  3.756   1.00 20.24 ? 83   THR A CB  1 
ATOM   467  O  OG1 . THR A 1 100 ? -5.881  11.046  5.163   1.00 20.15 ? 83   THR A OG1 1 
ATOM   468  C  CG2 . THR A 1 100 ? -4.357  11.885  3.575   1.00 19.58 ? 83   THR A CG2 1 
ATOM   469  N  N   . GLN A 1 101 ? -7.579  13.327  4.472   1.00 20.27 ? 84   GLN A N   1 
ATOM   470  C  CA  . GLN A 1 101 ? -7.829  14.703  4.871   1.00 21.55 ? 84   GLN A CA  1 
ATOM   471  C  C   . GLN A 1 101 ? -6.741  15.199  5.826   1.00 21.87 ? 84   GLN A C   1 
ATOM   472  O  O   . GLN A 1 101 ? -6.719  16.393  6.165   1.00 22.30 ? 84   GLN A O   1 
ATOM   473  C  CB  . GLN A 1 101 ? -9.227  14.852  5.510   1.00 22.14 ? 84   GLN A CB  1 
ATOM   474  C  CG  . GLN A 1 101 ? -10.374 14.558  4.548   1.00 22.38 ? 84   GLN A CG  1 
ATOM   475  C  CD  . GLN A 1 101 ? -11.768 14.807  5.119   1.00 25.80 ? 84   GLN A CD  1 
ATOM   476  O  OE1 . GLN A 1 101 ? -11.958 14.945  6.326   1.00 27.93 ? 84   GLN A OE1 1 
ATOM   477  N  NE2 . GLN A 1 101 ? -12.748 14.827  4.242   1.00 28.50 ? 84   GLN A NE2 1 
ATOM   478  N  N   . ASN A 1 102 ? -5.871  14.282  6.271   1.00 21.41 ? 85   ASN A N   1 
ATOM   479  C  CA  . ASN A 1 102 ? -4.784  14.589  7.223   1.00 21.51 ? 85   ASN A CA  1 
ATOM   480  C  C   . ASN A 1 102 ? -3.531  13.774  6.912   1.00 21.26 ? 85   ASN A C   1 
ATOM   481  O  O   . ASN A 1 102 ? -3.610  12.564  6.611   1.00 21.13 ? 85   ASN A O   1 
ATOM   482  C  CB  . ASN A 1 102 ? -5.184  14.327  8.669   1.00 20.96 ? 85   ASN A CB  1 
ATOM   483  C  CG  . ASN A 1 102 ? -6.319  15.205  9.133   1.00 22.60 ? 85   ASN A CG  1 
ATOM   484  O  OD1 . ASN A 1 102 ? -6.105  16.355  9.581   1.00 22.39 ? 85   ASN A OD1 1 
ATOM   485  N  ND2 . ASN A 1 102 ? -7.541  14.680  9.044   1.00 19.77 ? 85   ASN A ND2 1 
ATOM   486  N  N   . ALA A 1 103 ? -2.384  14.463  6.961   1.00 20.75 ? 86   ALA A N   1 
ATOM   487  C  CA  . ALA A 1 103 ? -1.074  13.883  6.652   1.00 19.47 ? 86   ALA A CA  1 
ATOM   488  C  C   . ALA A 1 103 ? -0.911  12.662  7.530   1.00 18.93 ? 86   ALA A C   1 
ATOM   489  O  O   . ALA A 1 103 ? -1.320  12.675  8.699   1.00 18.45 ? 86   ALA A O   1 
ATOM   490  C  CB  . ALA A 1 103 ? 0.052   14.903  6.913   1.00 19.03 ? 86   ALA A CB  1 
ATOM   491  N  N   . THR A 1 104 ? -0.395  11.581  6.943   1.00 18.97 ? 87   THR A N   1 
ATOM   492  C  CA  . THR A 1 104 ? -0.246  10.308  7.666   1.00 18.38 ? 87   THR A CA  1 
ATOM   493  C  C   . THR A 1 104 ? 0.851   9.502   6.977   1.00 17.89 ? 87   THR A C   1 
ATOM   494  O  O   . THR A 1 104 ? 1.398   9.947   5.966   1.00 18.59 ? 87   THR A O   1 
ATOM   495  C  CB  . THR A 1 104 ? -1.627  9.539   7.709   1.00 18.74 ? 87   THR A CB  1 
ATOM   496  O  OG1 . THR A 1 104 ? -1.523  8.399   8.551   1.00 18.37 ? 87   THR A OG1 1 
ATOM   497  C  CG2 . THR A 1 104 ? -1.966  8.918   6.340   1.00 18.93 ? 87   THR A CG2 1 
ATOM   498  N  N   . THR A 1 105 ? 1.190   8.332   7.511   1.00 17.50 ? 88   THR A N   1 
ATOM   499  C  CA  . THR A 1 105 ? 2.227   7.516   6.894   1.00 16.66 ? 88   THR A CA  1 
ATOM   500  C  C   . THR A 1 105 ? 1.767   6.075   6.586   1.00 16.18 ? 88   THR A C   1 
ATOM   501  O  O   . THR A 1 105 ? 0.946   5.515   7.299   1.00 16.81 ? 88   THR A O   1 
ATOM   502  C  CB  . THR A 1 105 ? 3.429   7.432   7.786   1.00 16.48 ? 88   THR A CB  1 
ATOM   503  O  OG1 . THR A 1 105 ? 3.055   6.658   8.936   1.00 17.00 ? 88   THR A OG1 1 
ATOM   504  C  CG2 . THR A 1 105 ? 3.810   8.825   8.349   1.00 16.34 ? 88   THR A CG2 1 
ATOM   505  N  N   . ILE A 1 106 ? 2.343   5.504   5.536   1.00 15.32 ? 89   ILE A N   1 
ATOM   506  C  CA  . ILE A 1 106 ? 2.253   4.075   5.230   1.00 15.53 ? 89   ILE A CA  1 
ATOM   507  C  C   . ILE A 1 106 ? 3.652   3.481   5.176   1.00 15.91 ? 89   ILE A C   1 
ATOM   508  O  O   . ILE A 1 106 ? 4.468   3.843   4.302   1.00 14.81 ? 89   ILE A O   1 
ATOM   509  C  CB  . ILE A 1 106 ? 1.549   3.826   3.895   1.00 15.57 ? 89   ILE A CB  1 
ATOM   510  C  CG1 . ILE A 1 106 ? 0.182   4.533   3.891   1.00 15.69 ? 89   ILE A CG1 1 
ATOM   511  C  CG2 . ILE A 1 106 ? 1.411   2.300   3.649   1.00 13.66 ? 89   ILE A CG2 1 
ATOM   512  C  CD1 . ILE A 1 106 ? -0.348  4.816   2.507   1.00 14.12 ? 89   ILE A CD1 1 
ATOM   513  N  N   . GLN A 1 107 ? 3.913   2.559   6.109   1.00 15.56 ? 90   GLN A N   1 
ATOM   514  C  CA  . GLN A 1 107 ? 5.161   1.843   6.127   1.00 16.25 ? 90   GLN A CA  1 
ATOM   515  C  C   . GLN A 1 107 ? 5.052   0.694   5.136   1.00 16.77 ? 90   GLN A C   1 
ATOM   516  O  O   . GLN A 1 107 ? 3.983   0.066   5.006   1.00 16.20 ? 90   GLN A O   1 
ATOM   517  C  CB  . GLN A 1 107 ? 5.419   1.306   7.534   1.00 16.74 ? 90   GLN A CB  1 
ATOM   518  C  CG  . GLN A 1 107 ? 5.831   2.415   8.535   1.00 17.10 ? 90   GLN A CG  1 
ATOM   519  C  CD  . GLN A 1 107 ? 6.208   1.875   9.911   1.00 18.57 ? 90   GLN A CD  1 
ATOM   520  O  OE1 . GLN A 1 107 ? 5.903   0.727   10.254  1.00 14.25 ? 90   GLN A OE1 1 
ATOM   521  N  NE2 . GLN A 1 107 ? 6.929   2.693   10.681  1.00 19.57 ? 90   GLN A NE2 1 
ATOM   522  N  N   . VAL A 1 108 ? 6.146   0.412   4.444   1.00 16.43 ? 91   VAL A N   1 
ATOM   523  C  CA  . VAL A 1 108 ? 6.192   -0.740  3.543   1.00 15.73 ? 91   VAL A CA  1 
ATOM   524  C  C   . VAL A 1 108 ? 7.165   -1.714  4.218   1.00 16.09 ? 91   VAL A C   1 
ATOM   525  O  O   . VAL A 1 108 ? 8.359   -1.399  4.389   1.00 16.87 ? 91   VAL A O   1 
ATOM   526  C  CB  . VAL A 1 108 ? 6.629   -0.334  2.112   1.00 15.62 ? 91   VAL A CB  1 
ATOM   527  C  CG1 . VAL A 1 108 ? 6.700   -1.567  1.160   1.00 12.33 ? 91   VAL A CG1 1 
ATOM   528  C  CG2 . VAL A 1 108 ? 5.669   0.725   1.521   1.00 15.03 ? 91   VAL A CG2 1 
ATOM   529  N  N   . ARG A 1 109 ? 6.641   -2.866  4.632   1.00 16.30 ? 92   ARG A N   1 
ATOM   530  C  CA  . ARG A 1 109 ? 7.411   -3.879  5.371   1.00 16.72 ? 92   ARG A CA  1 
ATOM   531  C  C   . ARG A 1 109 ? 7.474   -5.229  4.686   1.00 16.57 ? 92   ARG A C   1 
ATOM   532  O  O   . ARG A 1 109 ? 6.582   -5.575  3.909   1.00 15.85 ? 92   ARG A O   1 
ATOM   533  C  CB  . ARG A 1 109 ? 6.824   -4.109  6.753   1.00 15.26 ? 92   ARG A CB  1 
ATOM   534  C  CG  . ARG A 1 109 ? 6.979   -2.900  7.609   1.00 19.56 ? 92   ARG A CG  1 
ATOM   535  C  CD  . ARG A 1 109 ? 7.463   -3.259  8.963   1.00 21.43 ? 92   ARG A CD  1 
ATOM   536  N  NE  . ARG A 1 109 ? 7.362   -2.131  9.824   1.00 25.00 ? 92   ARG A NE  1 
ATOM   537  C  CZ  . ARG A 1 109 ? 8.171   -1.890  10.831  1.00 24.16 ? 92   ARG A CZ  1 
ATOM   538  N  NH1 . ARG A 1 109 ? 9.164   -2.731  11.139  1.00 22.30 ? 92   ARG A NH1 1 
ATOM   539  N  NH2 . ARG A 1 109 ? 7.952   -0.816  11.551  1.00 21.31 ? 92   ARG A NH2 1 
ATOM   540  N  N   . LEU A 1 110 ? 8.543   -5.962  4.994   1.00 16.89 ? 93   LEU A N   1 
ATOM   541  C  CA  . LEU A 1 110 ? 8.745   -7.342  4.533   1.00 18.37 ? 93   LEU A CA  1 
ATOM   542  C  C   . LEU A 1 110 ? 8.079   -8.342  5.447   1.00 17.64 ? 93   LEU A C   1 
ATOM   543  O  O   . LEU A 1 110 ? 8.393   -8.368  6.639   1.00 18.33 ? 93   LEU A O   1 
ATOM   544  C  CB  . LEU A 1 110 ? 10.232  -7.660  4.575   1.00 18.75 ? 93   LEU A CB  1 
ATOM   545  C  CG  . LEU A 1 110 ? 10.991  -7.995  3.301   1.00 22.48 ? 93   LEU A CG  1 
ATOM   546  C  CD1 . LEU A 1 110 ? 12.334  -8.573  3.738   1.00 19.75 ? 93   LEU A CD1 1 
ATOM   547  C  CD2 . LEU A 1 110 ? 10.188  -8.961  2.399   1.00 23.35 ? 93   LEU A CD2 1 
ATOM   548  N  N   . GLY A 1 111 ? 7.178   -9.164  4.904   1.00 16.94 ? 94   GLY A N   1 
ATOM   549  C  CA  . GLY A 1 111 ? 6.750   -10.370 5.598   1.00 17.04 ? 94   GLY A CA  1 
ATOM   550  C  C   . GLY A 1 111 ? 5.618   -10.166 6.607   1.00 17.33 ? 94   GLY A C   1 
ATOM   551  O  O   . GLY A 1 111 ? 4.575   -10.827 6.538   1.00 18.28 ? 94   GLY A O   1 
ATOM   552  N  N   . SER A 1 112 ? 5.822   -9.254  7.551   1.00 16.47 ? 95   SER A N   1 
ATOM   553  C  CA  . SER A 1 112 ? 4.833   -8.977  8.586   1.00 17.37 ? 95   SER A CA  1 
ATOM   554  C  C   . SER A 1 112 ? 4.962   -7.525  9.009   1.00 16.91 ? 95   SER A C   1 
ATOM   555  O  O   . SER A 1 112 ? 5.968   -6.900  8.702   1.00 16.33 ? 95   SER A O   1 
ATOM   556  C  CB  . SER A 1 112 ? 4.996   -9.947  9.781   1.00 17.85 ? 95   SER A CB  1 
ATOM   557  O  OG  . SER A 1 112 ? 5.921   -9.440  10.722  1.00 19.97 ? 95   SER A OG  1 
ATOM   558  N  N   . PRO A 1 113 ? 3.938   -6.960  9.663   1.00 17.77 ? 96   PRO A N   1 
ATOM   559  C  CA  . PRO A 1 113 ? 4.060   -5.602  10.242  1.00 17.75 ? 96   PRO A CA  1 
ATOM   560  C  C   . PRO A 1 113 ? 5.261   -5.425  11.179  1.00 18.92 ? 96   PRO A C   1 
ATOM   561  O  O   . PRO A 1 113 ? 5.642   -4.284  11.407  1.00 19.48 ? 96   PRO A O   1 
ATOM   562  C  CB  . PRO A 1 113 ? 2.747   -5.393  10.986  1.00 17.54 ? 96   PRO A CB  1 
ATOM   563  C  CG  . PRO A 1 113 ? 1.785   -6.442  10.376  1.00 17.40 ? 96   PRO A CG  1 
ATOM   564  C  CD  . PRO A 1 113 ? 2.595   -7.548  9.857   1.00 16.63 ? 96   PRO A CD  1 
ATOM   565  N  N   . SER A 1 114 ? 5.830   -6.519  11.684  1.00 19.30 ? 97   SER A N   1 
ATOM   566  C  CA  . SER A 1 114 ? 7.044   -6.519  12.493  1.00 21.10 ? 97   SER A CA  1 
ATOM   567  C  C   . SER A 1 114 ? 8.307   -6.769  11.674  1.00 20.08 ? 97   SER A C   1 
ATOM   568  O  O   . SER A 1 114 ? 9.391   -6.854  12.237  1.00 21.88 ? 97   SER A O   1 
ATOM   569  C  CB  . SER A 1 114 ? 6.975   -7.644  13.538  1.00 21.19 ? 97   SER A CB  1 
ATOM   570  O  OG  . SER A 1 114 ? 6.229   -7.210  14.650  1.00 26.55 ? 97   SER A OG  1 
ATOM   571  N  N   . GLY A 1 115 ? 8.185   -6.939  10.370  1.00 19.52 ? 98   GLY A N   1 
ATOM   572  C  CA  . GLY A 1 115 ? 9.349   -7.285  9.565   1.00 18.16 ? 98   GLY A CA  1 
ATOM   573  C  C   . GLY A 1 115 ? 10.188  -6.050  9.226   1.00 17.70 ? 98   GLY A C   1 
ATOM   574  O  O   . GLY A 1 115 ? 9.903   -4.943  9.673   1.00 17.12 ? 98   GLY A O   1 
ATOM   575  N  N   . THR A 1 116 ? 11.204  -6.246  8.396   1.00 17.22 ? 99   THR A N   1 
ATOM   576  C  CA  . THR A 1 116 ? 12.076  -5.188  7.926   1.00 17.00 ? 99   THR A CA  1 
ATOM   577  C  C   . THR A 1 116 ? 11.249  -4.059  7.317   1.00 17.47 ? 99   THR A C   1 
ATOM   578  O  O   . THR A 1 116 ? 10.337  -4.291  6.531   1.00 18.16 ? 99   THR A O   1 
ATOM   579  C  CB  . THR A 1 116 ? 13.058  -5.769  6.894   1.00 18.12 ? 99   THR A CB  1 
ATOM   580  O  OG1 . THR A 1 116 ? 13.749  -6.893  7.462   1.00 15.47 ? 99   THR A OG1 1 
ATOM   581  C  CG2 . THR A 1 116 ? 14.164  -4.769  6.508   1.00 16.27 ? 99   THR A CG2 1 
ATOM   582  N  N   . LEU A 1 117 ? 11.567  -2.851  7.728   1.00 17.44 ? 100  LEU A N   1 
ATOM   583  C  CA  . LEU A 1 117 ? 10.943  -1.656  7.230   1.00 18.36 ? 100  LEU A CA  1 
ATOM   584  C  C   . LEU A 1 117 ? 11.655  -1.255  5.951   1.00 18.12 ? 100  LEU A C   1 
ATOM   585  O  O   . LEU A 1 117 ? 12.791  -0.779  5.997   1.00 18.68 ? 100  LEU A O   1 
ATOM   586  C  CB  . LEU A 1 117 ? 11.063  -0.527  8.284   1.00 18.58 ? 100  LEU A CB  1 
ATOM   587  C  CG  . LEU A 1 117 ? 10.541  0.840   7.794   1.00 18.54 ? 100  LEU A CG  1 
ATOM   588  C  CD1 . LEU A 1 117 ? 9.027   0.751   7.519   1.00 17.88 ? 100  LEU A CD1 1 
ATOM   589  C  CD2 . LEU A 1 117 ? 10.900  1.970   8.789   1.00 21.63 ? 100  LEU A CD2 1 
ATOM   590  N  N   . LEU A 1 118 ? 11.026  -1.465  4.807   1.00 17.35 ? 101  LEU A N   1 
ATOM   591  C  CA  . LEU A 1 118 ? 11.697  -1.113  3.541   1.00 16.59 ? 101  LEU A CA  1 
ATOM   592  C  C   . LEU A 1 118 ? 11.658  0.391   3.232   1.00 16.25 ? 101  LEU A C   1 
ATOM   593  O  O   . LEU A 1 118 ? 12.592  0.958   2.650   1.00 14.72 ? 101  LEU A O   1 
ATOM   594  C  CB  . LEU A 1 118 ? 11.119  -1.934  2.385   1.00 17.10 ? 101  LEU A CB  1 
ATOM   595  C  CG  . LEU A 1 118 ? 10.955  -3.459  2.523   1.00 16.82 ? 101  LEU A CG  1 
ATOM   596  C  CD1 . LEU A 1 118 ? 10.041  -4.031  1.439   1.00 16.45 ? 101  LEU A CD1 1 
ATOM   597  C  CD2 . LEU A 1 118 ? 12.318  -4.127  2.468   1.00 16.64 ? 101  LEU A CD2 1 
ATOM   598  N  N   . GLY A 1 119 ? 10.562  1.043   3.620   1.00 16.58 ? 102  GLY A N   1 
ATOM   599  C  CA  . GLY A 1 119 ? 10.468  2.485   3.511   1.00 16.44 ? 102  GLY A CA  1 
ATOM   600  C  C   . GLY A 1 119 ? 9.132   2.972   4.053   1.00 16.80 ? 102  GLY A C   1 
ATOM   601  O  O   . GLY A 1 119 ? 8.266   2.167   4.423   1.00 17.11 ? 102  GLY A O   1 
ATOM   602  N  N   . THR A 1 120 ? 8.976   4.293   4.105   1.00 16.48 ? 103  THR A N   1 
ATOM   603  C  CA  . THR A 1 120 ? 7.763   4.923   4.608   1.00 16.51 ? 103  THR A CA  1 
ATOM   604  C  C   . THR A 1 120 ? 7.273   5.926   3.578   1.00 16.94 ? 103  THR A C   1 
ATOM   605  O  O   . THR A 1 120 ? 8.034   6.765   3.163   1.00 17.04 ? 103  THR A O   1 
ATOM   606  C  CB  . THR A 1 120 ? 8.060   5.619   5.940   1.00 16.42 ? 103  THR A CB  1 
ATOM   607  O  OG1 . THR A 1 120 ? 8.447   4.626   6.901   1.00 15.58 ? 103  THR A OG1 1 
ATOM   608  C  CG2 . THR A 1 120 ? 6.768   6.292   6.546   1.00 14.89 ? 103  THR A CG2 1 
ATOM   609  N  N   . ILE A 1 121 ? 6.008   5.814   3.166   1.00 18.08 ? 104  ILE A N   1 
ATOM   610  C  CA  . ILE A 1 121 ? 5.369   6.823   2.307   1.00 18.22 ? 104  ILE A CA  1 
ATOM   611  C  C   . ILE A 1 121 ? 4.787   7.879   3.247   1.00 19.05 ? 104  ILE A C   1 
ATOM   612  O  O   . ILE A 1 121 ? 3.938   7.573   4.141   1.00 18.85 ? 104  ILE A O   1 
ATOM   613  C  CB  . ILE A 1 121 ? 4.227   6.204   1.442   1.00 17.91 ? 104  ILE A CB  1 
ATOM   614  C  CG1 . ILE A 1 121 ? 4.714   4.978   0.634   1.00 18.96 ? 104  ILE A CG1 1 
ATOM   615  C  CG2 . ILE A 1 121 ? 3.599   7.250   0.515   1.00 17.38 ? 104  ILE A CG2 1 
ATOM   616  C  CD1 . ILE A 1 121 ? 3.586   4.098   0.078   1.00 16.59 ? 104  ILE A CD1 1 
ATOM   617  N  N   . TYR A 1 122 ? 5.259   9.112   3.069   1.00 19.06 ? 105  TYR A N   1 
ATOM   618  C  CA  . TYR A 1 122 ? 4.735   10.241  3.831   1.00 18.85 ? 105  TYR A CA  1 
ATOM   619  C  C   . TYR A 1 122 ? 3.605   10.853  3.025   1.00 18.96 ? 105  TYR A C   1 
ATOM   620  O  O   . TYR A 1 122 ? 3.824   11.673  2.121   1.00 18.62 ? 105  TYR A O   1 
ATOM   621  C  CB  . TYR A 1 122 ? 5.847   11.241  4.240   1.00 18.22 ? 105  TYR A CB  1 
ATOM   622  C  CG  . TYR A 1 122 ? 6.743   10.616  5.273   1.00 18.03 ? 105  TYR A CG  1 
ATOM   623  C  CD1 . TYR A 1 122 ? 6.416   10.663  6.628   1.00 16.65 ? 105  TYR A CD1 1 
ATOM   624  C  CD2 . TYR A 1 122 ? 7.873   9.888   4.877   1.00 19.05 ? 105  TYR A CD2 1 
ATOM   625  C  CE1 . TYR A 1 122 ? 7.230   10.044  7.573   1.00 19.10 ? 105  TYR A CE1 1 
ATOM   626  C  CE2 . TYR A 1 122 ? 8.694   9.275   5.786   1.00 16.68 ? 105  TYR A CE2 1 
ATOM   627  C  CZ  . TYR A 1 122 ? 8.369   9.339   7.134   1.00 19.86 ? 105  TYR A CZ  1 
ATOM   628  O  OH  . TYR A 1 122 ? 9.205   8.706   8.011   1.00 18.72 ? 105  TYR A OH  1 
ATOM   629  N  N   . VAL A 1 123 ? 2.397   10.390  3.347   1.00 19.13 ? 106  VAL A N   1 
ATOM   630  C  CA  . VAL A 1 123 ? 1.201   10.799  2.648   1.00 18.76 ? 106  VAL A CA  1 
ATOM   631  C  C   . VAL A 1 123 ? 0.741   12.219  3.040   1.00 19.26 ? 106  VAL A C   1 
ATOM   632  O  O   . VAL A 1 123 ? 0.405   12.475  4.202   1.00 19.09 ? 106  VAL A O   1 
ATOM   633  C  CB  . VAL A 1 123 ? 0.085   9.776   2.847   1.00 19.09 ? 106  VAL A CB  1 
ATOM   634  C  CG1 . VAL A 1 123 ? -1.222  10.294  2.221   1.00 19.06 ? 106  VAL A CG1 1 
ATOM   635  C  CG2 . VAL A 1 123 ? 0.491   8.417   2.242   1.00 15.83 ? 106  VAL A CG2 1 
ATOM   636  N  N   . GLY A 1 124 ? 0.749   13.130  2.067   1.00 19.09 ? 107  GLY A N   1 
ATOM   637  C  CA  . GLY A 1 124 ? 0.179   14.450  2.251   1.00 20.33 ? 107  GLY A CA  1 
ATOM   638  C  C   . GLY A 1 124 ? -1.349  14.427  2.266   1.00 21.34 ? 107  GLY A C   1 
ATOM   639  O  O   . GLY A 1 124 ? -1.962  13.531  1.691   1.00 21.65 ? 107  GLY A O   1 
ATOM   640  N  N   . SER A 1 125 ? -1.968  15.388  2.957   1.00 21.71 ? 108  SER A N   1 
ATOM   641  C  CA  . SER A 1 125 ? -3.404  15.642  2.788   1.00 21.00 ? 108  SER A CA  1 
ATOM   642  C  C   . SER A 1 125 ? -3.744  15.950  1.335   1.00 20.60 ? 108  SER A C   1 
ATOM   643  O  O   . SER A 1 125 ? -3.038  16.705  0.649   1.00 20.16 ? 108  SER A O   1 
ATOM   644  C  CB  . SER A 1 125 ? -3.872  16.805  3.655   1.00 20.87 ? 108  SER A CB  1 
ATOM   645  O  OG  . SER A 1 125 ? -5.269  17.018  3.448   1.00 21.91 ? 108  SER A OG  1 
ATOM   646  N  N   . THR A 1 126 ? -4.805  15.331  0.837   1.00 20.54 ? 109  THR A N   1 
ATOM   647  C  CA  . THR A 1 126 ? -5.295  15.675  -0.489  1.00 20.22 ? 109  THR A CA  1 
ATOM   648  C  C   . THR A 1 126 ? -6.545  16.526  -0.391  1.00 19.82 ? 109  THR A C   1 
ATOM   649  O  O   . THR A 1 126 ? -7.114  16.855  -1.419  1.00 19.72 ? 109  THR A O   1 
ATOM   650  C  CB  . THR A 1 126 ? -5.656  14.434  -1.315  1.00 19.95 ? 109  THR A CB  1 
ATOM   651  O  OG1 . THR A 1 126 ? -6.638  13.694  -0.585  1.00 17.15 ? 109  THR A OG1 1 
ATOM   652  C  CG2 . THR A 1 126 ? -4.446  13.498  -1.507  1.00 20.00 ? 109  THR A CG2 1 
ATOM   653  N  N   . GLY A 1 127 ? -6.984  16.817  0.834   1.00 19.96 ? 110  GLY A N   1 
ATOM   654  C  CA  . GLY A 1 127 ? -8.155  17.643  1.065   1.00 20.61 ? 110  GLY A CA  1 
ATOM   655  C  C   . GLY A 1 127 ? -9.440  16.852  1.214   1.00 20.96 ? 110  GLY A C   1 
ATOM   656  O  O   . GLY A 1 127 ? -10.454 17.411  1.657   1.00 21.83 ? 110  GLY A O   1 
ATOM   657  N  N   . SER A 1 128 ? -9.410  15.567  0.859   1.00 19.75 ? 111  SER A N   1 
ATOM   658  C  CA  . SER A 1 128 ? -10.620 14.741  0.836   1.00 19.52 ? 111  SER A CA  1 
ATOM   659  C  C   . SER A 1 128 ? -10.299 13.244  0.751   1.00 18.75 ? 111  SER A C   1 
ATOM   660  O  O   . SER A 1 128 ? -9.359  12.825  0.063   1.00 18.97 ? 111  SER A O   1 
ATOM   661  C  CB  . SER A 1 128 ? -11.478 15.155  -0.372  1.00 19.49 ? 111  SER A CB  1 
ATOM   662  O  OG  . SER A 1 128 ? -12.621 14.341  -0.531  1.00 20.09 ? 111  SER A OG  1 
ATOM   663  N  N   . PHE A 1 129 ? -11.112 12.439  1.412   1.00 18.21 ? 112  PHE A N   1 
ATOM   664  C  CA  . PHE A 1 129 ? -11.031 10.997  1.309   1.00 18.53 ? 112  PHE A CA  1 
ATOM   665  C  C   . PHE A 1 129 ? -11.441 10.477  -0.080  1.00 18.60 ? 112  PHE A C   1 
ATOM   666  O  O   . PHE A 1 129 ? -11.249 9.310   -0.392  1.00 18.39 ? 112  PHE A O   1 
ATOM   667  C  CB  . PHE A 1 129 ? -11.852 10.352  2.419   1.00 17.64 ? 112  PHE A CB  1 
ATOM   668  C  CG  . PHE A 1 129 ? -11.176 10.387  3.735   1.00 16.89 ? 112  PHE A CG  1 
ATOM   669  C  CD1 . PHE A 1 129 ? -10.032 9.602   3.966   1.00 16.23 ? 112  PHE A CD1 1 
ATOM   670  C  CD2 . PHE A 1 129 ? -11.685 11.183  4.780   1.00 14.85 ? 112  PHE A CD2 1 
ATOM   671  C  CE1 . PHE A 1 129 ? -9.382  9.629   5.227   1.00 14.10 ? 112  PHE A CE1 1 
ATOM   672  C  CE2 . PHE A 1 129 ? -11.051 11.225  6.026   1.00 16.18 ? 112  PHE A CE2 1 
ATOM   673  C  CZ  . PHE A 1 129 ? -9.886  10.438  6.250   1.00 13.63 ? 112  PHE A CZ  1 
ATOM   674  N  N   . ASP A 1 130 ? -11.944 11.389  -0.913  1.00 19.87 ? 113  ASP A N   1 
ATOM   675  C  CA  . ASP A 1 130 ? -12.326 11.110  -2.300  1.00 20.18 ? 113  ASP A CA  1 
ATOM   676  C  C   . ASP A 1 130 ? -11.393 11.693  -3.359  1.00 20.04 ? 113  ASP A C   1 
ATOM   677  O  O   . ASP A 1 130 ? -11.580 11.433  -4.571  1.00 20.60 ? 113  ASP A O   1 
ATOM   678  C  CB  . ASP A 1 130 ? -13.765 11.571  -2.532  1.00 20.38 ? 113  ASP A CB  1 
ATOM   679  C  CG  . ASP A 1 130 ? -14.735 10.914  -1.558  1.00 21.33 ? 113  ASP A CG  1 
ATOM   680  O  OD1 . ASP A 1 130 ? -14.740 9.661   -1.465  1.00 20.46 ? 113  ASP A OD1 1 
ATOM   681  O  OD2 . ASP A 1 130 ? -15.516 11.566  -0.838  1.00 26.41 ? 113  ASP A OD2 1 
ATOM   682  N  N   . THR A 1 131 ? -10.396 12.467  -2.924  1.00 18.71 ? 114  THR A N   1 
ATOM   683  C  CA  . THR A 1 131 ? -9.444  13.055  -3.848  1.00 17.88 ? 114  THR A CA  1 
ATOM   684  C  C   . THR A 1 131 ? -8.112  12.293  -3.780  1.00 17.62 ? 114  THR A C   1 
ATOM   685  O  O   . THR A 1 131 ? -7.385  12.373  -2.792  1.00 17.36 ? 114  THR A O   1 
ATOM   686  C  CB  . THR A 1 131 ? -9.199  14.536  -3.539  1.00 18.60 ? 114  THR A CB  1 
ATOM   687  O  OG1 . THR A 1 131 ? -10.442 15.238  -3.550  1.00 21.38 ? 114  THR A OG1 1 
ATOM   688  C  CG2 . THR A 1 131 ? -8.405  15.221  -4.717  1.00 16.40 ? 114  THR A CG2 1 
ATOM   689  N  N   . TYR A 1 132 ? -7.792  11.622  -4.871  1.00 17.09 ? 115  TYR A N   1 
ATOM   690  C  CA  . TYR A 1 132 ? -6.687  10.685  -4.935  1.00 17.24 ? 115  TYR A CA  1 
ATOM   691  C  C   . TYR A 1 132 ? -5.514  11.315  -5.661  1.00 17.37 ? 115  TYR A C   1 
ATOM   692  O  O   . TYR A 1 132 ? -5.722  12.037  -6.642  1.00 16.38 ? 115  TYR A O   1 
ATOM   693  C  CB  . TYR A 1 132 ? -7.154  9.393   -5.645  1.00 16.22 ? 115  TYR A CB  1 
ATOM   694  C  CG  . TYR A 1 132 ? -7.948  8.473   -4.738  1.00 17.72 ? 115  TYR A CG  1 
ATOM   695  C  CD1 . TYR A 1 132 ? -9.355  8.620   -4.583  1.00 20.95 ? 115  TYR A CD1 1 
ATOM   696  C  CD2 . TYR A 1 132 ? -7.303  7.457   -4.029  1.00 19.50 ? 115  TYR A CD2 1 
ATOM   697  C  CE1 . TYR A 1 132 ? -10.091 7.760   -3.750  1.00 20.33 ? 115  TYR A CE1 1 
ATOM   698  C  CE2 . TYR A 1 132 ? -8.019  6.586   -3.198  1.00 20.36 ? 115  TYR A CE2 1 
ATOM   699  C  CZ  . TYR A 1 132 ? -9.394  6.742   -3.054  1.00 20.82 ? 115  TYR A CZ  1 
ATOM   700  O  OH  . TYR A 1 132 ? -10.029 5.886   -2.209  1.00 16.38 ? 115  TYR A OH  1 
ATOM   701  N  N   . ARG A 1 133 ? -4.309  11.043  -5.154  1.00 17.47 ? 116  ARG A N   1 
ATOM   702  C  CA  . ARG A 1 133 ? -3.047  11.512  -5.715  1.00 18.75 ? 116  ARG A CA  1 
ATOM   703  C  C   . ARG A 1 133 ? -1.999  10.413  -5.617  1.00 18.91 ? 116  ARG A C   1 
ATOM   704  O  O   . ARG A 1 133 ? -2.014  9.625   -4.680  1.00 18.72 ? 116  ARG A O   1 
ATOM   705  C  CB  . ARG A 1 133 ? -2.528  12.740  -4.957  1.00 18.88 ? 116  ARG A CB  1 
ATOM   706  C  CG  . ARG A 1 133 ? -3.270  14.059  -5.279  1.00 21.23 ? 116  ARG A CG  1 
ATOM   707  C  CD  . ARG A 1 133 ? -3.362  14.380  -6.793  1.00 23.70 ? 116  ARG A CD  1 
ATOM   708  N  NE  . ARG A 1 133 ? -3.980  15.665  -7.112  1.00 24.13 ? 116  ARG A NE  1 
ATOM   709  C  CZ  . ARG A 1 133 ? -5.287  15.829  -7.390  1.00 28.21 ? 116  ARG A CZ  1 
ATOM   710  N  NH1 . ARG A 1 133 ? -6.122  14.791  -7.368  1.00 22.56 ? 116  ARG A NH1 1 
ATOM   711  N  NH2 . ARG A 1 133 ? -5.765  17.039  -7.693  1.00 26.58 ? 116  ARG A NH2 1 
ATOM   712  N  N   . ASP A 1 134 ? -1.094  10.352  -6.583  1.00 19.60 ? 117  ASP A N   1 
ATOM   713  C  CA  . ASP A 1 134 ? -0.041  9.324   -6.544  1.00 20.40 ? 117  ASP A CA  1 
ATOM   714  C  C   . ASP A 1 134 ? 1.113   9.802   -5.700  1.00 20.83 ? 117  ASP A C   1 
ATOM   715  O  O   . ASP A 1 134 ? 1.677   10.857  -5.982  1.00 21.06 ? 117  ASP A O   1 
ATOM   716  C  CB  . ASP A 1 134 ? 0.453   9.001   -7.944  1.00 19.76 ? 117  ASP A CB  1 
ATOM   717  C  CG  . ASP A 1 134 ? -0.623  8.415   -8.813  1.00 19.55 ? 117  ASP A CG  1 
ATOM   718  O  OD1 . ASP A 1 134 ? -1.696  8.108   -8.275  1.00 18.28 ? 117  ASP A OD1 1 
ATOM   719  O  OD2 . ASP A 1 134 ? -0.476  8.219   -10.036 1.00 22.29 ? 117  ASP A OD2 1 
ATOM   720  N  N   . VAL A 1 135 ? 1.467   9.035   -4.680  1.00 20.13 ? 118  VAL A N   1 
ATOM   721  C  CA  . VAL A 1 135 ? 2.519   9.458   -3.754  1.00 21.19 ? 118  VAL A CA  1 
ATOM   722  C  C   . VAL A 1 135 ? 3.617   8.387   -3.680  1.00 20.50 ? 118  VAL A C   1 
ATOM   723  O  O   . VAL A 1 135 ? 3.348   7.172   -3.645  1.00 19.74 ? 118  VAL A O   1 
ATOM   724  C  CB  . VAL A 1 135 ? 1.974   9.745   -2.307  1.00 21.12 ? 118  VAL A CB  1 
ATOM   725  C  CG1 . VAL A 1 135 ? 3.042   10.401  -1.439  1.00 22.98 ? 118  VAL A CG1 1 
ATOM   726  C  CG2 . VAL A 1 135 ? 0.750   10.604  -2.330  1.00 22.24 ? 118  VAL A CG2 1 
ATOM   727  N  N   . SER A 1 136 ? 4.855   8.858   -3.639  1.00 20.05 ? 119  SER A N   1 
ATOM   728  C  CA  . SER A 1 136 ? 5.981   7.987   -3.846  1.00 19.79 ? 119  SER A CA  1 
ATOM   729  C  C   . SER A 1 136 ? 6.958   8.098   -2.707  1.00 19.42 ? 119  SER A C   1 
ATOM   730  O  O   . SER A 1 136 ? 6.952   9.091   -1.973  1.00 18.64 ? 119  SER A O   1 
ATOM   731  C  CB  . SER A 1 136 ? 6.647   8.285   -5.192  1.00 19.63 ? 119  SER A CB  1 
ATOM   732  O  OG  . SER A 1 136 ? 5.896   7.705   -6.265  1.00 21.52 ? 119  SER A OG  1 
ATOM   733  N  N   . ALA A 1 137 ? 7.765   7.045   -2.543  1.00 18.08 ? 120  ALA A N   1 
ATOM   734  C  CA  . ALA A 1 137 ? 8.750   6.979   -1.479  1.00 17.48 ? 120  ALA A CA  1 
ATOM   735  C  C   . ALA A 1 137 ? 9.851   6.049   -1.956  1.00 17.73 ? 120  ALA A C   1 
ATOM   736  O  O   . ALA A 1 137 ? 9.595   5.125   -2.753  1.00 16.30 ? 120  ALA A O   1 
ATOM   737  C  CB  . ALA A 1 137 ? 8.118   6.431   -0.211  1.00 17.17 ? 120  ALA A CB  1 
ATOM   738  N  N   . THR A 1 138 ? 11.076  6.258   -1.489  1.00 17.88 ? 121  THR A N   1 
ATOM   739  C  CA  . THR A 1 138 ? 12.089  5.245   -1.823  1.00 19.38 ? 121  THR A CA  1 
ATOM   740  C  C   . THR A 1 138 ? 11.984  4.067   -0.860  1.00 18.34 ? 121  THR A C   1 
ATOM   741  O  O   . THR A 1 138 ? 11.506  4.205   0.270   1.00 17.34 ? 121  THR A O   1 
ATOM   742  C  CB  . THR A 1 138 ? 13.556  5.773   -1.921  1.00 20.13 ? 121  THR A CB  1 
ATOM   743  O  OG1 . THR A 1 138 ? 14.210  5.642   -0.668  1.00 24.67 ? 121  THR A OG1 1 
ATOM   744  C  CG2 . THR A 1 138 ? 13.630  7.213   -2.233  1.00 19.10 ? 121  THR A CG2 1 
ATOM   745  N  N   . ILE A 1 139 ? 12.358  2.890   -1.337  1.00 17.47 ? 122  ILE A N   1 
ATOM   746  C  CA  . ILE A 1 139 ? 12.505  1.750   -0.432  1.00 16.69 ? 122  ILE A CA  1 
ATOM   747  C  C   . ILE A 1 139 ? 13.909  1.153   -0.596  1.00 17.24 ? 122  ILE A C   1 
ATOM   748  O  O   . ILE A 1 139 ? 14.568  1.388   -1.630  1.00 16.64 ? 122  ILE A O   1 
ATOM   749  C  CB  . ILE A 1 139 ? 11.417  0.662   -0.720  1.00 16.54 ? 122  ILE A CB  1 
ATOM   750  C  CG1 . ILE A 1 139 ? 11.541  0.149   -2.165  1.00 12.54 ? 122  ILE A CG1 1 
ATOM   751  C  CG2 . ILE A 1 139 ? 10.037  1.195   -0.421  1.00 14.66 ? 122  ILE A CG2 1 
ATOM   752  C  CD1 . ILE A 1 139 ? 10.719  -1.144  -2.459  1.00 14.91 ? 122  ILE A CD1 1 
ATOM   753  N  N   . SER A 1 140 ? 14.351  0.385   0.406   1.00 16.98 ? 123  SER A N   1 
ATOM   754  C  CA  . SER A 1 140 ? 15.539  -0.470  0.220   1.00 18.14 ? 123  SER A CA  1 
ATOM   755  C  C   . SER A 1 140 ? 15.331  -1.379  -0.967  1.00 18.19 ? 123  SER A C   1 
ATOM   756  O  O   . SER A 1 140 ? 14.216  -1.907  -1.190  1.00 18.65 ? 123  SER A O   1 
ATOM   757  C  CB  . SER A 1 140 ? 15.835  -1.336  1.449   1.00 16.89 ? 123  SER A CB  1 
ATOM   758  O  OG  . SER A 1 140 ? 15.879  -0.561  2.623   1.00 20.33 ? 123  SER A OG  1 
ATOM   759  N  N   . ASN A 1 141 ? 16.407  -1.596  -1.711  1.00 18.55 ? 124  ASN A N   1 
ATOM   760  C  CA  . ASN A 1 141 ? 16.339  -2.456  -2.866  1.00 18.81 ? 124  ASN A CA  1 
ATOM   761  C  C   . ASN A 1 141 ? 15.766  -3.825  -2.502  1.00 18.70 ? 124  ASN A C   1 
ATOM   762  O  O   . ASN A 1 141 ? 16.307  -4.537  -1.656  1.00 18.53 ? 124  ASN A O   1 
ATOM   763  C  CB  . ASN A 1 141 ? 17.705  -2.596  -3.554  1.00 19.12 ? 124  ASN A CB  1 
ATOM   764  C  CG  . ASN A 1 141 ? 17.629  -3.504  -4.785  1.00 21.17 ? 124  ASN A CG  1 
ATOM   765  O  OD1 . ASN A 1 141 ? 18.290  -4.545  -4.845  1.00 27.88 ? 124  ASN A OD1 1 
ATOM   766  N  ND2 . ASN A 1 141 ? 16.770  -3.154  -5.728  1.00 19.92 ? 124  ASN A ND2 1 
ATOM   767  N  N   . THR A 1 142 ? 14.651  -4.168  -3.144  1.00 18.69 ? 125  THR A N   1 
ATOM   768  C  CA  . THR A 1 142 ? 13.900  -5.385  -2.839  1.00 17.90 ? 125  THR A CA  1 
ATOM   769  C  C   . THR A 1 142 ? 13.808  -6.221  -4.127  1.00 17.87 ? 125  THR A C   1 
ATOM   770  O  O   . THR A 1 142 ? 13.499  -5.711  -5.195  1.00 17.61 ? 125  THR A O   1 
ATOM   771  C  CB  . THR A 1 142 ? 12.491  -5.000  -2.263  1.00 18.17 ? 125  THR A CB  1 
ATOM   772  O  OG1 . THR A 1 142 ? 12.666  -4.143  -1.118  1.00 16.54 ? 125  THR A OG1 1 
ATOM   773  C  CG2 . THR A 1 142 ? 11.766  -6.187  -1.686  1.00 17.19 ? 125  THR A CG2 1 
ATOM   774  N  N   . ALA A 1 143 ? 14.116  -7.509  -4.023  1.00 17.51 ? 126  ALA A N   1 
ATOM   775  C  CA  . ALA A 1 143 ? 14.195  -8.352  -5.200  1.00 16.29 ? 126  ALA A CA  1 
ATOM   776  C  C   . ALA A 1 143 ? 13.584  -9.700  -4.906  1.00 16.15 ? 126  ALA A C   1 
ATOM   777  O  O   . ALA A 1 143 ? 13.440  -10.076 -3.742  1.00 16.67 ? 126  ALA A O   1 
ATOM   778  C  CB  . ALA A 1 143 ? 15.663  -8.478  -5.652  1.00 16.31 ? 126  ALA A CB  1 
ATOM   779  N  N   . GLY A 1 144 ? 13.223  -10.424 -5.968  1.00 15.69 ? 127  GLY A N   1 
ATOM   780  C  CA  . GLY A 1 144 ? 12.607  -11.719 -5.840  1.00 16.18 ? 127  GLY A CA  1 
ATOM   781  C  C   . GLY A 1 144 ? 11.182  -11.623 -5.326  1.00 16.32 ? 127  GLY A C   1 
ATOM   782  O  O   . GLY A 1 144 ? 10.605  -10.538 -5.202  1.00 15.91 ? 127  GLY A O   1 
ATOM   783  N  N   . VAL A 1 145 ? 10.635  -12.788 -5.001  1.00 16.17 ? 128  VAL A N   1 
ATOM   784  C  CA  . VAL A 1 145 ? 9.265   -12.921 -4.616  1.00 16.29 ? 128  VAL A CA  1 
ATOM   785  C  C   . VAL A 1 145 ? 9.196   -12.698 -3.117  1.00 16.38 ? 128  VAL A C   1 
ATOM   786  O  O   . VAL A 1 145 ? 9.907   -13.368 -2.354  1.00 16.93 ? 128  VAL A O   1 
ATOM   787  C  CB  . VAL A 1 145 ? 8.669   -14.288 -5.067  1.00 15.27 ? 128  VAL A CB  1 
ATOM   788  C  CG1 . VAL A 1 145 ? 7.194   -14.411 -4.648  1.00 16.90 ? 128  VAL A CG1 1 
ATOM   789  C  CG2 . VAL A 1 145 ? 8.777   -14.447 -6.549  1.00 14.64 ? 128  VAL A CG2 1 
ATOM   790  N  N   . LYS A 1 146 ? 8.348   -11.744 -2.714  1.00 16.55 ? 129  LYS A N   1 
ATOM   791  C  CA  . LYS A 1 146 ? 8.257   -11.297 -1.323  1.00 17.40 ? 129  LYS A CA  1 
ATOM   792  C  C   . LYS A 1 146 ? 6.819   -11.105 -0.904  1.00 17.38 ? 129  LYS A C   1 
ATOM   793  O  O   . LYS A 1 146 ? 5.975   -10.771 -1.731  1.00 19.08 ? 129  LYS A O   1 
ATOM   794  C  CB  . LYS A 1 146 ? 8.982   -9.942  -1.132  1.00 17.76 ? 129  LYS A CB  1 
ATOM   795  C  CG  . LYS A 1 146 ? 10.471  -9.910  -1.528  1.00 18.14 ? 129  LYS A CG  1 
ATOM   796  C  CD  . LYS A 1 146 ? 11.271  -10.721 -0.537  1.00 20.28 ? 129  LYS A CD  1 
ATOM   797  C  CE  . LYS A 1 146 ? 12.659  -10.193 -0.403  1.00 20.58 ? 129  LYS A CE  1 
ATOM   798  N  NZ  . LYS A 1 146 ? 13.477  -11.127 0.403   1.00 23.28 ? 129  LYS A NZ  1 
ATOM   799  N  N   . ASP A 1 147 ? 6.546   -11.267 0.385   1.00 16.38 ? 130  ASP A N   1 
ATOM   800  C  CA  . ASP A 1 147 ? 5.277   -10.823 0.944   1.00 16.85 ? 130  ASP A CA  1 
ATOM   801  C  C   . ASP A 1 147 ? 5.418   -9.378  1.424   1.00 16.25 ? 130  ASP A C   1 
ATOM   802  O  O   . ASP A 1 147 ? 6.323   -9.059  2.200   1.00 16.29 ? 130  ASP A O   1 
ATOM   803  C  CB  . ASP A 1 147 ? 4.866   -11.682 2.131   1.00 16.41 ? 130  ASP A CB  1 
ATOM   804  C  CG  . ASP A 1 147 ? 4.604   -13.114 1.773   1.00 18.03 ? 130  ASP A CG  1 
ATOM   805  O  OD1 . ASP A 1 147 ? 4.316   -13.450 0.580   1.00 15.73 ? 130  ASP A OD1 1 
ATOM   806  O  OD2 . ASP A 1 147 ? 4.651   -13.976 2.694   1.00 17.83 ? 130  ASP A OD2 1 
ATOM   807  N  N   . ILE A 1 148 ? 4.550   -8.510  0.935   1.00 15.88 ? 131  ILE A N   1 
ATOM   808  C  CA  . ILE A 1 148 ? 4.647   -7.078  1.239   1.00 16.45 ? 131  ILE A CA  1 
ATOM   809  C  C   . ILE A 1 148 ? 3.500   -6.677  2.129   1.00 15.63 ? 131  ILE A C   1 
ATOM   810  O  O   . ILE A 1 148 ? 2.360   -7.060  1.888   1.00 13.42 ? 131  ILE A O   1 
ATOM   811  C  CB  . ILE A 1 148 ? 4.647   -6.193  -0.050  1.00 17.35 ? 131  ILE A CB  1 
ATOM   812  C  CG1 . ILE A 1 148 ? 6.026   -6.203  -0.701  1.00 21.46 ? 131  ILE A CG1 1 
ATOM   813  C  CG2 . ILE A 1 148 ? 4.308   -4.759  0.294   1.00 18.10 ? 131  ILE A CG2 1 
ATOM   814  C  CD1 . ILE A 1 148 ? 7.175   -5.479  0.127   1.00 22.07 ? 131  ILE A CD1 1 
ATOM   815  N  N   . VAL A 1 149 ? 3.826   -5.862  3.135   1.00 15.58 ? 132  VAL A N   1 
ATOM   816  C  CA  . VAL A 1 149 ? 2.890   -5.430  4.146   1.00 15.31 ? 132  VAL A CA  1 
ATOM   817  C  C   . VAL A 1 149 ? 2.829   -3.891  4.192   1.00 15.70 ? 132  VAL A C   1 
ATOM   818  O  O   . VAL A 1 149 ? 3.884   -3.203  4.241   1.00 16.51 ? 132  VAL A O   1 
ATOM   819  C  CB  . VAL A 1 149 ? 3.268   -5.986  5.550   1.00 15.33 ? 132  VAL A CB  1 
ATOM   820  C  CG1 . VAL A 1 149 ? 2.178   -5.700  6.547   1.00 15.16 ? 132  VAL A CG1 1 
ATOM   821  C  CG2 . VAL A 1 149 ? 3.549   -7.477  5.497   1.00 15.91 ? 132  VAL A CG2 1 
ATOM   822  N  N   . LEU A 1 150 ? 1.614   -3.343  4.160   1.00 13.93 ? 133  LEU A N   1 
ATOM   823  C  CA  . LEU A 1 150 ? 1.484   -1.917  4.389   1.00 13.57 ? 133  LEU A CA  1 
ATOM   824  C  C   . LEU A 1 150 ? 0.950   -1.730  5.794   1.00 13.72 ? 133  LEU A C   1 
ATOM   825  O  O   . LEU A 1 150 ? -0.040  -2.391  6.176   1.00 13.48 ? 133  LEU A O   1 
ATOM   826  C  CB  . LEU A 1 150 ? 0.550   -1.274  3.346   1.00 13.15 ? 133  LEU A CB  1 
ATOM   827  C  CG  . LEU A 1 150 ? 0.806   -1.508  1.846   1.00 13.79 ? 133  LEU A CG  1 
ATOM   828  C  CD1 . LEU A 1 150 ? -0.298  -0.874  1.017   1.00 13.98 ? 133  LEU A CD1 1 
ATOM   829  C  CD2 . LEU A 1 150 ? 2.169   -0.953  1.428   1.00 16.41 ? 133  LEU A CD2 1 
ATOM   830  N  N   . VAL A 1 151 ? 1.624   -0.870  6.566   1.00 13.91 ? 134  VAL A N   1 
ATOM   831  C  CA  . VAL A 1 151 ? 1.249   -0.585  7.948   1.00 15.23 ? 134  VAL A CA  1 
ATOM   832  C  C   . VAL A 1 151 ? 0.855   0.893   8.069   1.00 15.73 ? 134  VAL A C   1 
ATOM   833  O  O   . VAL A 1 151 ? 1.649   1.787   7.758   1.00 15.95 ? 134  VAL A O   1 
ATOM   834  C  CB  . VAL A 1 151 ? 2.389   -0.913  8.955   1.00 14.62 ? 134  VAL A CB  1 
ATOM   835  C  CG1 . VAL A 1 151 ? 1.950   -0.628  10.382  1.00 17.91 ? 134  VAL A CG1 1 
ATOM   836  C  CG2 . VAL A 1 151 ? 2.824   -2.351  8.804   1.00 14.02 ? 134  VAL A CG2 1 
ATOM   837  N  N   . PHE A 1 152 ? -0.360  1.137   8.557   1.00 16.80 ? 135  PHE A N   1 
ATOM   838  C  CA  . PHE A 1 152 ? -0.947  2.493   8.556   1.00 18.01 ? 135  PHE A CA  1 
ATOM   839  C  C   . PHE A 1 152 ? -0.875  3.167   9.929   1.00 18.25 ? 135  PHE A C   1 
ATOM   840  O  O   . PHE A 1 152 ? -1.057  2.522   10.960  1.00 17.63 ? 135  PHE A O   1 
ATOM   841  C  CB  . PHE A 1 152 ? -2.402  2.458   8.036   1.00 17.14 ? 135  PHE A CB  1 
ATOM   842  C  CG  . PHE A 1 152 ? -2.534  1.770   6.708   1.00 18.04 ? 135  PHE A CG  1 
ATOM   843  C  CD1 . PHE A 1 152 ? -2.278  2.473   5.526   1.00 17.27 ? 135  PHE A CD1 1 
ATOM   844  C  CD2 . PHE A 1 152 ? -2.860  0.409   6.631   1.00 15.94 ? 135  PHE A CD2 1 
ATOM   845  C  CE1 . PHE A 1 152 ? -2.353  1.843   4.305   1.00 15.20 ? 135  PHE A CE1 1 
ATOM   846  C  CE2 . PHE A 1 152 ? -2.942  -0.241  5.391   1.00 15.57 ? 135  PHE A CE2 1 
ATOM   847  C  CZ  . PHE A 1 152 ? -2.693  0.472   4.234   1.00 14.10 ? 135  PHE A CZ  1 
ATOM   848  N  N   . SER A 1 153 ? -0.600  4.475   9.921   1.00 18.65 ? 136  SER A N   1 
ATOM   849  C  CA  . SER A 1 153 ? -0.515  5.213   11.180  1.00 17.79 ? 136  SER A CA  1 
ATOM   850  C  C   . SER A 1 153 ? -1.759  6.060   11.412  1.00 17.46 ? 136  SER A C   1 
ATOM   851  O  O   . SER A 1 153 ? -1.882  6.689   12.477  1.00 18.56 ? 136  SER A O   1 
ATOM   852  C  CB  . SER A 1 153 ? 0.754   6.073   11.253  1.00 17.44 ? 136  SER A CB  1 
ATOM   853  O  OG  . SER A 1 153 ? 0.789   7.067   10.228  1.00 21.52 ? 136  SER A OG  1 
ATOM   854  N  N   . GLY A 1 154 ? -2.664  6.094   10.434  1.00 15.89 ? 137  GLY A N   1 
ATOM   855  C  CA  . GLY A 1 154 ? -3.905  6.837   10.559  1.00 16.09 ? 137  GLY A CA  1 
ATOM   856  C  C   . GLY A 1 154 ? -4.772  6.735   9.309   1.00 16.42 ? 137  GLY A C   1 
ATOM   857  O  O   . GLY A 1 154 ? -4.402  6.052   8.360   1.00 15.70 ? 137  GLY A O   1 
ATOM   858  N  N   . PRO A 1 155 ? -5.918  7.421   9.312   1.00 16.27 ? 138  PRO A N   1 
ATOM   859  C  CA  . PRO A 1 155 ? -6.888  7.306   8.220   1.00 15.80 ? 138  PRO A CA  1 
ATOM   860  C  C   . PRO A 1 155 ? -6.316  7.685   6.859   1.00 15.58 ? 138  PRO A C   1 
ATOM   861  O  O   . PRO A 1 155 ? -5.645  8.705   6.691   1.00 14.96 ? 138  PRO A O   1 
ATOM   862  C  CB  . PRO A 1 155 ? -8.008  8.273   8.657   1.00 15.89 ? 138  PRO A CB  1 
ATOM   863  C  CG  . PRO A 1 155 ? -7.904  8.247   10.191  1.00 17.23 ? 138  PRO A CG  1 
ATOM   864  C  CD  . PRO A 1 155 ? -6.393  8.319   10.390  1.00 16.79 ? 138  PRO A CD  1 
ATOM   865  N  N   . VAL A 1 156 ? -6.608  6.843   5.888   1.00 15.61 ? 139  VAL A N   1 
ATOM   866  C  CA  . VAL A 1 156 ? -6.178  7.010   4.501   1.00 15.00 ? 139  VAL A CA  1 
ATOM   867  C  C   . VAL A 1 156 ? -6.986  6.029   3.664   1.00 15.76 ? 139  VAL A C   1 
ATOM   868  O  O   . VAL A 1 156 ? -7.321  4.921   4.134   1.00 14.95 ? 139  VAL A O   1 
ATOM   869  C  CB  . VAL A 1 156 ? -4.656  6.806   4.322   1.00 15.30 ? 139  VAL A CB  1 
ATOM   870  C  CG1 . VAL A 1 156 ? -4.201  5.414   4.815   1.00 14.13 ? 139  VAL A CG1 1 
ATOM   871  C  CG2 . VAL A 1 156 ? -4.192  7.108   2.849   1.00 11.71 ? 139  VAL A CG2 1 
ATOM   872  N  N   . ASN A 1 157 ? -7.381  6.479   2.462   1.00 15.67 ? 140  ASN A N   1 
ATOM   873  C  CA  . ASN A 1 157 ? -7.978  5.581   1.483   1.00 15.20 ? 140  ASN A CA  1 
ATOM   874  C  C   . ASN A 1 157 ? -6.979  5.259   0.365   1.00 14.92 ? 140  ASN A C   1 
ATOM   875  O  O   . ASN A 1 157 ? -6.269  6.123   -0.118  1.00 14.66 ? 140  ASN A O   1 
ATOM   876  C  CB  . ASN A 1 157 ? -9.240  6.208   0.906   1.00 15.71 ? 140  ASN A CB  1 
ATOM   877  C  CG  . ASN A 1 157 ? -10.359 6.329   1.936   1.00 16.80 ? 140  ASN A CG  1 
ATOM   878  O  OD1 . ASN A 1 157 ? -10.193 6.000   3.144   1.00 18.17 ? 140  ASN A OD1 1 
ATOM   879  N  ND2 . ASN A 1 157 ? -11.536 6.727   1.454   1.00 17.95 ? 140  ASN A ND2 1 
ATOM   880  N  N   . VAL A 1 158 ? -6.925  3.997   -0.024  1.00 14.86 ? 141  VAL A N   1 
ATOM   881  C  CA  . VAL A 1 158 ? -5.849  3.496   -0.880  1.00 14.30 ? 141  VAL A CA  1 
ATOM   882  C  C   . VAL A 1 158 ? -6.465  2.683   -1.983  1.00 14.63 ? 141  VAL A C   1 
ATOM   883  O  O   . VAL A 1 158 ? -7.204  1.715   -1.741  1.00 14.72 ? 141  VAL A O   1 
ATOM   884  C  CB  . VAL A 1 158 ? -4.776  2.684   -0.104  1.00 13.61 ? 141  VAL A CB  1 
ATOM   885  C  CG1 . VAL A 1 158 ? -3.529  2.482   -0.945  1.00 16.40 ? 141  VAL A CG1 1 
ATOM   886  C  CG2 . VAL A 1 158 ? -4.394  3.392   1.205   1.00 13.57 ? 141  VAL A CG2 1 
ATOM   887  N  N   . ASP A 1 159 ? -6.170  3.125   -3.202  1.00 13.80 ? 142  ASP A N   1 
ATOM   888  C  CA  . ASP A 1 159 ? -6.679  2.510   -4.401  1.00 14.76 ? 142  ASP A CA  1 
ATOM   889  C  C   . ASP A 1 159 ? -5.716  1.399   -4.831  1.00 15.32 ? 142  ASP A C   1 
ATOM   890  O  O   . ASP A 1 159 ? -6.124  0.228   -4.955  1.00 15.53 ? 142  ASP A O   1 
ATOM   891  C  CB  . ASP A 1 159 ? -6.856  3.603   -5.479  1.00 14.56 ? 142  ASP A CB  1 
ATOM   892  C  CG  . ASP A 1 159 ? -7.493  3.086   -6.770  1.00 15.37 ? 142  ASP A CG  1 
ATOM   893  O  OD1 . ASP A 1 159 ? -7.816  1.872   -6.876  1.00 15.14 ? 142  ASP A OD1 1 
ATOM   894  O  OD2 . ASP A 1 159 ? -7.736  3.861   -7.731  1.00 16.10 ? 142  ASP A OD2 1 
ATOM   895  N  N   . TRP A 1 160 ? -4.449  1.753   -5.073  1.00 14.86 ? 143  TRP A N   1 
ATOM   896  C  CA  . TRP A 1 160 ? -3.441  0.786   -5.538  1.00 14.74 ? 143  TRP A CA  1 
ATOM   897  C  C   . TRP A 1 160 ? -2.045  1.301   -5.189  1.00 15.24 ? 143  TRP A C   1 
ATOM   898  O  O   . TRP A 1 160 ? -1.904  2.460   -4.776  1.00 15.02 ? 143  TRP A O   1 
ATOM   899  C  CB  . TRP A 1 160 ? -3.592  0.442   -7.035  1.00 13.60 ? 143  TRP A CB  1 
ATOM   900  C  CG  . TRP A 1 160 ? -3.649  1.624   -7.969  1.00 15.71 ? 143  TRP A CG  1 
ATOM   901  C  CD1 . TRP A 1 160 ? -4.749  2.118   -8.604  1.00 19.53 ? 143  TRP A CD1 1 
ATOM   902  C  CD2 . TRP A 1 160 ? -2.553  2.464   -8.370  1.00 16.62 ? 143  TRP A CD2 1 
ATOM   903  N  NE1 . TRP A 1 160 ? -4.418  3.208   -9.379  1.00 16.68 ? 143  TRP A NE1 1 
ATOM   904  C  CE2 . TRP A 1 160 ? -3.075  3.450   -9.244  1.00 17.31 ? 143  TRP A CE2 1 
ATOM   905  C  CE3 . TRP A 1 160 ? -1.178  2.483   -8.076  1.00 18.79 ? 143  TRP A CE3 1 
ATOM   906  C  CZ2 . TRP A 1 160 ? -2.283  4.444   -9.815  1.00 14.31 ? 143  TRP A CZ2 1 
ATOM   907  C  CZ3 . TRP A 1 160 ? -0.383  3.458   -8.651  1.00 17.62 ? 143  TRP A CZ3 1 
ATOM   908  C  CH2 . TRP A 1 160 ? -0.947  4.439   -9.508  1.00 19.07 ? 143  TRP A CH2 1 
ATOM   909  N  N   . PHE A 1 161 ? -1.054  0.416   -5.292  1.00 14.27 ? 144  PHE A N   1 
ATOM   910  C  CA  . PHE A 1 161 ? 0.346   0.774   -5.134  1.00 15.31 ? 144  PHE A CA  1 
ATOM   911  C  C   . PHE A 1 161 ? 1.179   -0.050  -6.156  1.00 15.67 ? 144  PHE A C   1 
ATOM   912  O  O   . PHE A 1 161 ? 0.732   -1.081  -6.660  1.00 15.76 ? 144  PHE A O   1 
ATOM   913  C  CB  . PHE A 1 161 ? 0.834   0.558   -3.686  1.00 14.31 ? 144  PHE A CB  1 
ATOM   914  C  CG  . PHE A 1 161 ? 0.769   -0.882  -3.199  1.00 15.06 ? 144  PHE A CG  1 
ATOM   915  C  CD1 . PHE A 1 161 ? -0.450  -1.448  -2.820  1.00 15.81 ? 144  PHE A CD1 1 
ATOM   916  C  CD2 . PHE A 1 161 ? 1.941   -1.647  -3.056  1.00 15.29 ? 144  PHE A CD2 1 
ATOM   917  C  CE1 . PHE A 1 161 ? -0.528  -2.779  -2.320  1.00 17.32 ? 144  PHE A CE1 1 
ATOM   918  C  CE2 . PHE A 1 161 ? 1.892   -2.987  -2.574  1.00 15.09 ? 144  PHE A CE2 1 
ATOM   919  C  CZ  . PHE A 1 161 ? 0.666   -3.554  -2.200  1.00 19.11 ? 144  PHE A CZ  1 
ATOM   920  N  N   . VAL A 1 162 ? 2.375   0.427   -6.462  1.00 15.84 ? 145  VAL A N   1 
ATOM   921  C  CA  . VAL A 1 162 ? 3.193   -0.142  -7.526  1.00 16.04 ? 145  VAL A CA  1 
ATOM   922  C  C   . VAL A 1 162 ? 4.617   0.232   -7.161  1.00 16.54 ? 145  VAL A C   1 
ATOM   923  O  O   . VAL A 1 162 ? 4.859   1.225   -6.431  1.00 16.21 ? 145  VAL A O   1 
ATOM   924  C  CB  . VAL A 1 162 ? 2.795   0.429   -8.933  1.00 16.38 ? 145  VAL A CB  1 
ATOM   925  C  CG1 . VAL A 1 162 ? 3.103   1.942   -9.050  1.00 15.21 ? 145  VAL A CG1 1 
ATOM   926  C  CG2 . VAL A 1 162 ? 3.468   -0.345  -10.080 1.00 16.01 ? 145  VAL A CG2 1 
ATOM   927  N  N   . PHE A 1 163 ? 5.550   -0.575  -7.642  1.00 16.58 ? 146  PHE A N   1 
ATOM   928  C  CA  . PHE A 1 163 ? 6.966   -0.342  -7.399  1.00 17.34 ? 146  PHE A CA  1 
ATOM   929  C  C   . PHE A 1 163 ? 7.700   -0.070  -8.735  1.00 18.34 ? 146  PHE A C   1 
ATOM   930  O  O   . PHE A 1 163 ? 7.247   -0.493  -9.808  1.00 17.50 ? 146  PHE A O   1 
ATOM   931  C  CB  . PHE A 1 163 ? 7.574   -1.562  -6.696  1.00 16.82 ? 146  PHE A CB  1 
ATOM   932  C  CG  . PHE A 1 163 ? 6.934   -1.879  -5.361  1.00 17.19 ? 146  PHE A CG  1 
ATOM   933  C  CD1 . PHE A 1 163 ? 7.408   -1.285  -4.195  1.00 14.40 ? 146  PHE A CD1 1 
ATOM   934  C  CD2 . PHE A 1 163 ? 5.820   -2.752  -5.281  1.00 14.38 ? 146  PHE A CD2 1 
ATOM   935  C  CE1 . PHE A 1 163 ? 6.800   -1.588  -2.922  1.00 17.12 ? 146  PHE A CE1 1 
ATOM   936  C  CE2 . PHE A 1 163 ? 5.216   -3.038  -4.028  1.00 17.20 ? 146  PHE A CE2 1 
ATOM   937  C  CZ  . PHE A 1 163 ? 5.712   -2.463  -2.860  1.00 16.35 ? 146  PHE A CZ  1 
ATOM   938  N  N   . SER A 1 164 ? 8.862   0.565   -8.637  1.00 20.43 ? 147  SER A N   1 
ATOM   939  C  CA  . SER A 1 164 ? 9.680   0.948   -9.792  1.00 23.85 ? 147  SER A CA  1 
ATOM   940  C  C   . SER A 1 164 ? 11.147  0.628   -9.495  1.00 24.94 ? 147  SER A C   1 
ATOM   941  O  O   . SER A 1 164 ? 11.583  0.715   -8.349  1.00 24.41 ? 147  SER A O   1 
ATOM   942  C  CB  . SER A 1 164 ? 9.576   2.451   -10.043 1.00 23.03 ? 147  SER A CB  1 
ATOM   943  O  OG  . SER A 1 164 ? 8.247   2.818   -10.309 1.00 29.89 ? 147  SER A OG  1 
ATOM   944  N  N   . LYS A 1 165 ? 11.908  0.271   -10.522 1.00 27.87 ? 148  LYS A N   1 
ATOM   945  C  CA  . LYS A 1 165 ? 13.375  0.213   -10.370 1.00 30.71 ? 148  LYS A CA  1 
ATOM   946  C  C   . LYS A 1 165 ? 13.968  1.526   -10.886 1.00 31.75 ? 148  LYS A C   1 
ATOM   947  O  O   . LYS A 1 165 ? 13.726  2.591   -10.302 1.00 33.43 ? 148  LYS A O   1 
ATOM   948  C  CB  . LYS A 1 165 ? 13.987  -0.971  -11.102 1.00 30.91 ? 148  LYS A CB  1 
ATOM   949  C  CG  . LYS A 1 165 ? 15.517  -0.884  -11.312 1.00 34.52 ? 148  LYS A CG  1 
ATOM   950  C  CD  . LYS A 1 165 ? 16.290  -0.746  -9.993  1.00 40.83 ? 148  LYS A CD  1 
ATOM   951  C  CE  . LYS A 1 165 ? 17.304  0.435   -10.024 1.00 45.75 ? 148  LYS A CE  1 
ATOM   952  N  NZ  . LYS A 1 165 ? 17.860  0.809   -8.673  1.00 47.46 ? 148  LYS A NZ  1 
HETATM 953  O  O1  . XYP B 2 .   ? -11.690 10.655  13.533  1.00 21.17 ? 1    XYP B O1  1 
HETATM 954  C  C1  . XYP B 2 .   ? -11.979 9.819   12.430  1.00 25.17 ? 1    XYP B C1  1 
HETATM 955  C  C2  . XYP B 2 .   ? -13.470 9.734   12.309  1.00 21.35 ? 1    XYP B C2  1 
HETATM 956  C  C3  . XYP B 2 .   ? -13.724 8.719   11.194  1.00 23.90 ? 1    XYP B C3  1 
HETATM 957  C  C4  . XYP B 2 .   ? -13.080 9.090   9.857   1.00 21.81 ? 1    XYP B C4  1 
HETATM 958  C  C5  . XYP B 2 .   ? -11.601 9.339   10.140  1.00 23.45 ? 1    XYP B C5  1 
HETATM 959  O  O2  . XYP B 2 .   ? -14.002 9.259   13.542  1.00 24.31 ? 1    XYP B O2  1 
HETATM 960  O  O3  . XYP B 2 .   ? -15.092 8.454   11.035  1.00 21.75 ? 1    XYP B O3  1 
HETATM 961  O  O4  . XYP B 2 .   ? -13.262 7.922   9.074   1.00 23.09 ? 1    XYP B O4  1 
HETATM 962  O  O5  . XYP B 2 .   ? -11.400 10.233  11.240  1.00 26.91 ? 1    XYP B O5  1 
HETATM 963  C  C1  . XYP B 2 .   ? -13.201 8.124   7.648   1.00 19.50 ? 2    XYP B C1  1 
HETATM 964  C  C2  . XYP B 2 .   ? -12.564 6.900   7.006   1.00 17.70 ? 2    XYP B C2  1 
HETATM 965  C  C3  . XYP B 2 .   ? -12.623 7.049   5.475   1.00 18.91 ? 2    XYP B C3  1 
HETATM 966  C  C4  . XYP B 2 .   ? -14.000 7.503   4.985   1.00 19.35 ? 2    XYP B C4  1 
HETATM 967  C  C5  . XYP B 2 .   ? -14.501 8.696   5.790   1.00 18.53 ? 2    XYP B C5  1 
HETATM 968  O  O2  . XYP B 2 .   ? -11.188 6.784   7.398   1.00 17.91 ? 2    XYP B O2  1 
HETATM 969  O  O3  . XYP B 2 .   ? -12.178 5.892   4.771   1.00 19.20 ? 2    XYP B O3  1 
HETATM 970  O  O4  . XYP B 2 .   ? -13.867 7.920   3.647   1.00 19.00 ? 2    XYP B O4  1 
HETATM 971  O  O5  . XYP B 2 .   ? -14.446 8.344   7.156   1.00 19.74 ? 2    XYP B O5  1 
HETATM 972  C  C1  . XYP B 2 .   ? -14.953 7.376   2.877   1.00 20.33 ? 3    XYP B C1  1 
HETATM 973  C  C2  . XYP B 2 .   ? -15.301 8.317   1.742   1.00 21.37 ? 3    XYP B C2  1 
HETATM 974  C  C3  . XYP B 2 .   ? -16.456 7.712   0.948   1.00 23.73 ? 3    XYP B C3  1 
HETATM 975  C  C4  . XYP B 2 .   ? -16.002 6.338   0.451   1.00 23.77 ? 3    XYP B C4  1 
HETATM 976  C  C5  . XYP B 2 .   ? -15.548 5.497   1.649   1.00 22.54 ? 3    XYP B C5  1 
HETATM 977  O  O2  . XYP B 2 .   ? -15.635 9.588   2.237   1.00 22.43 ? 3    XYP B O2  1 
HETATM 978  O  O3  . XYP B 2 .   ? -16.809 8.547   -0.146  1.00 25.56 ? 3    XYP B O3  1 
HETATM 979  O  O4  . XYP B 2 .   ? -17.054 5.626   -0.182  1.00 26.32 ? 3    XYP B O4  1 
HETATM 980  O  O5  . XYP B 2 .   ? -14.571 6.181   2.364   1.00 20.06 ? 3    XYP B O5  1 
HETATM 981  CA CA  . CA  C 3 .   ? -8.121  -0.370  -6.112  1.00 27.31 ? 900  CA  A CA  1 
HETATM 982  O  O   . HOH D 4 .   ? 0.729   -6.528  -9.988  1.00 20.03 ? 901  HOH A O   1 
HETATM 983  O  O   . HOH D 4 .   ? 4.868   -5.960  -14.685 1.00 29.73 ? 902  HOH A O   1 
HETATM 984  O  O   . HOH D 4 .   ? -3.931  -6.612  -7.564  1.00 25.39 ? 903  HOH A O   1 
HETATM 985  O  O   . HOH D 4 .   ? -10.356 -4.972  -7.282  1.00 32.98 ? 904  HOH A O   1 
HETATM 986  O  O   . HOH D 4 .   ? -12.170 1.822   -14.247 1.00 15.40 ? 905  HOH A O   1 
HETATM 987  O  O   . HOH D 4 .   ? -9.925  -0.382  15.273  1.00 20.75 ? 906  HOH A O   1 
HETATM 988  O  O   . HOH D 4 .   ? -14.392 -2.872  15.202  1.00 30.88 ? 907  HOH A O   1 
HETATM 989  O  O   . HOH D 4 .   ? -15.174 -4.593  3.330   1.00 23.99 ? 908  HOH A O   1 
HETATM 990  O  O   . HOH D 4 .   ? -6.071  2.400   16.249  1.00 31.88 ? 909  HOH A O   1 
HETATM 991  O  O   . HOH D 4 .   ? 13.110  -6.809  -12.219 1.00 19.44 ? 910  HOH A O   1 
HETATM 992  O  O   . HOH D 4 .   ? -6.478  4.717   -10.598 1.00 30.99 ? 911  HOH A O   1 
HETATM 993  O  O   . HOH D 4 .   ? -2.724  16.965  9.696   1.00 24.88 ? 912  HOH A O   1 
HETATM 994  O  O   . HOH D 4 .   ? -2.531  17.539  7.344   1.00 19.10 ? 913  HOH A O   1 
HETATM 995  O  O   . HOH D 4 .   ? -8.788  -8.819  -0.182  1.00 17.77 ? 914  HOH A O   1 
HETATM 996  O  O   . HOH D 4 .   ? -11.019 -7.497  -2.950  1.00 24.20 ? 915  HOH A O   1 
HETATM 997  O  O   . HOH D 4 .   ? -5.305  -15.225 -0.459  1.00 13.66 ? 916  HOH A O   1 
HETATM 998  O  O   . HOH D 4 .   ? -5.244  -15.371 2.378   1.00 19.72 ? 917  HOH A O   1 
HETATM 999  O  O   . HOH D 4 .   ? -1.898  5.604   7.345   1.00 28.96 ? 918  HOH A O   1 
HETATM 1000 O  O   . HOH D 4 .   ? -0.575  -4.118  11.909  1.00 21.42 ? 919  HOH A O   1 
HETATM 1001 O  O   . HOH D 4 .   ? 12.188  -15.472 -4.996  1.00 17.27 ? 920  HOH A O   1 
HETATM 1002 O  O   . HOH D 4 .   ? -5.449  19.534  4.333   1.00 24.98 ? 921  HOH A O   1 
HETATM 1003 O  O   . HOH D 4 .   ? -5.013  10.934  8.217   1.00 15.72 ? 922  HOH A O   1 
HETATM 1004 O  O   . HOH D 4 .   ? -14.079 7.609   -3.229  1.00 25.88 ? 923  HOH A O   1 
HETATM 1005 O  O   . HOH D 4 .   ? -9.284  5.567   6.018   1.00 13.54 ? 924  HOH A O   1 
HETATM 1006 O  O   . HOH D 4 .   ? 11.166  4.671   6.604   1.00 19.82 ? 925  HOH A O   1 
HETATM 1007 O  O   . HOH D 4 .   ? 11.319  5.589   2.623   1.00 21.94 ? 926  HOH A O   1 
HETATM 1008 O  O   . HOH D 4 .   ? -11.004 7.773   -7.320  1.00 15.85 ? 927  HOH A O   1 
HETATM 1009 O  O   . HOH D 4 .   ? -9.704  11.996  -7.229  1.00 23.86 ? 928  HOH A O   1 
HETATM 1010 O  O   . HOH D 4 .   ? 2.692   3.652   9.291   1.00 16.18 ? 929  HOH A O   1 
HETATM 1011 O  O   . HOH D 4 .   ? -12.661 9.285   -5.459  1.00 20.32 ? 930  HOH A O   1 
HETATM 1012 O  O   A HOH D 4 .   ? -19.059 -0.018  -2.331  0.50 13.71 ? 931  HOH A O   1 
HETATM 1013 O  O   B HOH D 4 .   ? -20.395 -0.869  -3.142  0.50 18.23 ? 931  HOH A O   1 
HETATM 1014 O  O   . HOH D 4 .   ? 1.956   -10.416 6.970   1.00 15.67 ? 932  HOH A O   1 
HETATM 1015 O  O   . HOH D 4 .   ? -12.302 3.375   10.862  1.00 11.57 ? 933  HOH A O   1 
HETATM 1016 O  O   . HOH D 4 .   ? -0.767  -12.989 7.148   1.00 17.55 ? 934  HOH A O   1 
HETATM 1017 O  O   . HOH D 4 .   ? -12.620 6.931   -9.192  1.00 20.68 ? 935  HOH A O   1 
HETATM 1018 O  O   . HOH D 4 .   ? 1.456   -16.407 4.583   1.00 29.32 ? 936  HOH A O   1 
HETATM 1019 O  O   . HOH D 4 .   ? 1.697   13.648  -0.639  1.00 23.70 ? 937  HOH A O   1 
HETATM 1020 O  O   . HOH D 4 .   ? -1.558  10.033  11.113  1.00 30.17 ? 938  HOH A O   1 
HETATM 1021 O  O   . HOH D 4 .   ? 6.407   0.104   -12.203 1.00 24.26 ? 939  HOH A O   1 
HETATM 1022 O  O   . HOH D 4 .   ? -12.258 7.002   -1.343  1.00 24.62 ? 940  HOH A O   1 
HETATM 1023 O  O   . HOH D 4 .   ? -1.679  14.459  10.310  1.00 21.93 ? 941  HOH A O   1 
HETATM 1024 O  O   . HOH D 4 .   ? 7.461   3.695   -7.672  1.00 27.54 ? 942  HOH A O   1 
HETATM 1025 O  O   . HOH D 4 .   ? 0.981   -12.348 -6.046  1.00 28.23 ? 943  HOH A O   1 
HETATM 1026 O  O   . HOH D 4 .   ? -8.359  -10.057 6.374   1.00 31.74 ? 944  HOH A O   1 
HETATM 1027 O  O   . HOH D 4 .   ? -1.388  -13.023 3.502   1.00 16.94 ? 945  HOH A O   1 
HETATM 1028 O  O   . HOH D 4 .   ? -16.633 0.553   -8.747  1.00 20.53 ? 946  HOH A O   1 
HETATM 1029 O  O   . HOH D 4 .   ? 0.993   -13.675 5.113   1.00 21.01 ? 947  HOH A O   1 
HETATM 1030 O  O   . HOH D 4 .   ? 8.039   5.000   9.510   1.00 23.58 ? 948  HOH A O   1 
HETATM 1031 O  O   . HOH D 4 .   ? 17.014  2.441   -1.789  1.00 19.94 ? 949  HOH A O   1 
HETATM 1032 O  O   . HOH D 4 .   ? -5.578  -11.365 -2.585  1.00 22.61 ? 950  HOH A O   1 
HETATM 1033 O  O   . HOH D 4 .   ? 12.131  -12.825 -8.971  1.00 26.83 ? 951  HOH A O   1 
HETATM 1034 O  O   . HOH D 4 .   ? 8.828   -9.316  -11.605 1.00 27.25 ? 952  HOH A O   1 
HETATM 1035 O  O   . HOH D 4 .   ? -12.565 5.291   -15.217 1.00 21.98 ? 953  HOH A O   1 
HETATM 1036 O  O   . HOH D 4 .   ? 3.131   2.832   11.765  1.00 24.49 ? 954  HOH A O   1 
HETATM 1037 O  O   . HOH D 4 .   ? 3.659   -13.087 4.979   1.00 19.47 ? 955  HOH A O   1 
HETATM 1038 O  O   . HOH D 4 .   ? -4.536  -8.855  -6.004  1.00 43.90 ? 956  HOH A O   1 
HETATM 1039 O  O   . HOH D 4 .   ? -10.763 5.511   9.769   1.00 20.74 ? 957  HOH A O   1 
HETATM 1040 O  O   . HOH D 4 .   ? -14.766 3.689   11.432  1.00 26.76 ? 958  HOH A O   1 
HETATM 1041 O  O   . HOH D 4 .   ? 19.412  -1.234  2.510   1.00 39.85 ? 959  HOH A O   1 
HETATM 1042 O  O   . HOH D 4 .   ? 11.249  -9.348  7.624   1.00 30.05 ? 960  HOH A O   1 
HETATM 1043 O  O   . HOH D 4 .   ? 13.383  2.958   6.205   1.00 37.38 ? 961  HOH A O   1 
HETATM 1044 O  O   A HOH D 4 .   ? 4.857   10.188  -7.448  0.50 12.06 ? 962  HOH A O   1 
HETATM 1045 O  O   B HOH D 4 .   ? 5.300   12.145  -7.343  0.50 20.70 ? 962  HOH A O   1 
HETATM 1046 O  O   . HOH D 4 .   ? 5.576   -3.112  -15.808 1.00 40.56 ? 963  HOH A O   1 
HETATM 1047 O  O   . HOH D 4 .   ? -6.040  6.270   14.031  1.00 29.22 ? 964  HOH A O   1 
HETATM 1048 O  O   . HOH D 4 .   ? -11.084 -8.798  5.268   1.00 30.08 ? 965  HOH A O   1 
HETATM 1049 O  O   . HOH D 4 .   ? -0.034  17.448  3.628   1.00 29.02 ? 966  HOH A O   1 
HETATM 1050 O  O   . HOH D 4 .   ? -11.091 6.548   12.526  1.00 18.56 ? 967  HOH A O   1 
HETATM 1051 O  O   . HOH D 4 .   ? 5.165   11.797  -3.942  1.00 28.04 ? 968  HOH A O   1 
HETATM 1052 O  O   . HOH D 4 .   ? 8.679   -12.208 2.388   1.00 21.96 ? 969  HOH A O   1 
HETATM 1053 O  O   . HOH D 4 .   ? 15.824  -7.731  6.372   1.00 25.76 ? 970  HOH A O   1 
HETATM 1054 O  O   . HOH D 4 .   ? 6.748   -13.944 4.145   1.00 38.23 ? 971  HOH A O   1 
HETATM 1055 O  O   . HOH D 4 .   ? -3.847  15.612  -10.480 1.00 17.15 ? 972  HOH A O   1 
HETATM 1056 O  O   . HOH D 4 .   ? -9.636  -5.895  8.139   1.00 24.81 ? 973  HOH A O   1 
HETATM 1057 O  O   . HOH D 4 .   ? 8.494   0.266   -13.801 1.00 37.79 ? 974  HOH A O   1 
HETATM 1058 O  O   . HOH D 4 .   ? -13.639 1.027   16.653  1.00 35.49 ? 975  HOH A O   1 
HETATM 1059 O  O   . HOH D 4 .   ? 5.372   6.240   10.517  1.00 26.12 ? 976  HOH A O   1 
HETATM 1060 O  O   . HOH D 4 .   ? 18.409  -4.509  -0.050  1.00 25.54 ? 977  HOH A O   1 
HETATM 1061 O  O   . HOH D 4 .   ? 14.500  3.008   3.198   1.00 38.33 ? 978  HOH A O   1 
HETATM 1062 O  O   . HOH D 4 .   ? -6.991  -11.577 7.393   1.00 18.46 ? 979  HOH A O   1 
HETATM 1063 O  O   . HOH D 4 .   ? 8.082   -10.974 10.107  1.00 33.95 ? 980  HOH A O   1 
HETATM 1064 O  O   . HOH D 4 .   ? -3.934  7.920   13.794  1.00 30.84 ? 981  HOH A O   1 
HETATM 1065 O  O   . HOH D 4 .   ? -8.206  -5.107  17.925  1.00 35.27 ? 982  HOH A O   1 
HETATM 1066 O  O   . HOH D 4 .   ? 11.919  7.372   6.990   1.00 39.83 ? 983  HOH A O   1 
HETATM 1067 O  O   . HOH D 4 .   ? -0.335  -14.055 -9.631  1.00 30.06 ? 984  HOH A O   1 
HETATM 1068 O  O   . HOH D 4 .   ? 15.633  -2.244  4.714   1.00 21.15 ? 985  HOH A O   1 
HETATM 1069 O  O   . HOH D 4 .   ? -14.541 15.690  0.878   1.00 46.96 ? 986  HOH A O   1 
HETATM 1070 O  O   . HOH D 4 .   ? 11.468  8.680   0.140   1.00 24.60 ? 987  HOH A O   1 
HETATM 1071 O  O   . HOH D 4 .   ? -8.733  1.079   -9.488  1.00 29.61 ? 988  HOH A O   1 
HETATM 1072 O  O   . HOH D 4 .   ? -1.699  17.110  -6.658  1.00 28.93 ? 989  HOH A O   1 
HETATM 1073 O  O   . HOH D 4 .   ? -20.412 1.688   -7.354  1.00 33.89 ? 990  HOH A O   1 
HETATM 1074 O  O   . HOH D 4 .   ? 5.230   12.171  9.659   1.00 35.38 ? 991  HOH A O   1 
HETATM 1075 O  O   . HOH D 4 .   ? -9.638  -1.193  -8.522  1.00 28.51 ? 992  HOH A O   1 
HETATM 1076 O  O   . HOH D 4 .   ? 12.523  -14.211 -2.557  1.00 27.98 ? 993  HOH A O   1 
HETATM 1077 O  O   . HOH D 4 .   ? -9.363  10.696  14.369  1.00 31.06 ? 994  HOH A O   1 
HETATM 1078 O  O   . HOH D 4 .   ? 6.862   10.221  10.576  1.00 57.87 ? 995  HOH A O   1 
HETATM 1079 O  O   . HOH D 4 .   ? -3.257  -13.676 -4.049  1.00 21.96 ? 996  HOH A O   1 
HETATM 1080 O  O   . HOH D 4 .   ? -10.125 17.859  -2.317  1.00 32.33 ? 997  HOH A O   1 
HETATM 1081 O  O   . HOH D 4 .   ? -13.769 13.129  2.621   1.00 27.30 ? 998  HOH A O   1 
HETATM 1082 O  O   . HOH D 4 .   ? -15.972 0.600   9.104   1.00 27.65 ? 999  HOH A O   1 
HETATM 1083 O  O   . HOH D 4 .   ? 1.685   6.301   15.062  1.00 40.47 ? 1000 HOH A O   1 
HETATM 1084 O  O   . HOH D 4 .   ? 13.732  -4.397  -11.677 1.00 26.93 ? 1001 HOH A O   1 
HETATM 1085 O  O   . HOH D 4 .   ? -5.885  -16.518 4.413   1.00 33.15 ? 1002 HOH A O   1 
HETATM 1086 O  O   . HOH D 4 .   ? -5.354  18.561  7.009   1.00 27.97 ? 1003 HOH A O   1 
HETATM 1087 O  O   . HOH D 4 .   ? 18.827  -6.448  -7.035  1.00 26.68 ? 1004 HOH A O   1 
HETATM 1088 O  O   . HOH D 4 .   ? -7.570  12.023  8.385   1.00 34.18 ? 1005 HOH A O   1 
HETATM 1089 O  O   . HOH D 4 .   ? -4.189  11.273  11.074  1.00 42.99 ? 1006 HOH A O   1 
HETATM 1090 O  O   . HOH D 4 .   ? -6.133  19.967  8.969   1.00 32.83 ? 1007 HOH A O   1 
HETATM 1091 O  O   . HOH D 4 .   ? -18.225 11.440  -0.244  1.00 28.39 ? 1008 HOH A O   1 
HETATM 1092 O  O   . HOH D 4 .   ? 12.083  -2.922  -13.302 1.00 25.26 ? 1009 HOH A O   1 
HETATM 1093 O  O   . HOH D 4 .   ? 6.663   9.790   0.568   1.00 25.54 ? 1010 HOH A O   1 
HETATM 1094 O  O   . HOH D 4 .   ? 18.923  0.314   -1.529  1.00 25.34 ? 1011 HOH A O   1 
HETATM 1095 O  O   . HOH D 4 .   ? -7.306  -13.556 5.001   1.00 26.74 ? 1012 HOH A O   1 
HETATM 1096 O  O   . HOH D 4 .   ? -0.324  -1.188  -13.646 1.00 29.42 ? 1013 HOH A O   1 
HETATM 1097 O  O   . HOH D 4 .   ? -0.842  13.776  -1.060  1.00 31.34 ? 1014 HOH A O   1 
HETATM 1098 O  O   . HOH D 4 .   ? -5.297  5.963   17.754  1.00 24.78 ? 1015 HOH A O   1 
HETATM 1099 O  O   . HOH D 4 .   ? -16.296 -2.600  -3.974  1.00 42.16 ? 1016 HOH A O   1 
HETATM 1100 O  O   . HOH D 4 .   ? 1.238   2.369   13.631  1.00 43.35 ? 1017 HOH A O   1 
HETATM 1101 O  O   . HOH D 4 .   ? 2.792   -20.535 -11.471 1.00 34.84 ? 1018 HOH A O   1 
HETATM 1102 O  O   . HOH D 4 .   ? 10.352  -14.982 -10.991 1.00 30.50 ? 1019 HOH A O   1 
HETATM 1103 O  O   . HOH D 4 .   ? -8.501  18.166  4.517   1.00 24.52 ? 1020 HOH A O   1 
HETATM 1104 O  O   A HOH D 4 .   ? 7.081   -13.143 8.442   0.50 31.60 ? 1021 HOH A O   1 
HETATM 1105 O  O   B HOH D 4 .   ? 5.429   -14.251 8.168   0.50 22.76 ? 1021 HOH A O   1 
HETATM 1106 O  O   . HOH D 4 .   ? -6.558  12.286  -10.182 1.00 30.49 ? 1022 HOH A O   1 
HETATM 1107 O  O   . HOH D 4 .   ? 10.265  8.101   2.791   1.00 29.97 ? 1023 HOH A O   1 
HETATM 1108 O  O   . HOH D 4 .   ? 12.696  4.585   -9.119  1.00 41.12 ? 1024 HOH A O   1 
HETATM 1109 O  O   . HOH D 4 .   ? 17.894  -1.861  -7.653  1.00 39.26 ? 1025 HOH A O   1 
HETATM 1110 O  O   . HOH D 4 .   ? -8.555  6.377   -7.984  1.00 33.14 ? 1026 HOH A O   1 
HETATM 1111 O  O   . HOH D 4 .   ? -9.433  9.461   -8.633  1.00 21.45 ? 1027 HOH A O   1 
HETATM 1112 O  O   . HOH D 4 .   ? 4.485   0.534   12.962  1.00 30.44 ? 1028 HOH A O   1 
HETATM 1113 O  O   . HOH D 4 .   ? -4.571  -3.793  -11.250 1.00 29.98 ? 1029 HOH A O   1 
HETATM 1114 O  O   . HOH D 4 .   ? -5.563  -9.844  -8.265  1.00 35.95 ? 1030 HOH A O   1 
HETATM 1115 O  O   . HOH D 4 .   ? -9.869  2.876   -10.355 1.00 39.02 ? 1031 HOH A O   1 
HETATM 1116 O  O   . HOH D 4 .   ? 3.202   13.456  -3.102  1.00 33.31 ? 1032 HOH A O   1 
HETATM 1117 O  O   . HOH D 4 .   ? -15.392 -6.086  11.634  1.00 31.78 ? 1033 HOH A O   1 
HETATM 1118 O  O   . HOH D 4 .   ? 0.537   -8.755  -12.571 1.00 44.81 ? 1034 HOH A O   1 
HETATM 1119 O  O   . HOH D 4 .   ? -12.163 -5.708  7.385   1.00 34.50 ? 1035 HOH A O   1 
HETATM 1120 O  O   . HOH D 4 .   ? -3.961  7.414   16.473  1.00 37.18 ? 1036 HOH A O   1 
HETATM 1121 O  O   . HOH D 4 .   ? 10.783  -17.455 -4.325  1.00 39.92 ? 1037 HOH A O   1 
HETATM 1122 O  O   . HOH D 4 .   ? -1.229  -15.899 -11.379 1.00 31.61 ? 1038 HOH A O   1 
HETATM 1123 O  O   . HOH D 4 .   ? -2.482  7.559   -11.901 1.00 37.67 ? 1039 HOH A O   1 
HETATM 1124 O  O   . HOH D 4 .   ? -10.272 18.621  7.211   1.00 39.04 ? 1040 HOH A O   1 
HETATM 1125 O  O   . HOH D 4 .   ? -17.534 -0.872  2.183   1.00 46.68 ? 1041 HOH A O   1 
HETATM 1126 O  O   . HOH D 4 .   ? -13.692 -3.775  -8.257  1.00 42.07 ? 1042 HOH A O   1 
HETATM 1127 O  O   . HOH D 4 .   ? 4.467   -2.471  12.700  1.00 29.19 ? 1043 HOH A O   1 
HETATM 1128 O  O   . HOH D 4 .   ? 6.830   9.688   -9.684  1.00 41.36 ? 1044 HOH A O   1 
HETATM 1129 O  O   . HOH D 4 .   ? 10.796  0.694   -13.068 1.00 42.79 ? 1045 HOH A O   1 
HETATM 1130 O  O   . HOH D 4 .   ? -21.909 1.721   -4.892  1.00 53.26 ? 1046 HOH A O   1 
HETATM 1131 O  O   . HOH D 4 .   ? -2.437  -8.384  -11.591 1.00 41.59 ? 1047 HOH A O   1 
HETATM 1132 O  O   . HOH D 4 .   ? -7.479  13.167  11.906  1.00 55.98 ? 1048 HOH A O   1 
HETATM 1133 O  O   . HOH D 4 .   ? 17.863  3.396   0.375   1.00 29.93 ? 1049 HOH A O   1 
HETATM 1134 O  O   . HOH D 4 .   ? 17.110  2.091   2.371   1.00 44.92 ? 1050 HOH A O   1 
HETATM 1135 O  O   . HOH D 4 .   ? 3.672   10.261  -9.872  1.00 40.21 ? 1051 HOH A O   1 
HETATM 1136 O  O   . HOH D 4 .   ? 6.080   -22.035 -11.446 1.00 49.53 ? 1052 HOH A O   1 
HETATM 1137 O  O   . HOH D 4 .   ? -9.371  2.511   -13.521 1.00 33.99 ? 1053 HOH A O   1 
HETATM 1138 O  O   . HOH D 4 .   ? 0.647   9.549   11.470  1.00 36.40 ? 1054 HOH A O   1 
HETATM 1139 O  O   . HOH D 4 .   ? -14.240 17.567  3.330   1.00 48.88 ? 1055 HOH A O   1 
HETATM 1140 O  O   . HOH D 4 .   ? 19.168  0.952   1.243   1.00 44.92 ? 1056 HOH A O   1 
HETATM 1141 O  O   . HOH D 4 .   ? -9.649  16.632  8.729   1.00 33.91 ? 1057 HOH A O   1 
HETATM 1142 O  O   . HOH D 4 .   ? -6.116  -1.424  16.603  1.00 41.39 ? 1058 HOH A O   1 
HETATM 1143 O  O   . HOH D 4 .   ? 11.831  4.446   -12.703 1.00 48.25 ? 1059 HOH A O   1 
HETATM 1144 O  O   . HOH D 4 .   ? 5.509   -17.972 -5.429  1.00 35.87 ? 1060 HOH A O   1 
HETATM 1145 O  O   . HOH D 4 .   ? 4.032   -18.946 -1.387  1.00 44.27 ? 1061 HOH A O   1 
HETATM 1146 O  O   . HOH D 4 .   ? 8.537   -13.422 6.284   1.00 39.10 ? 1062 HOH A O   1 
HETATM 1147 O  O   . HOH D 4 .   ? -1.905  -11.148 -11.509 1.00 43.27 ? 1063 HOH A O   1 
HETATM 1148 O  O   . HOH D 4 .   ? 12.142  -6.382  11.709  1.00 37.58 ? 1064 HOH A O   1 
HETATM 1149 O  O   . HOH D 4 .   ? -1.194  -3.241  14.953  1.00 25.91 ? 1065 HOH A O   1 
HETATM 1150 O  O   . HOH D 4 .   ? -18.512 7.279   5.026   1.00 35.16 ? 1066 HOH A O   1 
HETATM 1151 O  O   . HOH D 4 .   ? -12.189 -1.349  16.834  1.00 35.77 ? 1067 HOH A O   1 
HETATM 1152 O  O   . HOH D 4 .   ? -12.848 18.481  -1.799  1.00 43.32 ? 1068 HOH A O   1 
HETATM 1153 O  O   . HOH D 4 .   ? -2.697  -0.389  -14.399 1.00 41.80 ? 1069 HOH A O   1 
HETATM 1154 O  O   . HOH D 4 .   ? -14.654 6.403   14.145  1.00 46.24 ? 1070 HOH A O   1 
HETATM 1155 O  O   . HOH D 4 .   ? 0.378   -16.403 -5.304  1.00 34.93 ? 1071 HOH A O   1 
HETATM 1156 O  O   . HOH D 4 .   ? 5.179   4.395   -10.372 1.00 37.02 ? 1072 HOH A O   1 
HETATM 1157 O  O   . HOH D 4 .   ? 6.760   -15.187 -0.759  1.00 40.64 ? 1073 HOH A O   1 
HETATM 1158 O  O   . HOH D 4 .   ? -4.258  -11.984 -5.832  1.00 58.43 ? 1074 HOH A O   1 
HETATM 1159 O  O   . HOH D 4 .   ? 6.906   -2.995  14.900  1.00 38.69 ? 1075 HOH A O   1 
HETATM 1160 O  O   . HOH D 4 .   ? 1.967   1.810   -13.402 1.00 38.73 ? 1076 HOH A O   1 
HETATM 1161 O  O   . HOH D 4 .   ? -19.890 3.487   5.066   1.00 45.31 ? 1077 HOH A O   1 
HETATM 1162 O  O   . HOH D 4 .   ? -0.621  0.286   17.399  1.00 47.83 ? 1078 HOH A O   1 
# 
loop_
_pdbx_poly_seq_scheme.asym_id 
_pdbx_poly_seq_scheme.entity_id 
_pdbx_poly_seq_scheme.seq_id 
_pdbx_poly_seq_scheme.mon_id 
_pdbx_poly_seq_scheme.ndb_seq_num 
_pdbx_poly_seq_scheme.pdb_seq_num 
_pdbx_poly_seq_scheme.auth_seq_num 
_pdbx_poly_seq_scheme.pdb_mon_id 
_pdbx_poly_seq_scheme.auth_mon_id 
_pdbx_poly_seq_scheme.pdb_strand_id 
_pdbx_poly_seq_scheme.pdb_ins_code 
_pdbx_poly_seq_scheme.hetero 
A 1 1   MET 1   -16 ?   ?   ?   A . n 
A 1 2   GLY 2   -15 ?   ?   ?   A . n 
A 1 3   SER 3   -14 ?   ?   ?   A . n 
A 1 4   SER 4   -13 ?   ?   ?   A . n 
A 1 5   HIS 5   -12 ?   ?   ?   A . n 
A 1 6   HIS 6   -11 ?   ?   ?   A . n 
A 1 7   HIS 7   -10 ?   ?   ?   A . n 
A 1 8   HIS 8   -9  ?   ?   ?   A . n 
A 1 9   HIS 9   -8  ?   ?   ?   A . n 
A 1 10  HIS 10  -7  ?   ?   ?   A . n 
A 1 11  SER 11  -6  ?   ?   ?   A . n 
A 1 12  SER 12  -5  ?   ?   ?   A . n 
A 1 13  GLY 13  -4  ?   ?   ?   A . n 
A 1 14  LEU 14  -3  ?   ?   ?   A . n 
A 1 15  VAL 15  -2  ?   ?   ?   A . n 
A 1 16  PRO 16  -1  ?   ?   ?   A . n 
A 1 17  ARG 17  0   ?   ?   ?   A . n 
A 1 18  GLY 18  1   ?   ?   ?   A . n 
A 1 19  SER 19  2   ?   ?   ?   A . n 
A 1 20  HIS 20  3   ?   ?   ?   A . n 
A 1 21  MET 21  4   ?   ?   ?   A . n 
A 1 22  ALA 22  5   ?   ?   ?   A . n 
A 1 23  SER 23  6   ?   ?   ?   A . n 
A 1 24  THR 24  7   ?   ?   ?   A . n 
A 1 25  PRO 25  8   ?   ?   ?   A . n 
A 1 26  ALA 26  9   ?   ?   ?   A . n 
A 1 27  ASN 27  10  ?   ?   ?   A . n 
A 1 28  VAL 28  11  ?   ?   ?   A . n 
A 1 29  ASN 29  12  ?   ?   ?   A . n 
A 1 30  SER 30  13  ?   ?   ?   A . n 
A 1 31  GLY 31  14  ?   ?   ?   A . n 
A 1 32  PRO 32  15  ?   ?   ?   A . n 
A 1 33  THR 33  16  ?   ?   ?   A . n 
A 1 34  SER 34  17  ?   ?   ?   A . n 
A 1 35  PRO 35  18  ?   ?   ?   A . n 
A 1 36  VAL 36  19  ?   ?   ?   A . n 
A 1 37  GLY 37  20  20  GLY GLY A . n 
A 1 38  GLY 38  21  21  GLY GLY A . n 
A 1 39  THR 39  22  22  THR THR A . n 
A 1 40  ARG 40  23  23  ARG ARG A . n 
A 1 41  SER 41  24  24  SER SER A . n 
A 1 42  ALA 42  25  25  ALA ALA A . n 
A 1 43  PHE 43  26  26  PHE PHE A . n 
A 1 44  SER 44  27  27  SER SER A . n 
A 1 45  ASN 45  28  28  ASN ASN A . n 
A 1 46  ILE 46  29  29  ILE ILE A . n 
A 1 47  GLN 47  30  30  GLN GLN A . n 
A 1 48  ALA 48  31  31  ALA ALA A . n 
A 1 49  GLU 49  32  32  GLU GLU A . n 
A 1 50  ASP 50  33  33  ASP ASP A . n 
A 1 51  TYR 51  34  34  TYR TYR A . n 
A 1 52  ASP 52  35  35  ASP ASP A . n 
A 1 53  SER 53  36  36  SER SER A . n 
A 1 54  SER 54  37  37  SER SER A . n 
A 1 55  TYR 55  38  38  TYR TYR A . n 
A 1 56  GLY 56  39  39  GLY GLY A . n 
A 1 57  PRO 57  40  40  PRO PRO A . n 
A 1 58  ASN 58  41  41  ASN ASN A . n 
A 1 59  LEU 59  42  42  LEU LEU A . n 
A 1 60  GLN 60  43  43  GLN GLN A . n 
A 1 61  ILE 61  44  44  ILE ILE A . n 
A 1 62  PHE 62  45  45  PHE PHE A . n 
A 1 63  SER 63  46  46  SER SER A . n 
A 1 64  LEU 64  47  47  LEU LEU A . n 
A 1 65  PRO 65  48  48  PRO PRO A . n 
A 1 66  GLY 66  49  49  GLY GLY A . n 
A 1 67  GLY 67  50  50  GLY GLY A . n 
A 1 68  GLY 68  51  51  GLY GLY A . n 
A 1 69  SER 69  52  52  SER SER A . n 
A 1 70  ALA 70  53  53  ALA ALA A . n 
A 1 71  ILE 71  54  54  ILE ILE A . n 
A 1 72  GLY 72  55  55  GLY GLY A . n 
A 1 73  TYR 73  56  56  TYR TYR A . n 
A 1 74  ILE 74  57  57  ILE ILE A . n 
A 1 75  GLU 75  58  58  GLU GLU A . n 
A 1 76  ASN 76  59  59  ASN ASN A . n 
A 1 77  GLY 77  60  60  GLY GLY A . n 
A 1 78  TYR 78  61  61  TYR TYR A . n 
A 1 79  SER 79  62  62  SER SER A . n 
A 1 80  THR 80  63  63  THR THR A . n 
A 1 81  THR 81  64  64  THR THR A . n 
A 1 82  TYR 82  65  65  TYR TYR A . n 
A 1 83  LYS 83  66  66  LYS LYS A . n 
A 1 84  ASN 84  67  67  ASN ASN A . n 
A 1 85  ILE 85  68  68  ILE ILE A . n 
A 1 86  ASP 86  69  69  ASP ASP A . n 
A 1 87  PHE 87  70  70  PHE PHE A . n 
A 1 88  GLY 88  71  71  GLY GLY A . n 
A 1 89  ASP 89  72  72  ASP ASP A . n 
A 1 90  GLY 90  73  73  GLY GLY A . n 
A 1 91  ALA 91  74  74  ALA ALA A . n 
A 1 92  THR 92  75  75  THR THR A . n 
A 1 93  SER 93  76  76  SER SER A . n 
A 1 94  VAL 94  77  77  VAL VAL A . n 
A 1 95  THR 95  78  78  THR THR A . n 
A 1 96  ALA 96  79  79  ALA ALA A . n 
A 1 97  ARG 97  80  80  ARG ARG A . n 
A 1 98  VAL 98  81  81  VAL VAL A . n 
A 1 99  ALA 99  82  82  ALA ALA A . n 
A 1 100 THR 100 83  83  THR THR A . n 
A 1 101 GLN 101 84  84  GLN GLN A . n 
A 1 102 ASN 102 85  85  ASN ASN A . n 
A 1 103 ALA 103 86  86  ALA ALA A . n 
A 1 104 THR 104 87  87  THR THR A . n 
A 1 105 THR 105 88  88  THR THR A . n 
A 1 106 ILE 106 89  89  ILE ILE A . n 
A 1 107 GLN 107 90  90  GLN GLN A . n 
A 1 108 VAL 108 91  91  VAL VAL A . n 
A 1 109 ARG 109 92  92  ARG ARG A . n 
A 1 110 LEU 110 93  93  LEU LEU A . n 
A 1 111 GLY 111 94  94  GLY GLY A . n 
A 1 112 SER 112 95  95  SER SER A . n 
A 1 113 PRO 113 96  96  PRO PRO A . n 
A 1 114 SER 114 97  97  SER SER A . n 
A 1 115 GLY 115 98  98  GLY GLY A . n 
A 1 116 THR 116 99  99  THR THR A . n 
A 1 117 LEU 117 100 100 LEU LEU A . n 
A 1 118 LEU 118 101 101 LEU LEU A . n 
A 1 119 GLY 119 102 102 GLY GLY A . n 
A 1 120 THR 120 103 103 THR THR A . n 
A 1 121 ILE 121 104 104 ILE ILE A . n 
A 1 122 TYR 122 105 105 TYR TYR A . n 
A 1 123 VAL 123 106 106 VAL VAL A . n 
A 1 124 GLY 124 107 107 GLY GLY A . n 
A 1 125 SER 125 108 108 SER SER A . n 
A 1 126 THR 126 109 109 THR THR A . n 
A 1 127 GLY 127 110 110 GLY GLY A . n 
A 1 128 SER 128 111 111 SER SER A . n 
A 1 129 PHE 129 112 112 PHE PHE A . n 
A 1 130 ASP 130 113 113 ASP ASP A . n 
A 1 131 THR 131 114 114 THR THR A . n 
A 1 132 TYR 132 115 115 TYR TYR A . n 
A 1 133 ARG 133 116 116 ARG ARG A . n 
A 1 134 ASP 134 117 117 ASP ASP A . n 
A 1 135 VAL 135 118 118 VAL VAL A . n 
A 1 136 SER 136 119 119 SER SER A . n 
A 1 137 ALA 137 120 120 ALA ALA A . n 
A 1 138 THR 138 121 121 THR THR A . n 
A 1 139 ILE 139 122 122 ILE ILE A . n 
A 1 140 SER 140 123 123 SER SER A . n 
A 1 141 ASN 141 124 124 ASN ASN A . n 
A 1 142 THR 142 125 125 THR THR A . n 
A 1 143 ALA 143 126 126 ALA ALA A . n 
A 1 144 GLY 144 127 127 GLY GLY A . n 
A 1 145 VAL 145 128 128 VAL VAL A . n 
A 1 146 LYS 146 129 129 LYS LYS A . n 
A 1 147 ASP 147 130 130 ASP ASP A . n 
A 1 148 ILE 148 131 131 ILE ILE A . n 
A 1 149 VAL 149 132 132 VAL VAL A . n 
A 1 150 LEU 150 133 133 LEU LEU A . n 
A 1 151 VAL 151 134 134 VAL VAL A . n 
A 1 152 PHE 152 135 135 PHE PHE A . n 
A 1 153 SER 153 136 136 SER SER A . n 
A 1 154 GLY 154 137 137 GLY GLY A . n 
A 1 155 PRO 155 138 138 PRO PRO A . n 
A 1 156 VAL 156 139 139 VAL VAL A . n 
A 1 157 ASN 157 140 140 ASN ASN A . n 
A 1 158 VAL 158 141 141 VAL VAL A . n 
A 1 159 ASP 159 142 142 ASP ASP A . n 
A 1 160 TRP 160 143 143 TRP TRP A . n 
A 1 161 PHE 161 144 144 PHE PHE A . n 
A 1 162 VAL 162 145 145 VAL VAL A . n 
A 1 163 PHE 163 146 146 PHE PHE A . n 
A 1 164 SER 164 147 147 SER SER A . n 
A 1 165 LYS 165 148 148 LYS LYS A . n 
A 1 166 SER 166 149 ?   ?   ?   A . n 
A 1 167 GLY 167 150 ?   ?   ?   A . n 
A 1 168 THR 168 151 ?   ?   ?   A . n 
# 
loop_
_pdbx_nonpoly_scheme.asym_id 
_pdbx_nonpoly_scheme.entity_id 
_pdbx_nonpoly_scheme.mon_id 
_pdbx_nonpoly_scheme.ndb_seq_num 
_pdbx_nonpoly_scheme.pdb_seq_num 
_pdbx_nonpoly_scheme.auth_seq_num 
_pdbx_nonpoly_scheme.pdb_mon_id 
_pdbx_nonpoly_scheme.auth_mon_id 
_pdbx_nonpoly_scheme.pdb_strand_id 
_pdbx_nonpoly_scheme.pdb_ins_code 
C 3 CA  1   900  900 CA  CA  A . 
D 4 HOH 1   901  1   HOH HOH A . 
D 4 HOH 2   902  2   HOH HOH A . 
D 4 HOH 3   903  3   HOH HOH A . 
D 4 HOH 4   904  4   HOH HOH A . 
D 4 HOH 5   905  5   HOH HOH A . 
D 4 HOH 6   906  6   HOH HOH A . 
D 4 HOH 7   907  7   HOH HOH A . 
D 4 HOH 8   908  8   HOH HOH A . 
D 4 HOH 9   909  9   HOH HOH A . 
D 4 HOH 10  910  10  HOH HOH A . 
D 4 HOH 11  911  11  HOH HOH A . 
D 4 HOH 12  912  12  HOH HOH A . 
D 4 HOH 13  913  13  HOH HOH A . 
D 4 HOH 14  914  14  HOH HOH A . 
D 4 HOH 15  915  15  HOH HOH A . 
D 4 HOH 16  916  16  HOH HOH A . 
D 4 HOH 17  917  17  HOH HOH A . 
D 4 HOH 18  918  18  HOH HOH A . 
D 4 HOH 19  919  19  HOH HOH A . 
D 4 HOH 20  920  20  HOH HOH A . 
D 4 HOH 21  921  21  HOH HOH A . 
D 4 HOH 22  922  22  HOH HOH A . 
D 4 HOH 23  923  23  HOH HOH A . 
D 4 HOH 24  924  24  HOH HOH A . 
D 4 HOH 25  925  25  HOH HOH A . 
D 4 HOH 26  926  26  HOH HOH A . 
D 4 HOH 27  927  27  HOH HOH A . 
D 4 HOH 28  928  28  HOH HOH A . 
D 4 HOH 29  929  29  HOH HOH A . 
D 4 HOH 30  930  30  HOH HOH A . 
D 4 HOH 31  931  31  HOH HOH A . 
D 4 HOH 32  932  32  HOH HOH A . 
D 4 HOH 33  933  33  HOH HOH A . 
D 4 HOH 34  934  34  HOH HOH A . 
D 4 HOH 35  935  35  HOH HOH A . 
D 4 HOH 36  936  36  HOH HOH A . 
D 4 HOH 37  937  37  HOH HOH A . 
D 4 HOH 38  938  38  HOH HOH A . 
D 4 HOH 39  939  39  HOH HOH A . 
D 4 HOH 40  940  40  HOH HOH A . 
D 4 HOH 41  941  41  HOH HOH A . 
D 4 HOH 42  942  42  HOH HOH A . 
D 4 HOH 43  943  43  HOH HOH A . 
D 4 HOH 44  944  44  HOH HOH A . 
D 4 HOH 45  945  45  HOH HOH A . 
D 4 HOH 46  946  46  HOH HOH A . 
D 4 HOH 47  947  47  HOH HOH A . 
D 4 HOH 48  948  48  HOH HOH A . 
D 4 HOH 49  949  49  HOH HOH A . 
D 4 HOH 50  950  50  HOH HOH A . 
D 4 HOH 51  951  51  HOH HOH A . 
D 4 HOH 52  952  52  HOH HOH A . 
D 4 HOH 53  953  54  HOH HOH A . 
D 4 HOH 54  954  55  HOH HOH A . 
D 4 HOH 55  955  56  HOH HOH A . 
D 4 HOH 56  956  57  HOH HOH A . 
D 4 HOH 57  957  58  HOH HOH A . 
D 4 HOH 58  958  59  HOH HOH A . 
D 4 HOH 59  959  60  HOH HOH A . 
D 4 HOH 60  960  61  HOH HOH A . 
D 4 HOH 61  961  62  HOH HOH A . 
D 4 HOH 62  962  63  HOH HOH A . 
D 4 HOH 63  963  64  HOH HOH A . 
D 4 HOH 64  964  65  HOH HOH A . 
D 4 HOH 65  965  66  HOH HOH A . 
D 4 HOH 66  966  67  HOH HOH A . 
D 4 HOH 67  967  68  HOH HOH A . 
D 4 HOH 68  968  69  HOH HOH A . 
D 4 HOH 69  969  70  HOH HOH A . 
D 4 HOH 70  970  71  HOH HOH A . 
D 4 HOH 71  971  72  HOH HOH A . 
D 4 HOH 72  972  73  HOH HOH A . 
D 4 HOH 73  973  75  HOH HOH A . 
D 4 HOH 74  974  76  HOH HOH A . 
D 4 HOH 75  975  77  HOH HOH A . 
D 4 HOH 76  976  78  HOH HOH A . 
D 4 HOH 77  977  79  HOH HOH A . 
D 4 HOH 78  978  80  HOH HOH A . 
D 4 HOH 79  979  81  HOH HOH A . 
D 4 HOH 80  980  82  HOH HOH A . 
D 4 HOH 81  981  83  HOH HOH A . 
D 4 HOH 82  982  84  HOH HOH A . 
D 4 HOH 83  983  85  HOH HOH A . 
D 4 HOH 84  984  86  HOH HOH A . 
D 4 HOH 85  985  87  HOH HOH A . 
D 4 HOH 86  986  88  HOH HOH A . 
D 4 HOH 87  987  89  HOH HOH A . 
D 4 HOH 88  988  90  HOH HOH A . 
D 4 HOH 89  989  91  HOH HOH A . 
D 4 HOH 90  990  92  HOH HOH A . 
D 4 HOH 91  991  93  HOH HOH A . 
D 4 HOH 92  992  94  HOH HOH A . 
D 4 HOH 93  993  95  HOH HOH A . 
D 4 HOH 94  994  96  HOH HOH A . 
D 4 HOH 95  995  97  HOH HOH A . 
D 4 HOH 96  996  98  HOH HOH A . 
D 4 HOH 97  997  99  HOH HOH A . 
D 4 HOH 98  998  100 HOH HOH A . 
D 4 HOH 99  999  101 HOH HOH A . 
D 4 HOH 100 1000 103 HOH HOH A . 
D 4 HOH 101 1001 104 HOH HOH A . 
D 4 HOH 102 1002 105 HOH HOH A . 
D 4 HOH 103 1003 106 HOH HOH A . 
D 4 HOH 104 1004 107 HOH HOH A . 
D 4 HOH 105 1005 110 HOH HOH A . 
D 4 HOH 106 1006 111 HOH HOH A . 
D 4 HOH 107 1007 112 HOH HOH A . 
D 4 HOH 108 1008 113 HOH HOH A . 
D 4 HOH 109 1009 114 HOH HOH A . 
D 4 HOH 110 1010 115 HOH HOH A . 
D 4 HOH 111 1011 116 HOH HOH A . 
D 4 HOH 112 1012 117 HOH HOH A . 
D 4 HOH 113 1013 118 HOH HOH A . 
D 4 HOH 114 1014 119 HOH HOH A . 
D 4 HOH 115 1015 120 HOH HOH A . 
D 4 HOH 116 1016 121 HOH HOH A . 
D 4 HOH 117 1017 122 HOH HOH A . 
D 4 HOH 118 1018 123 HOH HOH A . 
D 4 HOH 119 1019 126 HOH HOH A . 
D 4 HOH 120 1020 127 HOH HOH A . 
D 4 HOH 121 1021 128 HOH HOH A . 
D 4 HOH 122 1022 129 HOH HOH A . 
D 4 HOH 123 1023 130 HOH HOH A . 
D 4 HOH 124 1024 131 HOH HOH A . 
D 4 HOH 125 1025 132 HOH HOH A . 
D 4 HOH 126 1026 133 HOH HOH A . 
D 4 HOH 127 1027 134 HOH HOH A . 
D 4 HOH 128 1028 135 HOH HOH A . 
D 4 HOH 129 1029 136 HOH HOH A . 
D 4 HOH 130 1030 137 HOH HOH A . 
D 4 HOH 131 1031 139 HOH HOH A . 
D 4 HOH 132 1032 140 HOH HOH A . 
D 4 HOH 133 1033 141 HOH HOH A . 
D 4 HOH 134 1034 142 HOH HOH A . 
D 4 HOH 135 1035 143 HOH HOH A . 
D 4 HOH 136 1036 144 HOH HOH A . 
D 4 HOH 137 1037 145 HOH HOH A . 
D 4 HOH 138 1038 147 HOH HOH A . 
D 4 HOH 139 1039 148 HOH HOH A . 
D 4 HOH 140 1040 149 HOH HOH A . 
D 4 HOH 141 1041 152 HOH HOH A . 
D 4 HOH 142 1042 153 HOH HOH A . 
D 4 HOH 143 1043 154 HOH HOH A . 
D 4 HOH 144 1044 156 HOH HOH A . 
D 4 HOH 145 1045 157 HOH HOH A . 
D 4 HOH 146 1046 158 HOH HOH A . 
D 4 HOH 147 1047 159 HOH HOH A . 
D 4 HOH 148 1048 160 HOH HOH A . 
D 4 HOH 149 1049 161 HOH HOH A . 
D 4 HOH 150 1050 162 HOH HOH A . 
D 4 HOH 151 1051 164 HOH HOH A . 
D 4 HOH 152 1052 165 HOH HOH A . 
D 4 HOH 153 1053 166 HOH HOH A . 
D 4 HOH 154 1054 167 HOH HOH A . 
D 4 HOH 155 1055 169 HOH HOH A . 
D 4 HOH 156 1056 170 HOH HOH A . 
D 4 HOH 157 1057 173 HOH HOH A . 
D 4 HOH 158 1058 174 HOH HOH A . 
D 4 HOH 159 1059 176 HOH HOH A . 
D 4 HOH 160 1060 177 HOH HOH A . 
D 4 HOH 161 1061 178 HOH HOH A . 
D 4 HOH 162 1062 180 HOH HOH A . 
D 4 HOH 163 1063 181 HOH HOH A . 
D 4 HOH 164 1064 182 HOH HOH A . 
D 4 HOH 165 1065 184 HOH HOH A . 
D 4 HOH 166 1066 186 HOH HOH A . 
D 4 HOH 167 1067 187 HOH HOH A . 
D 4 HOH 168 1068 189 HOH HOH A . 
D 4 HOH 169 1069 190 HOH HOH A . 
D 4 HOH 170 1070 193 HOH HOH A . 
D 4 HOH 171 1071 194 HOH HOH A . 
D 4 HOH 172 1072 195 HOH HOH A . 
D 4 HOH 173 1073 197 HOH HOH A . 
D 4 HOH 174 1074 199 HOH HOH A . 
D 4 HOH 175 1075 203 HOH HOH A . 
D 4 HOH 176 1076 205 HOH HOH A . 
D 4 HOH 177 1077 208 HOH HOH A . 
D 4 HOH 178 1078 209 HOH HOH A . 
# 
_pdbx_molecule_features.prd_id    PRD_900117 
_pdbx_molecule_features.name      4beta-beta-xylotriose 
_pdbx_molecule_features.type      Oligosaccharide 
_pdbx_molecule_features.class     Metabolism 
_pdbx_molecule_features.details   oligosaccharide 
# 
_pdbx_molecule.instance_id   1 
_pdbx_molecule.prd_id        PRD_900117 
_pdbx_molecule.asym_id       B 
# 
_pdbx_struct_assembly.id                   1 
_pdbx_struct_assembly.details              author_defined_assembly 
_pdbx_struct_assembly.method_details       ? 
_pdbx_struct_assembly.oligomeric_details   monomeric 
_pdbx_struct_assembly.oligomeric_count     1 
# 
_pdbx_struct_assembly_gen.assembly_id       1 
_pdbx_struct_assembly_gen.oper_expression   1 
_pdbx_struct_assembly_gen.asym_id_list      A,B,C,D 
# 
_pdbx_struct_oper_list.id                   1 
_pdbx_struct_oper_list.type                 'identity operation' 
_pdbx_struct_oper_list.name                 1_555 
_pdbx_struct_oper_list.symmetry_operation   x,y,z 
_pdbx_struct_oper_list.matrix[1][1]         1.0000000000 
_pdbx_struct_oper_list.matrix[1][2]         0.0000000000 
_pdbx_struct_oper_list.matrix[1][3]         0.0000000000 
_pdbx_struct_oper_list.vector[1]            0.0000000000 
_pdbx_struct_oper_list.matrix[2][1]         0.0000000000 
_pdbx_struct_oper_list.matrix[2][2]         1.0000000000 
_pdbx_struct_oper_list.matrix[2][3]         0.0000000000 
_pdbx_struct_oper_list.vector[2]            0.0000000000 
_pdbx_struct_oper_list.matrix[3][1]         0.0000000000 
_pdbx_struct_oper_list.matrix[3][2]         0.0000000000 
_pdbx_struct_oper_list.matrix[3][3]         1.0000000000 
_pdbx_struct_oper_list.vector[3]            0.0000000000 
# 
loop_
_pdbx_struct_conn_angle.id 
_pdbx_struct_conn_angle.ptnr1_label_atom_id 
_pdbx_struct_conn_angle.ptnr1_label_alt_id 
_pdbx_struct_conn_angle.ptnr1_label_asym_id 
_pdbx_struct_conn_angle.ptnr1_label_comp_id 
_pdbx_struct_conn_angle.ptnr1_label_seq_id 
_pdbx_struct_conn_angle.ptnr1_auth_atom_id 
_pdbx_struct_conn_angle.ptnr1_auth_asym_id 
_pdbx_struct_conn_angle.ptnr1_auth_comp_id 
_pdbx_struct_conn_angle.ptnr1_auth_seq_id 
_pdbx_struct_conn_angle.ptnr1_PDB_ins_code 
_pdbx_struct_conn_angle.ptnr1_symmetry 
_pdbx_struct_conn_angle.ptnr2_label_atom_id 
_pdbx_struct_conn_angle.ptnr2_label_alt_id 
_pdbx_struct_conn_angle.ptnr2_label_asym_id 
_pdbx_struct_conn_angle.ptnr2_label_comp_id 
_pdbx_struct_conn_angle.ptnr2_label_seq_id 
_pdbx_struct_conn_angle.ptnr2_auth_atom_id 
_pdbx_struct_conn_angle.ptnr2_auth_asym_id 
_pdbx_struct_conn_angle.ptnr2_auth_comp_id 
_pdbx_struct_conn_angle.ptnr2_auth_seq_id 
_pdbx_struct_conn_angle.ptnr2_PDB_ins_code 
_pdbx_struct_conn_angle.ptnr2_symmetry 
_pdbx_struct_conn_angle.ptnr3_label_atom_id 
_pdbx_struct_conn_angle.ptnr3_label_alt_id 
_pdbx_struct_conn_angle.ptnr3_label_asym_id 
_pdbx_struct_conn_angle.ptnr3_label_comp_id 
_pdbx_struct_conn_angle.ptnr3_label_seq_id 
_pdbx_struct_conn_angle.ptnr3_auth_atom_id 
_pdbx_struct_conn_angle.ptnr3_auth_asym_id 
_pdbx_struct_conn_angle.ptnr3_auth_comp_id 
_pdbx_struct_conn_angle.ptnr3_auth_seq_id 
_pdbx_struct_conn_angle.ptnr3_PDB_ins_code 
_pdbx_struct_conn_angle.ptnr3_symmetry 
_pdbx_struct_conn_angle.value 
_pdbx_struct_conn_angle.value_esd 
1  OE1 ? A GLN 47  ? A GLN 30  ? 1_555 CA ? C CA . ? A CA 900 ? 1_555 OE1 ? A GLU 49  ? A GLU 32  ? 1_555 104.0 ? 
2  OE1 ? A GLN 47  ? A GLN 30  ? 1_555 CA ? C CA . ? A CA 900 ? 1_555 OE2 ? A GLU 49  ? A GLU 32  ? 1_555 88.5  ? 
3  OE1 ? A GLU 49  ? A GLU 32  ? 1_555 CA ? C CA . ? A CA 900 ? 1_555 OE2 ? A GLU 49  ? A GLU 32  ? 1_555 47.6  ? 
4  OE1 ? A GLN 47  ? A GLN 30  ? 1_555 CA ? C CA . ? A CA 900 ? 1_555 O   ? A SER 69  ? A SER 52  ? 1_555 150.1 ? 
5  OE1 ? A GLU 49  ? A GLU 32  ? 1_555 CA ? C CA . ? A CA 900 ? 1_555 O   ? A SER 69  ? A SER 52  ? 1_555 86.3  ? 
6  OE2 ? A GLU 49  ? A GLU 32  ? 1_555 CA ? C CA . ? A CA 900 ? 1_555 O   ? A SER 69  ? A SER 52  ? 1_555 77.9  ? 
7  OE1 ? A GLN 47  ? A GLN 30  ? 1_555 CA ? C CA . ? A CA 900 ? 1_555 OD1 ? A ASP 159 ? A ASP 142 ? 1_555 94.9  ? 
8  OE1 ? A GLU 49  ? A GLU 32  ? 1_555 CA ? C CA . ? A CA 900 ? 1_555 OD1 ? A ASP 159 ? A ASP 142 ? 1_555 154.9 ? 
9  OE2 ? A GLU 49  ? A GLU 32  ? 1_555 CA ? C CA . ? A CA 900 ? 1_555 OD1 ? A ASP 159 ? A ASP 142 ? 1_555 151.0 ? 
10 O   ? A SER 69  ? A SER 52  ? 1_555 CA ? C CA . ? A CA 900 ? 1_555 OD1 ? A ASP 159 ? A ASP 142 ? 1_555 85.2  ? 
11 OE1 ? A GLN 47  ? A GLN 30  ? 1_555 CA ? C CA . ? A CA 900 ? 1_555 O   ? A ASP 159 ? A ASP 142 ? 1_555 87.9  ? 
12 OE1 ? A GLU 49  ? A GLU 32  ? 1_555 CA ? C CA . ? A CA 900 ? 1_555 O   ? A ASP 159 ? A ASP 142 ? 1_555 85.2  ? 
13 OE2 ? A GLU 49  ? A GLU 32  ? 1_555 CA ? C CA . ? A CA 900 ? 1_555 O   ? A ASP 159 ? A ASP 142 ? 1_555 129.8 ? 
14 O   ? A SER 69  ? A SER 52  ? 1_555 CA ? C CA . ? A CA 900 ? 1_555 O   ? A ASP 159 ? A ASP 142 ? 1_555 121.3 ? 
15 OD1 ? A ASP 159 ? A ASP 142 ? 1_555 CA ? C CA . ? A CA 900 ? 1_555 O   ? A ASP 159 ? A ASP 142 ? 1_555 79.2  ? 
16 OE1 ? A GLN 47  ? A GLN 30  ? 1_555 CA ? C CA . ? A CA 900 ? 1_555 O   ? D HOH .   ? A HOH 992 ? 1_555 66.9  ? 
17 OE1 ? A GLU 49  ? A GLU 32  ? 1_555 CA ? C CA . ? A CA 900 ? 1_555 O   ? D HOH .   ? A HOH 992 ? 1_555 108.6 ? 
18 OE2 ? A GLU 49  ? A GLU 32  ? 1_555 CA ? C CA . ? A CA 900 ? 1_555 O   ? D HOH .   ? A HOH 992 ? 1_555 61.2  ? 
19 O   ? A SER 69  ? A SER 52  ? 1_555 CA ? C CA . ? A CA 900 ? 1_555 O   ? D HOH .   ? A HOH 992 ? 1_555 83.3  ? 
20 OD1 ? A ASP 159 ? A ASP 142 ? 1_555 CA ? C CA . ? A CA 900 ? 1_555 O   ? D HOH .   ? A HOH 992 ? 1_555 93.8  ? 
21 O   ? A ASP 159 ? A ASP 142 ? 1_555 CA ? C CA . ? A CA 900 ? 1_555 O   ? D HOH .   ? A HOH 992 ? 1_555 153.2 ? 
# 
loop_
_pdbx_audit_revision_history.ordinal 
_pdbx_audit_revision_history.data_content_type 
_pdbx_audit_revision_history.major_revision 
_pdbx_audit_revision_history.minor_revision 
_pdbx_audit_revision_history.revision_date 
1 'Structure model' 1 0 2003-03-18 
2 'Structure model' 1 1 2008-04-28 
3 'Structure model' 1 2 2011-07-13 
4 'Structure model' 2 0 2020-07-29 
5 'Structure model' 2 1 2023-08-16 
# 
loop_
_pdbx_audit_revision_details.ordinal 
_pdbx_audit_revision_details.revision_ordinal 
_pdbx_audit_revision_details.data_content_type 
_pdbx_audit_revision_details.provider 
_pdbx_audit_revision_details.type 
_pdbx_audit_revision_details.description 
_pdbx_audit_revision_details.details 
1 1 'Structure model' repository 'Initial release' ?                          ? 
2 4 'Structure model' repository Remediation       'Carbohydrate remediation' ? 
# 
loop_
_pdbx_audit_revision_group.ordinal 
_pdbx_audit_revision_group.revision_ordinal 
_pdbx_audit_revision_group.data_content_type 
_pdbx_audit_revision_group.group 
1  2 'Structure model' 'Version format compliance' 
2  3 'Structure model' 'Version format compliance' 
3  4 'Structure model' 'Atomic model'              
4  4 'Structure model' 'Data collection'           
5  4 'Structure model' 'Database references'       
6  4 'Structure model' 'Derived calculations'      
7  4 'Structure model' 'Structure summary'         
8  5 'Structure model' 'Data collection'           
9  5 'Structure model' 'Database references'       
10 5 'Structure model' 'Derived calculations'      
11 5 'Structure model' 'Refinement description'    
12 5 'Structure model' 'Structure summary'         
# 
loop_
_pdbx_audit_revision_category.ordinal 
_pdbx_audit_revision_category.revision_ordinal 
_pdbx_audit_revision_category.data_content_type 
_pdbx_audit_revision_category.category 
1  4 'Structure model' atom_site                     
2  4 'Structure model' chem_comp                     
3  4 'Structure model' entity                        
4  4 'Structure model' entity_name_com               
5  4 'Structure model' pdbx_branch_scheme            
6  4 'Structure model' pdbx_chem_comp_identifier     
7  4 'Structure model' pdbx_entity_branch            
8  4 'Structure model' pdbx_entity_branch_descriptor 
9  4 'Structure model' pdbx_entity_branch_link       
10 4 'Structure model' pdbx_entity_branch_list       
11 4 'Structure model' pdbx_entity_nonpoly           
12 4 'Structure model' pdbx_molecule_features        
13 4 'Structure model' pdbx_nonpoly_scheme           
14 4 'Structure model' pdbx_struct_assembly_gen      
15 4 'Structure model' pdbx_struct_conn_angle        
16 4 'Structure model' struct_asym                   
17 4 'Structure model' struct_conn                   
18 4 'Structure model' struct_ref_seq_dif            
19 4 'Structure model' struct_site                   
20 4 'Structure model' struct_site_gen               
21 5 'Structure model' chem_comp                     
22 5 'Structure model' chem_comp_atom                
23 5 'Structure model' chem_comp_bond                
24 5 'Structure model' database_2                    
25 5 'Structure model' pdbx_initial_refinement_model 
26 5 'Structure model' struct_conn                   
# 
loop_
_pdbx_audit_revision_item.ordinal 
_pdbx_audit_revision_item.revision_ordinal 
_pdbx_audit_revision_item.data_content_type 
_pdbx_audit_revision_item.item 
1  4 'Structure model' '_atom_site.B_iso_or_equiv'                   
2  4 'Structure model' '_atom_site.Cartn_x'                          
3  4 'Structure model' '_atom_site.Cartn_y'                          
4  4 'Structure model' '_atom_site.Cartn_z'                          
5  4 'Structure model' '_atom_site.auth_asym_id'                     
6  4 'Structure model' '_atom_site.auth_atom_id'                     
7  4 'Structure model' '_atom_site.auth_seq_id'                      
8  4 'Structure model' '_atom_site.label_asym_id'                    
9  4 'Structure model' '_atom_site.label_atom_id'                    
10 4 'Structure model' '_atom_site.type_symbol'                      
11 4 'Structure model' '_chem_comp.name'                             
12 4 'Structure model' '_chem_comp.type'                             
13 4 'Structure model' '_entity.formula_weight'                      
14 4 'Structure model' '_entity.pdbx_description'                    
15 4 'Structure model' '_entity.pdbx_number_of_molecules'            
16 4 'Structure model' '_entity.type'                                
17 4 'Structure model' '_pdbx_struct_assembly_gen.asym_id_list'      
18 4 'Structure model' '_pdbx_struct_conn_angle.ptnr1_auth_comp_id'  
19 4 'Structure model' '_pdbx_struct_conn_angle.ptnr1_auth_seq_id'   
20 4 'Structure model' '_pdbx_struct_conn_angle.ptnr1_label_asym_id' 
21 4 'Structure model' '_pdbx_struct_conn_angle.ptnr1_label_atom_id' 
22 4 'Structure model' '_pdbx_struct_conn_angle.ptnr1_label_comp_id' 
23 4 'Structure model' '_pdbx_struct_conn_angle.ptnr1_label_seq_id'  
24 4 'Structure model' '_pdbx_struct_conn_angle.ptnr2_label_asym_id' 
25 4 'Structure model' '_pdbx_struct_conn_angle.ptnr3_auth_comp_id'  
26 4 'Structure model' '_pdbx_struct_conn_angle.ptnr3_auth_seq_id'   
27 4 'Structure model' '_pdbx_struct_conn_angle.ptnr3_label_asym_id' 
28 4 'Structure model' '_pdbx_struct_conn_angle.ptnr3_label_atom_id' 
29 4 'Structure model' '_pdbx_struct_conn_angle.ptnr3_label_comp_id' 
30 4 'Structure model' '_pdbx_struct_conn_angle.ptnr3_label_seq_id'  
31 4 'Structure model' '_pdbx_struct_conn_angle.value'               
32 4 'Structure model' '_struct_conn.pdbx_dist_value'                
33 4 'Structure model' '_struct_conn.pdbx_leaving_atom_flag'         
34 4 'Structure model' '_struct_conn.ptnr1_auth_asym_id'             
35 4 'Structure model' '_struct_conn.ptnr1_auth_comp_id'             
36 4 'Structure model' '_struct_conn.ptnr1_auth_seq_id'              
37 4 'Structure model' '_struct_conn.ptnr1_label_asym_id'            
38 4 'Structure model' '_struct_conn.ptnr1_label_atom_id'            
39 4 'Structure model' '_struct_conn.ptnr1_label_comp_id'            
40 4 'Structure model' '_struct_conn.ptnr1_label_seq_id'             
41 4 'Structure model' '_struct_conn.ptnr2_auth_asym_id'             
42 4 'Structure model' '_struct_conn.ptnr2_auth_comp_id'             
43 4 'Structure model' '_struct_conn.ptnr2_auth_seq_id'              
44 4 'Structure model' '_struct_conn.ptnr2_label_asym_id'            
45 4 'Structure model' '_struct_conn.ptnr2_label_atom_id'            
46 4 'Structure model' '_struct_conn.ptnr2_label_comp_id'            
47 4 'Structure model' '_struct_conn.ptnr2_label_seq_id'             
48 4 'Structure model' '_struct_ref_seq_dif.details'                 
49 5 'Structure model' '_chem_comp.pdbx_synonyms'                    
50 5 'Structure model' '_database_2.pdbx_DOI'                        
51 5 'Structure model' '_database_2.pdbx_database_accession'         
52 5 'Structure model' '_struct_conn.pdbx_leaving_atom_flag'         
# 
loop_
_software.name 
_software.classification 
_software.version 
_software.citation_id 
_software.pdbx_ordinal 
DENZO     'data reduction' .      ? 1 
SCALEPACK 'data scaling'   .      ? 2 
AMoRE     phasing          .      ? 3 
REFMAC    refinement       5.1.24 ? 4 
# 
_pdbx_validate_rmsd_angle.id                         1 
_pdbx_validate_rmsd_angle.PDB_model_num              1 
_pdbx_validate_rmsd_angle.auth_atom_id_1             CB 
_pdbx_validate_rmsd_angle.auth_asym_id_1             A 
_pdbx_validate_rmsd_angle.auth_comp_id_1             ASP 
_pdbx_validate_rmsd_angle.auth_seq_id_1              35 
_pdbx_validate_rmsd_angle.PDB_ins_code_1             ? 
_pdbx_validate_rmsd_angle.label_alt_id_1             ? 
_pdbx_validate_rmsd_angle.auth_atom_id_2             CG 
_pdbx_validate_rmsd_angle.auth_asym_id_2             A 
_pdbx_validate_rmsd_angle.auth_comp_id_2             ASP 
_pdbx_validate_rmsd_angle.auth_seq_id_2              35 
_pdbx_validate_rmsd_angle.PDB_ins_code_2             ? 
_pdbx_validate_rmsd_angle.label_alt_id_2             ? 
_pdbx_validate_rmsd_angle.auth_atom_id_3             OD2 
_pdbx_validate_rmsd_angle.auth_asym_id_3             A 
_pdbx_validate_rmsd_angle.auth_comp_id_3             ASP 
_pdbx_validate_rmsd_angle.auth_seq_id_3              35 
_pdbx_validate_rmsd_angle.PDB_ins_code_3             ? 
_pdbx_validate_rmsd_angle.label_alt_id_3             ? 
_pdbx_validate_rmsd_angle.angle_value                123.72 
_pdbx_validate_rmsd_angle.angle_target_value         118.30 
_pdbx_validate_rmsd_angle.angle_deviation            5.42 
_pdbx_validate_rmsd_angle.angle_standard_deviation   0.90 
_pdbx_validate_rmsd_angle.linker_flag                N 
# 
loop_
_pdbx_validate_torsion.id 
_pdbx_validate_torsion.PDB_model_num 
_pdbx_validate_torsion.auth_comp_id 
_pdbx_validate_torsion.auth_asym_id 
_pdbx_validate_torsion.auth_seq_id 
_pdbx_validate_torsion.PDB_ins_code 
_pdbx_validate_torsion.label_alt_id 
_pdbx_validate_torsion.phi 
_pdbx_validate_torsion.psi 
1 1 THR A 22 ? ? -167.24 119.09 
2 1 ASP A 33 ? ? -94.86  34.92  
# 
loop_
_pdbx_unobs_or_zero_occ_residues.id 
_pdbx_unobs_or_zero_occ_residues.PDB_model_num 
_pdbx_unobs_or_zero_occ_residues.polymer_flag 
_pdbx_unobs_or_zero_occ_residues.occupancy_flag 
_pdbx_unobs_or_zero_occ_residues.auth_asym_id 
_pdbx_unobs_or_zero_occ_residues.auth_comp_id 
_pdbx_unobs_or_zero_occ_residues.auth_seq_id 
_pdbx_unobs_or_zero_occ_residues.PDB_ins_code 
_pdbx_unobs_or_zero_occ_residues.label_asym_id 
_pdbx_unobs_or_zero_occ_residues.label_comp_id 
_pdbx_unobs_or_zero_occ_residues.label_seq_id 
1  1 Y 1 A MET -16 ? A MET 1   
2  1 Y 1 A GLY -15 ? A GLY 2   
3  1 Y 1 A SER -14 ? A SER 3   
4  1 Y 1 A SER -13 ? A SER 4   
5  1 Y 1 A HIS -12 ? A HIS 5   
6  1 Y 1 A HIS -11 ? A HIS 6   
7  1 Y 1 A HIS -10 ? A HIS 7   
8  1 Y 1 A HIS -9  ? A HIS 8   
9  1 Y 1 A HIS -8  ? A HIS 9   
10 1 Y 1 A HIS -7  ? A HIS 10  
11 1 Y 1 A SER -6  ? A SER 11  
12 1 Y 1 A SER -5  ? A SER 12  
13 1 Y 1 A GLY -4  ? A GLY 13  
14 1 Y 1 A LEU -3  ? A LEU 14  
15 1 Y 1 A VAL -2  ? A VAL 15  
16 1 Y 1 A PRO -1  ? A PRO 16  
17 1 Y 1 A ARG 0   ? A ARG 17  
18 1 Y 1 A GLY 1   ? A GLY 18  
19 1 Y 1 A SER 2   ? A SER 19  
20 1 Y 1 A HIS 3   ? A HIS 20  
21 1 Y 1 A MET 4   ? A MET 21  
22 1 Y 1 A ALA 5   ? A ALA 22  
23 1 Y 1 A SER 6   ? A SER 23  
24 1 Y 1 A THR 7   ? A THR 24  
25 1 Y 1 A PRO 8   ? A PRO 25  
26 1 Y 1 A ALA 9   ? A ALA 26  
27 1 Y 1 A ASN 10  ? A ASN 27  
28 1 Y 1 A VAL 11  ? A VAL 28  
29 1 Y 1 A ASN 12  ? A ASN 29  
30 1 Y 1 A SER 13  ? A SER 30  
31 1 Y 1 A GLY 14  ? A GLY 31  
32 1 Y 1 A PRO 15  ? A PRO 32  
33 1 Y 1 A THR 16  ? A THR 33  
34 1 Y 1 A SER 17  ? A SER 34  
35 1 Y 1 A PRO 18  ? A PRO 35  
36 1 Y 1 A VAL 19  ? A VAL 36  
37 1 Y 1 A SER 149 ? A SER 166 
38 1 Y 1 A GLY 150 ? A GLY 167 
39 1 Y 1 A THR 151 ? A THR 168 
# 
loop_
_chem_comp_atom.comp_id 
_chem_comp_atom.atom_id 
_chem_comp_atom.type_symbol 
_chem_comp_atom.pdbx_aromatic_flag 
_chem_comp_atom.pdbx_stereo_config 
_chem_comp_atom.pdbx_ordinal 
ALA N    N  N N 1   
ALA CA   C  N S 2   
ALA C    C  N N 3   
ALA O    O  N N 4   
ALA CB   C  N N 5   
ALA OXT  O  N N 6   
ALA H    H  N N 7   
ALA H2   H  N N 8   
ALA HA   H  N N 9   
ALA HB1  H  N N 10  
ALA HB2  H  N N 11  
ALA HB3  H  N N 12  
ALA HXT  H  N N 13  
ARG N    N  N N 14  
ARG CA   C  N S 15  
ARG C    C  N N 16  
ARG O    O  N N 17  
ARG CB   C  N N 18  
ARG CG   C  N N 19  
ARG CD   C  N N 20  
ARG NE   N  N N 21  
ARG CZ   C  N N 22  
ARG NH1  N  N N 23  
ARG NH2  N  N N 24  
ARG OXT  O  N N 25  
ARG H    H  N N 26  
ARG H2   H  N N 27  
ARG HA   H  N N 28  
ARG HB2  H  N N 29  
ARG HB3  H  N N 30  
ARG HG2  H  N N 31  
ARG HG3  H  N N 32  
ARG HD2  H  N N 33  
ARG HD3  H  N N 34  
ARG HE   H  N N 35  
ARG HH11 H  N N 36  
ARG HH12 H  N N 37  
ARG HH21 H  N N 38  
ARG HH22 H  N N 39  
ARG HXT  H  N N 40  
ASN N    N  N N 41  
ASN CA   C  N S 42  
ASN C    C  N N 43  
ASN O    O  N N 44  
ASN CB   C  N N 45  
ASN CG   C  N N 46  
ASN OD1  O  N N 47  
ASN ND2  N  N N 48  
ASN OXT  O  N N 49  
ASN H    H  N N 50  
ASN H2   H  N N 51  
ASN HA   H  N N 52  
ASN HB2  H  N N 53  
ASN HB3  H  N N 54  
ASN HD21 H  N N 55  
ASN HD22 H  N N 56  
ASN HXT  H  N N 57  
ASP N    N  N N 58  
ASP CA   C  N S 59  
ASP C    C  N N 60  
ASP O    O  N N 61  
ASP CB   C  N N 62  
ASP CG   C  N N 63  
ASP OD1  O  N N 64  
ASP OD2  O  N N 65  
ASP OXT  O  N N 66  
ASP H    H  N N 67  
ASP H2   H  N N 68  
ASP HA   H  N N 69  
ASP HB2  H  N N 70  
ASP HB3  H  N N 71  
ASP HD2  H  N N 72  
ASP HXT  H  N N 73  
CA  CA   CA N N 74  
GLN N    N  N N 75  
GLN CA   C  N S 76  
GLN C    C  N N 77  
GLN O    O  N N 78  
GLN CB   C  N N 79  
GLN CG   C  N N 80  
GLN CD   C  N N 81  
GLN OE1  O  N N 82  
GLN NE2  N  N N 83  
GLN OXT  O  N N 84  
GLN H    H  N N 85  
GLN H2   H  N N 86  
GLN HA   H  N N 87  
GLN HB2  H  N N 88  
GLN HB3  H  N N 89  
GLN HG2  H  N N 90  
GLN HG3  H  N N 91  
GLN HE21 H  N N 92  
GLN HE22 H  N N 93  
GLN HXT  H  N N 94  
GLU N    N  N N 95  
GLU CA   C  N S 96  
GLU C    C  N N 97  
GLU O    O  N N 98  
GLU CB   C  N N 99  
GLU CG   C  N N 100 
GLU CD   C  N N 101 
GLU OE1  O  N N 102 
GLU OE2  O  N N 103 
GLU OXT  O  N N 104 
GLU H    H  N N 105 
GLU H2   H  N N 106 
GLU HA   H  N N 107 
GLU HB2  H  N N 108 
GLU HB3  H  N N 109 
GLU HG2  H  N N 110 
GLU HG3  H  N N 111 
GLU HE2  H  N N 112 
GLU HXT  H  N N 113 
GLY N    N  N N 114 
GLY CA   C  N N 115 
GLY C    C  N N 116 
GLY O    O  N N 117 
GLY OXT  O  N N 118 
GLY H    H  N N 119 
GLY H2   H  N N 120 
GLY HA2  H  N N 121 
GLY HA3  H  N N 122 
GLY HXT  H  N N 123 
HIS N    N  N N 124 
HIS CA   C  N S 125 
HIS C    C  N N 126 
HIS O    O  N N 127 
HIS CB   C  N N 128 
HIS CG   C  Y N 129 
HIS ND1  N  Y N 130 
HIS CD2  C  Y N 131 
HIS CE1  C  Y N 132 
HIS NE2  N  Y N 133 
HIS OXT  O  N N 134 
HIS H    H  N N 135 
HIS H2   H  N N 136 
HIS HA   H  N N 137 
HIS HB2  H  N N 138 
HIS HB3  H  N N 139 
HIS HD1  H  N N 140 
HIS HD2  H  N N 141 
HIS HE1  H  N N 142 
HIS HE2  H  N N 143 
HIS HXT  H  N N 144 
HOH O    O  N N 145 
HOH H1   H  N N 146 
HOH H2   H  N N 147 
ILE N    N  N N 148 
ILE CA   C  N S 149 
ILE C    C  N N 150 
ILE O    O  N N 151 
ILE CB   C  N S 152 
ILE CG1  C  N N 153 
ILE CG2  C  N N 154 
ILE CD1  C  N N 155 
ILE OXT  O  N N 156 
ILE H    H  N N 157 
ILE H2   H  N N 158 
ILE HA   H  N N 159 
ILE HB   H  N N 160 
ILE HG12 H  N N 161 
ILE HG13 H  N N 162 
ILE HG21 H  N N 163 
ILE HG22 H  N N 164 
ILE HG23 H  N N 165 
ILE HD11 H  N N 166 
ILE HD12 H  N N 167 
ILE HD13 H  N N 168 
ILE HXT  H  N N 169 
LEU N    N  N N 170 
LEU CA   C  N S 171 
LEU C    C  N N 172 
LEU O    O  N N 173 
LEU CB   C  N N 174 
LEU CG   C  N N 175 
LEU CD1  C  N N 176 
LEU CD2  C  N N 177 
LEU OXT  O  N N 178 
LEU H    H  N N 179 
LEU H2   H  N N 180 
LEU HA   H  N N 181 
LEU HB2  H  N N 182 
LEU HB3  H  N N 183 
LEU HG   H  N N 184 
LEU HD11 H  N N 185 
LEU HD12 H  N N 186 
LEU HD13 H  N N 187 
LEU HD21 H  N N 188 
LEU HD22 H  N N 189 
LEU HD23 H  N N 190 
LEU HXT  H  N N 191 
LYS N    N  N N 192 
LYS CA   C  N S 193 
LYS C    C  N N 194 
LYS O    O  N N 195 
LYS CB   C  N N 196 
LYS CG   C  N N 197 
LYS CD   C  N N 198 
LYS CE   C  N N 199 
LYS NZ   N  N N 200 
LYS OXT  O  N N 201 
LYS H    H  N N 202 
LYS H2   H  N N 203 
LYS HA   H  N N 204 
LYS HB2  H  N N 205 
LYS HB3  H  N N 206 
LYS HG2  H  N N 207 
LYS HG3  H  N N 208 
LYS HD2  H  N N 209 
LYS HD3  H  N N 210 
LYS HE2  H  N N 211 
LYS HE3  H  N N 212 
LYS HZ1  H  N N 213 
LYS HZ2  H  N N 214 
LYS HZ3  H  N N 215 
LYS HXT  H  N N 216 
MET N    N  N N 217 
MET CA   C  N S 218 
MET C    C  N N 219 
MET O    O  N N 220 
MET CB   C  N N 221 
MET CG   C  N N 222 
MET SD   S  N N 223 
MET CE   C  N N 224 
MET OXT  O  N N 225 
MET H    H  N N 226 
MET H2   H  N N 227 
MET HA   H  N N 228 
MET HB2  H  N N 229 
MET HB3  H  N N 230 
MET HG2  H  N N 231 
MET HG3  H  N N 232 
MET HE1  H  N N 233 
MET HE2  H  N N 234 
MET HE3  H  N N 235 
MET HXT  H  N N 236 
PHE N    N  N N 237 
PHE CA   C  N S 238 
PHE C    C  N N 239 
PHE O    O  N N 240 
PHE CB   C  N N 241 
PHE CG   C  Y N 242 
PHE CD1  C  Y N 243 
PHE CD2  C  Y N 244 
PHE CE1  C  Y N 245 
PHE CE2  C  Y N 246 
PHE CZ   C  Y N 247 
PHE OXT  O  N N 248 
PHE H    H  N N 249 
PHE H2   H  N N 250 
PHE HA   H  N N 251 
PHE HB2  H  N N 252 
PHE HB3  H  N N 253 
PHE HD1  H  N N 254 
PHE HD2  H  N N 255 
PHE HE1  H  N N 256 
PHE HE2  H  N N 257 
PHE HZ   H  N N 258 
PHE HXT  H  N N 259 
PRO N    N  N N 260 
PRO CA   C  N S 261 
PRO C    C  N N 262 
PRO O    O  N N 263 
PRO CB   C  N N 264 
PRO CG   C  N N 265 
PRO CD   C  N N 266 
PRO OXT  O  N N 267 
PRO H    H  N N 268 
PRO HA   H  N N 269 
PRO HB2  H  N N 270 
PRO HB3  H  N N 271 
PRO HG2  H  N N 272 
PRO HG3  H  N N 273 
PRO HD2  H  N N 274 
PRO HD3  H  N N 275 
PRO HXT  H  N N 276 
SER N    N  N N 277 
SER CA   C  N S 278 
SER C    C  N N 279 
SER O    O  N N 280 
SER CB   C  N N 281 
SER OG   O  N N 282 
SER OXT  O  N N 283 
SER H    H  N N 284 
SER H2   H  N N 285 
SER HA   H  N N 286 
SER HB2  H  N N 287 
SER HB3  H  N N 288 
SER HG   H  N N 289 
SER HXT  H  N N 290 
THR N    N  N N 291 
THR CA   C  N S 292 
THR C    C  N N 293 
THR O    O  N N 294 
THR CB   C  N R 295 
THR OG1  O  N N 296 
THR CG2  C  N N 297 
THR OXT  O  N N 298 
THR H    H  N N 299 
THR H2   H  N N 300 
THR HA   H  N N 301 
THR HB   H  N N 302 
THR HG1  H  N N 303 
THR HG21 H  N N 304 
THR HG22 H  N N 305 
THR HG23 H  N N 306 
THR HXT  H  N N 307 
TRP N    N  N N 308 
TRP CA   C  N S 309 
TRP C    C  N N 310 
TRP O    O  N N 311 
TRP CB   C  N N 312 
TRP CG   C  Y N 313 
TRP CD1  C  Y N 314 
TRP CD2  C  Y N 315 
TRP NE1  N  Y N 316 
TRP CE2  C  Y N 317 
TRP CE3  C  Y N 318 
TRP CZ2  C  Y N 319 
TRP CZ3  C  Y N 320 
TRP CH2  C  Y N 321 
TRP OXT  O  N N 322 
TRP H    H  N N 323 
TRP H2   H  N N 324 
TRP HA   H  N N 325 
TRP HB2  H  N N 326 
TRP HB3  H  N N 327 
TRP HD1  H  N N 328 
TRP HE1  H  N N 329 
TRP HE3  H  N N 330 
TRP HZ2  H  N N 331 
TRP HZ3  H  N N 332 
TRP HH2  H  N N 333 
TRP HXT  H  N N 334 
TYR N    N  N N 335 
TYR CA   C  N S 336 
TYR C    C  N N 337 
TYR O    O  N N 338 
TYR CB   C  N N 339 
TYR CG   C  Y N 340 
TYR CD1  C  Y N 341 
TYR CD2  C  Y N 342 
TYR CE1  C  Y N 343 
TYR CE2  C  Y N 344 
TYR CZ   C  Y N 345 
TYR OH   O  N N 346 
TYR OXT  O  N N 347 
TYR H    H  N N 348 
TYR H2   H  N N 349 
TYR HA   H  N N 350 
TYR HB2  H  N N 351 
TYR HB3  H  N N 352 
TYR HD1  H  N N 353 
TYR HD2  H  N N 354 
TYR HE1  H  N N 355 
TYR HE2  H  N N 356 
TYR HH   H  N N 357 
TYR HXT  H  N N 358 
VAL N    N  N N 359 
VAL CA   C  N S 360 
VAL C    C  N N 361 
VAL O    O  N N 362 
VAL CB   C  N N 363 
VAL CG1  C  N N 364 
VAL CG2  C  N N 365 
VAL OXT  O  N N 366 
VAL H    H  N N 367 
VAL H2   H  N N 368 
VAL HA   H  N N 369 
VAL HB   H  N N 370 
VAL HG11 H  N N 371 
VAL HG12 H  N N 372 
VAL HG13 H  N N 373 
VAL HG21 H  N N 374 
VAL HG22 H  N N 375 
VAL HG23 H  N N 376 
VAL HXT  H  N N 377 
XYP O1   O  N N 378 
XYP C1   C  N R 379 
XYP C2   C  N R 380 
XYP C3   C  N S 381 
XYP C4   C  N R 382 
XYP C5   C  N N 383 
XYP O2   O  N N 384 
XYP O3   O  N N 385 
XYP O4   O  N N 386 
XYP O5   O  N N 387 
XYP HO1  H  N N 388 
XYP H1   H  N N 389 
XYP H2   H  N N 390 
XYP H3   H  N N 391 
XYP H4   H  N N 392 
XYP H51  H  N N 393 
XYP H52  H  N N 394 
XYP HO2  H  N N 395 
XYP HO3  H  N N 396 
XYP HO4  H  N N 397 
# 
loop_
_chem_comp_bond.comp_id 
_chem_comp_bond.atom_id_1 
_chem_comp_bond.atom_id_2 
_chem_comp_bond.value_order 
_chem_comp_bond.pdbx_aromatic_flag 
_chem_comp_bond.pdbx_stereo_config 
_chem_comp_bond.pdbx_ordinal 
ALA N   CA   sing N N 1   
ALA N   H    sing N N 2   
ALA N   H2   sing N N 3   
ALA CA  C    sing N N 4   
ALA CA  CB   sing N N 5   
ALA CA  HA   sing N N 6   
ALA C   O    doub N N 7   
ALA C   OXT  sing N N 8   
ALA CB  HB1  sing N N 9   
ALA CB  HB2  sing N N 10  
ALA CB  HB3  sing N N 11  
ALA OXT HXT  sing N N 12  
ARG N   CA   sing N N 13  
ARG N   H    sing N N 14  
ARG N   H2   sing N N 15  
ARG CA  C    sing N N 16  
ARG CA  CB   sing N N 17  
ARG CA  HA   sing N N 18  
ARG C   O    doub N N 19  
ARG C   OXT  sing N N 20  
ARG CB  CG   sing N N 21  
ARG CB  HB2  sing N N 22  
ARG CB  HB3  sing N N 23  
ARG CG  CD   sing N N 24  
ARG CG  HG2  sing N N 25  
ARG CG  HG3  sing N N 26  
ARG CD  NE   sing N N 27  
ARG CD  HD2  sing N N 28  
ARG CD  HD3  sing N N 29  
ARG NE  CZ   sing N N 30  
ARG NE  HE   sing N N 31  
ARG CZ  NH1  sing N N 32  
ARG CZ  NH2  doub N N 33  
ARG NH1 HH11 sing N N 34  
ARG NH1 HH12 sing N N 35  
ARG NH2 HH21 sing N N 36  
ARG NH2 HH22 sing N N 37  
ARG OXT HXT  sing N N 38  
ASN N   CA   sing N N 39  
ASN N   H    sing N N 40  
ASN N   H2   sing N N 41  
ASN CA  C    sing N N 42  
ASN CA  CB   sing N N 43  
ASN CA  HA   sing N N 44  
ASN C   O    doub N N 45  
ASN C   OXT  sing N N 46  
ASN CB  CG   sing N N 47  
ASN CB  HB2  sing N N 48  
ASN CB  HB3  sing N N 49  
ASN CG  OD1  doub N N 50  
ASN CG  ND2  sing N N 51  
ASN ND2 HD21 sing N N 52  
ASN ND2 HD22 sing N N 53  
ASN OXT HXT  sing N N 54  
ASP N   CA   sing N N 55  
ASP N   H    sing N N 56  
ASP N   H2   sing N N 57  
ASP CA  C    sing N N 58  
ASP CA  CB   sing N N 59  
ASP CA  HA   sing N N 60  
ASP C   O    doub N N 61  
ASP C   OXT  sing N N 62  
ASP CB  CG   sing N N 63  
ASP CB  HB2  sing N N 64  
ASP CB  HB3  sing N N 65  
ASP CG  OD1  doub N N 66  
ASP CG  OD2  sing N N 67  
ASP OD2 HD2  sing N N 68  
ASP OXT HXT  sing N N 69  
GLN N   CA   sing N N 70  
GLN N   H    sing N N 71  
GLN N   H2   sing N N 72  
GLN CA  C    sing N N 73  
GLN CA  CB   sing N N 74  
GLN CA  HA   sing N N 75  
GLN C   O    doub N N 76  
GLN C   OXT  sing N N 77  
GLN CB  CG   sing N N 78  
GLN CB  HB2  sing N N 79  
GLN CB  HB3  sing N N 80  
GLN CG  CD   sing N N 81  
GLN CG  HG2  sing N N 82  
GLN CG  HG3  sing N N 83  
GLN CD  OE1  doub N N 84  
GLN CD  NE2  sing N N 85  
GLN NE2 HE21 sing N N 86  
GLN NE2 HE22 sing N N 87  
GLN OXT HXT  sing N N 88  
GLU N   CA   sing N N 89  
GLU N   H    sing N N 90  
GLU N   H2   sing N N 91  
GLU CA  C    sing N N 92  
GLU CA  CB   sing N N 93  
GLU CA  HA   sing N N 94  
GLU C   O    doub N N 95  
GLU C   OXT  sing N N 96  
GLU CB  CG   sing N N 97  
GLU CB  HB2  sing N N 98  
GLU CB  HB3  sing N N 99  
GLU CG  CD   sing N N 100 
GLU CG  HG2  sing N N 101 
GLU CG  HG3  sing N N 102 
GLU CD  OE1  doub N N 103 
GLU CD  OE2  sing N N 104 
GLU OE2 HE2  sing N N 105 
GLU OXT HXT  sing N N 106 
GLY N   CA   sing N N 107 
GLY N   H    sing N N 108 
GLY N   H2   sing N N 109 
GLY CA  C    sing N N 110 
GLY CA  HA2  sing N N 111 
GLY CA  HA3  sing N N 112 
GLY C   O    doub N N 113 
GLY C   OXT  sing N N 114 
GLY OXT HXT  sing N N 115 
HIS N   CA   sing N N 116 
HIS N   H    sing N N 117 
HIS N   H2   sing N N 118 
HIS CA  C    sing N N 119 
HIS CA  CB   sing N N 120 
HIS CA  HA   sing N N 121 
HIS C   O    doub N N 122 
HIS C   OXT  sing N N 123 
HIS CB  CG   sing N N 124 
HIS CB  HB2  sing N N 125 
HIS CB  HB3  sing N N 126 
HIS CG  ND1  sing Y N 127 
HIS CG  CD2  doub Y N 128 
HIS ND1 CE1  doub Y N 129 
HIS ND1 HD1  sing N N 130 
HIS CD2 NE2  sing Y N 131 
HIS CD2 HD2  sing N N 132 
HIS CE1 NE2  sing Y N 133 
HIS CE1 HE1  sing N N 134 
HIS NE2 HE2  sing N N 135 
HIS OXT HXT  sing N N 136 
HOH O   H1   sing N N 137 
HOH O   H2   sing N N 138 
ILE N   CA   sing N N 139 
ILE N   H    sing N N 140 
ILE N   H2   sing N N 141 
ILE CA  C    sing N N 142 
ILE CA  CB   sing N N 143 
ILE CA  HA   sing N N 144 
ILE C   O    doub N N 145 
ILE C   OXT  sing N N 146 
ILE CB  CG1  sing N N 147 
ILE CB  CG2  sing N N 148 
ILE CB  HB   sing N N 149 
ILE CG1 CD1  sing N N 150 
ILE CG1 HG12 sing N N 151 
ILE CG1 HG13 sing N N 152 
ILE CG2 HG21 sing N N 153 
ILE CG2 HG22 sing N N 154 
ILE CG2 HG23 sing N N 155 
ILE CD1 HD11 sing N N 156 
ILE CD1 HD12 sing N N 157 
ILE CD1 HD13 sing N N 158 
ILE OXT HXT  sing N N 159 
LEU N   CA   sing N N 160 
LEU N   H    sing N N 161 
LEU N   H2   sing N N 162 
LEU CA  C    sing N N 163 
LEU CA  CB   sing N N 164 
LEU CA  HA   sing N N 165 
LEU C   O    doub N N 166 
LEU C   OXT  sing N N 167 
LEU CB  CG   sing N N 168 
LEU CB  HB2  sing N N 169 
LEU CB  HB3  sing N N 170 
LEU CG  CD1  sing N N 171 
LEU CG  CD2  sing N N 172 
LEU CG  HG   sing N N 173 
LEU CD1 HD11 sing N N 174 
LEU CD1 HD12 sing N N 175 
LEU CD1 HD13 sing N N 176 
LEU CD2 HD21 sing N N 177 
LEU CD2 HD22 sing N N 178 
LEU CD2 HD23 sing N N 179 
LEU OXT HXT  sing N N 180 
LYS N   CA   sing N N 181 
LYS N   H    sing N N 182 
LYS N   H2   sing N N 183 
LYS CA  C    sing N N 184 
LYS CA  CB   sing N N 185 
LYS CA  HA   sing N N 186 
LYS C   O    doub N N 187 
LYS C   OXT  sing N N 188 
LYS CB  CG   sing N N 189 
LYS CB  HB2  sing N N 190 
LYS CB  HB3  sing N N 191 
LYS CG  CD   sing N N 192 
LYS CG  HG2  sing N N 193 
LYS CG  HG3  sing N N 194 
LYS CD  CE   sing N N 195 
LYS CD  HD2  sing N N 196 
LYS CD  HD3  sing N N 197 
LYS CE  NZ   sing N N 198 
LYS CE  HE2  sing N N 199 
LYS CE  HE3  sing N N 200 
LYS NZ  HZ1  sing N N 201 
LYS NZ  HZ2  sing N N 202 
LYS NZ  HZ3  sing N N 203 
LYS OXT HXT  sing N N 204 
MET N   CA   sing N N 205 
MET N   H    sing N N 206 
MET N   H2   sing N N 207 
MET CA  C    sing N N 208 
MET CA  CB   sing N N 209 
MET CA  HA   sing N N 210 
MET C   O    doub N N 211 
MET C   OXT  sing N N 212 
MET CB  CG   sing N N 213 
MET CB  HB2  sing N N 214 
MET CB  HB3  sing N N 215 
MET CG  SD   sing N N 216 
MET CG  HG2  sing N N 217 
MET CG  HG3  sing N N 218 
MET SD  CE   sing N N 219 
MET CE  HE1  sing N N 220 
MET CE  HE2  sing N N 221 
MET CE  HE3  sing N N 222 
MET OXT HXT  sing N N 223 
PHE N   CA   sing N N 224 
PHE N   H    sing N N 225 
PHE N   H2   sing N N 226 
PHE CA  C    sing N N 227 
PHE CA  CB   sing N N 228 
PHE CA  HA   sing N N 229 
PHE C   O    doub N N 230 
PHE C   OXT  sing N N 231 
PHE CB  CG   sing N N 232 
PHE CB  HB2  sing N N 233 
PHE CB  HB3  sing N N 234 
PHE CG  CD1  doub Y N 235 
PHE CG  CD2  sing Y N 236 
PHE CD1 CE1  sing Y N 237 
PHE CD1 HD1  sing N N 238 
PHE CD2 CE2  doub Y N 239 
PHE CD2 HD2  sing N N 240 
PHE CE1 CZ   doub Y N 241 
PHE CE1 HE1  sing N N 242 
PHE CE2 CZ   sing Y N 243 
PHE CE2 HE2  sing N N 244 
PHE CZ  HZ   sing N N 245 
PHE OXT HXT  sing N N 246 
PRO N   CA   sing N N 247 
PRO N   CD   sing N N 248 
PRO N   H    sing N N 249 
PRO CA  C    sing N N 250 
PRO CA  CB   sing N N 251 
PRO CA  HA   sing N N 252 
PRO C   O    doub N N 253 
PRO C   OXT  sing N N 254 
PRO CB  CG   sing N N 255 
PRO CB  HB2  sing N N 256 
PRO CB  HB3  sing N N 257 
PRO CG  CD   sing N N 258 
PRO CG  HG2  sing N N 259 
PRO CG  HG3  sing N N 260 
PRO CD  HD2  sing N N 261 
PRO CD  HD3  sing N N 262 
PRO OXT HXT  sing N N 263 
SER N   CA   sing N N 264 
SER N   H    sing N N 265 
SER N   H2   sing N N 266 
SER CA  C    sing N N 267 
SER CA  CB   sing N N 268 
SER CA  HA   sing N N 269 
SER C   O    doub N N 270 
SER C   OXT  sing N N 271 
SER CB  OG   sing N N 272 
SER CB  HB2  sing N N 273 
SER CB  HB3  sing N N 274 
SER OG  HG   sing N N 275 
SER OXT HXT  sing N N 276 
THR N   CA   sing N N 277 
THR N   H    sing N N 278 
THR N   H2   sing N N 279 
THR CA  C    sing N N 280 
THR CA  CB   sing N N 281 
THR CA  HA   sing N N 282 
THR C   O    doub N N 283 
THR C   OXT  sing N N 284 
THR CB  OG1  sing N N 285 
THR CB  CG2  sing N N 286 
THR CB  HB   sing N N 287 
THR OG1 HG1  sing N N 288 
THR CG2 HG21 sing N N 289 
THR CG2 HG22 sing N N 290 
THR CG2 HG23 sing N N 291 
THR OXT HXT  sing N N 292 
TRP N   CA   sing N N 293 
TRP N   H    sing N N 294 
TRP N   H2   sing N N 295 
TRP CA  C    sing N N 296 
TRP CA  CB   sing N N 297 
TRP CA  HA   sing N N 298 
TRP C   O    doub N N 299 
TRP C   OXT  sing N N 300 
TRP CB  CG   sing N N 301 
TRP CB  HB2  sing N N 302 
TRP CB  HB3  sing N N 303 
TRP CG  CD1  doub Y N 304 
TRP CG  CD2  sing Y N 305 
TRP CD1 NE1  sing Y N 306 
TRP CD1 HD1  sing N N 307 
TRP CD2 CE2  doub Y N 308 
TRP CD2 CE3  sing Y N 309 
TRP NE1 CE2  sing Y N 310 
TRP NE1 HE1  sing N N 311 
TRP CE2 CZ2  sing Y N 312 
TRP CE3 CZ3  doub Y N 313 
TRP CE3 HE3  sing N N 314 
TRP CZ2 CH2  doub Y N 315 
TRP CZ2 HZ2  sing N N 316 
TRP CZ3 CH2  sing Y N 317 
TRP CZ3 HZ3  sing N N 318 
TRP CH2 HH2  sing N N 319 
TRP OXT HXT  sing N N 320 
TYR N   CA   sing N N 321 
TYR N   H    sing N N 322 
TYR N   H2   sing N N 323 
TYR CA  C    sing N N 324 
TYR CA  CB   sing N N 325 
TYR CA  HA   sing N N 326 
TYR C   O    doub N N 327 
TYR C   OXT  sing N N 328 
TYR CB  CG   sing N N 329 
TYR CB  HB2  sing N N 330 
TYR CB  HB3  sing N N 331 
TYR CG  CD1  doub Y N 332 
TYR CG  CD2  sing Y N 333 
TYR CD1 CE1  sing Y N 334 
TYR CD1 HD1  sing N N 335 
TYR CD2 CE2  doub Y N 336 
TYR CD2 HD2  sing N N 337 
TYR CE1 CZ   doub Y N 338 
TYR CE1 HE1  sing N N 339 
TYR CE2 CZ   sing Y N 340 
TYR CE2 HE2  sing N N 341 
TYR CZ  OH   sing N N 342 
TYR OH  HH   sing N N 343 
TYR OXT HXT  sing N N 344 
VAL N   CA   sing N N 345 
VAL N   H    sing N N 346 
VAL N   H2   sing N N 347 
VAL CA  C    sing N N 348 
VAL CA  CB   sing N N 349 
VAL CA  HA   sing N N 350 
VAL C   O    doub N N 351 
VAL C   OXT  sing N N 352 
VAL CB  CG1  sing N N 353 
VAL CB  CG2  sing N N 354 
VAL CB  HB   sing N N 355 
VAL CG1 HG11 sing N N 356 
VAL CG1 HG12 sing N N 357 
VAL CG1 HG13 sing N N 358 
VAL CG2 HG21 sing N N 359 
VAL CG2 HG22 sing N N 360 
VAL CG2 HG23 sing N N 361 
VAL OXT HXT  sing N N 362 
XYP O1  C1   sing N N 363 
XYP O1  HO1  sing N N 364 
XYP C1  C2   sing N N 365 
XYP C1  O5   sing N N 366 
XYP C1  H1   sing N N 367 
XYP C2  C3   sing N N 368 
XYP C2  O2   sing N N 369 
XYP C2  H2   sing N N 370 
XYP C3  C4   sing N N 371 
XYP C3  O3   sing N N 372 
XYP C3  H3   sing N N 373 
XYP C4  C5   sing N N 374 
XYP C4  O4   sing N N 375 
XYP C4  H4   sing N N 376 
XYP C5  O5   sing N N 377 
XYP C5  H51  sing N N 378 
XYP C5  H52  sing N N 379 
XYP O2  HO2  sing N N 380 
XYP O3  HO3  sing N N 381 
XYP O4  HO4  sing N N 382 
# 
loop_
_pdbx_branch_scheme.asym_id 
_pdbx_branch_scheme.entity_id 
_pdbx_branch_scheme.mon_id 
_pdbx_branch_scheme.num 
_pdbx_branch_scheme.pdb_asym_id 
_pdbx_branch_scheme.pdb_mon_id 
_pdbx_branch_scheme.pdb_seq_num 
_pdbx_branch_scheme.auth_asym_id 
_pdbx_branch_scheme.auth_mon_id 
_pdbx_branch_scheme.auth_seq_num 
_pdbx_branch_scheme.hetero 
B 2 XYP 1 B XYP 1 V XYS 802 n 
B 2 XYP 2 B XYP 2 V XYS 801 n 
B 2 XYP 3 B XYP 3 V XYS 800 n 
# 
loop_
_pdbx_chem_comp_identifier.comp_id 
_pdbx_chem_comp_identifier.type 
_pdbx_chem_comp_identifier.program 
_pdbx_chem_comp_identifier.program_version 
_pdbx_chem_comp_identifier.identifier 
XYP 'CONDENSED IUPAC CARBOHYDRATE SYMBOL' GMML     1.0 DXylpb           
XYP 'COMMON NAME'                         GMML     1.0 b-D-xylopyranose 
XYP 'IUPAC CARBOHYDRATE SYMBOL'           PDB-CARE 1.0 b-D-Xylp         
XYP 'SNFG CARBOHYDRATE SYMBOL'            GMML     1.0 Xyl              
# 
_pdbx_entity_branch.entity_id   2 
_pdbx_entity_branch.type        oligosaccharide 
# 
loop_
_pdbx_entity_branch_descriptor.ordinal 
_pdbx_entity_branch_descriptor.entity_id 
_pdbx_entity_branch_descriptor.descriptor 
_pdbx_entity_branch_descriptor.type 
_pdbx_entity_branch_descriptor.program 
_pdbx_entity_branch_descriptor.program_version 
1 2 DXylpb1-4DXylpb1-4DXylpb1-ROH                          'Glycam Condensed Sequence' GMML       1.0   
2 2 'WURCS=2.0/1,3,2/[a212h-1b_1-5]/1-1-1/a4-b1_b4-c1'     WURCS                       PDB2Glycan 1.1.0 
3 2 '[][b-D-Xylp]{[(4+1)][b-D-Xylp]{[(4+1)][b-D-Xylp]{}}}' LINUCS                      PDB-CARE   ?     
# 
loop_
_pdbx_entity_branch_link.link_id 
_pdbx_entity_branch_link.entity_id 
_pdbx_entity_branch_link.entity_branch_list_num_1 
_pdbx_entity_branch_link.comp_id_1 
_pdbx_entity_branch_link.atom_id_1 
_pdbx_entity_branch_link.leaving_atom_id_1 
_pdbx_entity_branch_link.entity_branch_list_num_2 
_pdbx_entity_branch_link.comp_id_2 
_pdbx_entity_branch_link.atom_id_2 
_pdbx_entity_branch_link.leaving_atom_id_2 
_pdbx_entity_branch_link.value_order 
_pdbx_entity_branch_link.details 
1 2 2 XYP C1 O1 1 XYP O4 HO4 sing ? 
2 2 3 XYP C1 O1 2 XYP O4 HO4 sing ? 
# 
loop_
_pdbx_entity_branch_list.entity_id 
_pdbx_entity_branch_list.comp_id 
_pdbx_entity_branch_list.num 
_pdbx_entity_branch_list.hetero 
2 XYP 1 n 
2 XYP 2 n 
2 XYP 3 n 
# 
loop_
_pdbx_entity_nonpoly.entity_id 
_pdbx_entity_nonpoly.name 
_pdbx_entity_nonpoly.comp_id 
3 'CALCIUM ION' CA  
4 water         HOH 
# 
_pdbx_initial_refinement_model.id               1 
_pdbx_initial_refinement_model.entity_id_list   ? 
_pdbx_initial_refinement_model.type             'experimental model' 
_pdbx_initial_refinement_model.source_name      PDB 
_pdbx_initial_refinement_model.accession_code   1GMM 
_pdbx_initial_refinement_model.details          ? 
# 
